data_3E2I
# 
_entry.id   3E2I 
# 
_audit_conform.dict_name       mmcif_pdbx.dic 
_audit_conform.dict_version    5.399 
_audit_conform.dict_location   http://mmcif.pdb.org/dictionaries/ascii/mmcif_pdbx.dic 
# 
loop_
_database_2.database_id 
_database_2.database_code 
_database_2.pdbx_database_accession 
_database_2.pdbx_DOI 
PDB   3E2I         pdb_00003e2i 10.2210/pdb3e2i/pdb 
RCSB  RCSB048792   ?            ?                   
WWPDB D_1000048792 ?            ?                   
# 
loop_
_pdbx_audit_revision_history.ordinal 
_pdbx_audit_revision_history.data_content_type 
_pdbx_audit_revision_history.major_revision 
_pdbx_audit_revision_history.minor_revision 
_pdbx_audit_revision_history.revision_date 
1 'Structure model' 1 0 2009-08-11 
2 'Structure model' 1 1 2011-07-13 
3 'Structure model' 1 2 2017-10-25 
4 'Structure model' 1 3 2024-11-20 
# 
_pdbx_audit_revision_details.ordinal             1 
_pdbx_audit_revision_details.revision_ordinal    1 
_pdbx_audit_revision_details.data_content_type   'Structure model' 
_pdbx_audit_revision_details.provider            repository 
_pdbx_audit_revision_details.type                'Initial release' 
_pdbx_audit_revision_details.description         ? 
_pdbx_audit_revision_details.details             ? 
# 
loop_
_pdbx_audit_revision_group.ordinal 
_pdbx_audit_revision_group.revision_ordinal 
_pdbx_audit_revision_group.data_content_type 
_pdbx_audit_revision_group.group 
1 2 'Structure model' Advisory                    
2 2 'Structure model' 'Version format compliance' 
3 3 'Structure model' 'Refinement description'    
4 4 'Structure model' 'Data collection'           
5 4 'Structure model' 'Database references'       
6 4 'Structure model' 'Derived calculations'      
7 4 'Structure model' 'Structure summary'         
# 
loop_
_pdbx_audit_revision_category.ordinal 
_pdbx_audit_revision_category.revision_ordinal 
_pdbx_audit_revision_category.data_content_type 
_pdbx_audit_revision_category.category 
1 3 'Structure model' software                  
2 4 'Structure model' chem_comp_atom            
3 4 'Structure model' chem_comp_bond            
4 4 'Structure model' database_2                
5 4 'Structure model' pdbx_entry_details        
6 4 'Structure model' pdbx_modification_feature 
7 4 'Structure model' struct_conn               
8 4 'Structure model' struct_ref_seq_dif        
9 4 'Structure model' struct_site               
# 
loop_
_pdbx_audit_revision_item.ordinal 
_pdbx_audit_revision_item.revision_ordinal 
_pdbx_audit_revision_item.data_content_type 
_pdbx_audit_revision_item.item 
1 4 'Structure model' '_database_2.pdbx_DOI'                
2 4 'Structure model' '_database_2.pdbx_database_accession' 
3 4 'Structure model' '_struct_conn.pdbx_leaving_atom_flag' 
4 4 'Structure model' '_struct_ref_seq_dif.details'         
5 4 'Structure model' '_struct_site.pdbx_auth_asym_id'      
6 4 'Structure model' '_struct_site.pdbx_auth_comp_id'      
7 4 'Structure model' '_struct_site.pdbx_auth_seq_id'       
# 
_pdbx_database_status.entry_id                        3E2I 
_pdbx_database_status.deposit_site                    RCSB 
_pdbx_database_status.process_site                    RCSB 
_pdbx_database_status.recvd_initial_deposition_date   2008-08-05 
_pdbx_database_status.status_code                     REL 
_pdbx_database_status.status_code_sf                  REL 
_pdbx_database_status.status_code_mr                  ? 
_pdbx_database_status.SG_entry                        ? 
_pdbx_database_status.pdb_format_compatible           Y 
_pdbx_database_status.status_code_cs                  ? 
_pdbx_database_status.methods_development_category    ? 
_pdbx_database_status.status_code_nmr_data            ? 
# 
loop_
_audit_author.name 
_audit_author.pdbx_ordinal 
'Lam, R.'         1 
'Johns, K.'       2 
'Battaile, K.P.'  3 
'Romanov, V.'     4 
'Lam, K.'         5 
'Pai, E.F.'       6 
'Chirgadze, N.Y.' 7 
# 
_citation.id                        primary 
_citation.title                     'Crystal structure of Thymidine Kinase from S. aureus' 
_citation.journal_abbrev            'To be Published' 
_citation.journal_volume            ? 
_citation.page_first                ? 
_citation.page_last                 ? 
_citation.year                      ? 
_citation.journal_id_ASTM           ? 
_citation.country                   ? 
_citation.journal_id_ISSN           ? 
_citation.journal_id_CSD            0353 
_citation.book_publisher            ? 
_citation.pdbx_database_id_PubMed   ? 
_citation.pdbx_database_id_DOI      ? 
# 
loop_
_citation_author.citation_id 
_citation_author.name 
_citation_author.ordinal 
_citation_author.identifier_ORCID 
primary 'Lam, R.'         1 ? 
primary 'Johns, K.'       2 ? 
primary 'Battaile, K.P.'  3 ? 
primary 'Romanov, V.'     4 ? 
primary 'Lam, K.'         5 ? 
primary 'Pai, E.F.'       6 ? 
primary 'Chirgadze, N.Y.' 7 ? 
# 
loop_
_entity.id 
_entity.type 
_entity.src_method 
_entity.pdbx_description 
_entity.formula_weight 
_entity.pdbx_number_of_molecules 
_entity.pdbx_ec 
_entity.pdbx_mutation 
_entity.pdbx_fragment 
_entity.details 
1 polymer     man 'Thymidine kinase' 24745.010 1  2.7.1.21 ? ? ? 
2 non-polymer syn 'ZINC ION'         65.409    1  ?        ? ? ? 
3 non-polymer syn GLYCEROL           92.094    1  ?        ? ? ? 
4 water       nat water              18.015    58 ?        ? ? ? 
# 
_entity_poly.entity_id                      1 
_entity_poly.type                           'polypeptide(L)' 
_entity_poly.nstd_linkage                   no 
_entity_poly.nstd_monomer                   yes 
_entity_poly.pdbx_seq_one_letter_code       
;(MSE)GSSHHHHHHSSGLVPRGSH(MSE)YETYHSGWIECITGS(MSE)FSGKSEELIRRLRRGIYAKQKVVVFKPAIDD
RYHKEKVVSHNGNAIEAINISKASEI(MSE)THDLTNVDVIGIDEVQFFDDEIVSIVEKLSADGHRVIVAGLD(MSE)DF
RGEPFEP(MSE)PKL(MSE)AVSEQVTKLQAVCAVCGSSSSRTQRLINGKPAKIDDPIILVGANESYEPRCRAHHIVAPS
DNNKEEL
;
_entity_poly.pdbx_seq_one_letter_code_can   
;MGSSHHHHHHSSGLVPRGSHMYETYHSGWIECITGSMFSGKSEELIRRLRRGIYAKQKVVVFKPAIDDRYHKEKVVSHNG
NAIEAINISKASEIMTHDLTNVDVIGIDEVQFFDDEIVSIVEKLSADGHRVIVAGLDMDFRGEPFEPMPKLMAVSEQVTK
LQAVCAVCGSSSSRTQRLINGKPAKIDDPIILVGANESYEPRCRAHHIVAPSDNNKEEL
;
_entity_poly.pdbx_strand_id                 A 
_entity_poly.pdbx_target_identifier         ? 
# 
loop_
_pdbx_entity_nonpoly.entity_id 
_pdbx_entity_nonpoly.name 
_pdbx_entity_nonpoly.comp_id 
2 'ZINC ION' ZN  
3 GLYCEROL   GOL 
4 water      HOH 
# 
loop_
_entity_poly_seq.entity_id 
_entity_poly_seq.num 
_entity_poly_seq.mon_id 
_entity_poly_seq.hetero 
1 1   MSE n 
1 2   GLY n 
1 3   SER n 
1 4   SER n 
1 5   HIS n 
1 6   HIS n 
1 7   HIS n 
1 8   HIS n 
1 9   HIS n 
1 10  HIS n 
1 11  SER n 
1 12  SER n 
1 13  GLY n 
1 14  LEU n 
1 15  VAL n 
1 16  PRO n 
1 17  ARG n 
1 18  GLY n 
1 19  SER n 
1 20  HIS n 
1 21  MSE n 
1 22  TYR n 
1 23  GLU n 
1 24  THR n 
1 25  TYR n 
1 26  HIS n 
1 27  SER n 
1 28  GLY n 
1 29  TRP n 
1 30  ILE n 
1 31  GLU n 
1 32  CYS n 
1 33  ILE n 
1 34  THR n 
1 35  GLY n 
1 36  SER n 
1 37  MSE n 
1 38  PHE n 
1 39  SER n 
1 40  GLY n 
1 41  LYS n 
1 42  SER n 
1 43  GLU n 
1 44  GLU n 
1 45  LEU n 
1 46  ILE n 
1 47  ARG n 
1 48  ARG n 
1 49  LEU n 
1 50  ARG n 
1 51  ARG n 
1 52  GLY n 
1 53  ILE n 
1 54  TYR n 
1 55  ALA n 
1 56  LYS n 
1 57  GLN n 
1 58  LYS n 
1 59  VAL n 
1 60  VAL n 
1 61  VAL n 
1 62  PHE n 
1 63  LYS n 
1 64  PRO n 
1 65  ALA n 
1 66  ILE n 
1 67  ASP n 
1 68  ASP n 
1 69  ARG n 
1 70  TYR n 
1 71  HIS n 
1 72  LYS n 
1 73  GLU n 
1 74  LYS n 
1 75  VAL n 
1 76  VAL n 
1 77  SER n 
1 78  HIS n 
1 79  ASN n 
1 80  GLY n 
1 81  ASN n 
1 82  ALA n 
1 83  ILE n 
1 84  GLU n 
1 85  ALA n 
1 86  ILE n 
1 87  ASN n 
1 88  ILE n 
1 89  SER n 
1 90  LYS n 
1 91  ALA n 
1 92  SER n 
1 93  GLU n 
1 94  ILE n 
1 95  MSE n 
1 96  THR n 
1 97  HIS n 
1 98  ASP n 
1 99  LEU n 
1 100 THR n 
1 101 ASN n 
1 102 VAL n 
1 103 ASP n 
1 104 VAL n 
1 105 ILE n 
1 106 GLY n 
1 107 ILE n 
1 108 ASP n 
1 109 GLU n 
1 110 VAL n 
1 111 GLN n 
1 112 PHE n 
1 113 PHE n 
1 114 ASP n 
1 115 ASP n 
1 116 GLU n 
1 117 ILE n 
1 118 VAL n 
1 119 SER n 
1 120 ILE n 
1 121 VAL n 
1 122 GLU n 
1 123 LYS n 
1 124 LEU n 
1 125 SER n 
1 126 ALA n 
1 127 ASP n 
1 128 GLY n 
1 129 HIS n 
1 130 ARG n 
1 131 VAL n 
1 132 ILE n 
1 133 VAL n 
1 134 ALA n 
1 135 GLY n 
1 136 LEU n 
1 137 ASP n 
1 138 MSE n 
1 139 ASP n 
1 140 PHE n 
1 141 ARG n 
1 142 GLY n 
1 143 GLU n 
1 144 PRO n 
1 145 PHE n 
1 146 GLU n 
1 147 PRO n 
1 148 MSE n 
1 149 PRO n 
1 150 LYS n 
1 151 LEU n 
1 152 MSE n 
1 153 ALA n 
1 154 VAL n 
1 155 SER n 
1 156 GLU n 
1 157 GLN n 
1 158 VAL n 
1 159 THR n 
1 160 LYS n 
1 161 LEU n 
1 162 GLN n 
1 163 ALA n 
1 164 VAL n 
1 165 CYS n 
1 166 ALA n 
1 167 VAL n 
1 168 CYS n 
1 169 GLY n 
1 170 SER n 
1 171 SER n 
1 172 SER n 
1 173 SER n 
1 174 ARG n 
1 175 THR n 
1 176 GLN n 
1 177 ARG n 
1 178 LEU n 
1 179 ILE n 
1 180 ASN n 
1 181 GLY n 
1 182 LYS n 
1 183 PRO n 
1 184 ALA n 
1 185 LYS n 
1 186 ILE n 
1 187 ASP n 
1 188 ASP n 
1 189 PRO n 
1 190 ILE n 
1 191 ILE n 
1 192 LEU n 
1 193 VAL n 
1 194 GLY n 
1 195 ALA n 
1 196 ASN n 
1 197 GLU n 
1 198 SER n 
1 199 TYR n 
1 200 GLU n 
1 201 PRO n 
1 202 ARG n 
1 203 CYS n 
1 204 ARG n 
1 205 ALA n 
1 206 HIS n 
1 207 HIS n 
1 208 ILE n 
1 209 VAL n 
1 210 ALA n 
1 211 PRO n 
1 212 SER n 
1 213 ASP n 
1 214 ASN n 
1 215 ASN n 
1 216 LYS n 
1 217 GLU n 
1 218 GLU n 
1 219 LEU n 
# 
_entity_src_gen.entity_id                          1 
_entity_src_gen.pdbx_src_id                        1 
_entity_src_gen.pdbx_alt_source_flag               sample 
_entity_src_gen.pdbx_seq_type                      ? 
_entity_src_gen.pdbx_beg_seq_num                   ? 
_entity_src_gen.pdbx_end_seq_num                   ? 
_entity_src_gen.gene_src_common_name               ? 
_entity_src_gen.gene_src_genus                     ? 
_entity_src_gen.pdbx_gene_src_gene                 tdk 
_entity_src_gen.gene_src_species                   ? 
_entity_src_gen.gene_src_strain                    ? 
_entity_src_gen.gene_src_tissue                    ? 
_entity_src_gen.gene_src_tissue_fraction           ? 
_entity_src_gen.gene_src_details                   ? 
_entity_src_gen.pdbx_gene_src_fragment             ? 
_entity_src_gen.pdbx_gene_src_scientific_name      'Staphylococcus aureus' 
_entity_src_gen.pdbx_gene_src_ncbi_taxonomy_id     1280 
_entity_src_gen.pdbx_gene_src_variant              ? 
_entity_src_gen.pdbx_gene_src_cell_line            ? 
_entity_src_gen.pdbx_gene_src_atcc                 ? 
_entity_src_gen.pdbx_gene_src_organ                ? 
_entity_src_gen.pdbx_gene_src_organelle            ? 
_entity_src_gen.pdbx_gene_src_cell                 ? 
_entity_src_gen.pdbx_gene_src_cellular_location    ? 
_entity_src_gen.host_org_common_name               ? 
_entity_src_gen.pdbx_host_org_scientific_name      'Escherichia coli' 
_entity_src_gen.pdbx_host_org_ncbi_taxonomy_id     562 
_entity_src_gen.host_org_genus                     ? 
_entity_src_gen.pdbx_host_org_gene                 ? 
_entity_src_gen.pdbx_host_org_organ                ? 
_entity_src_gen.host_org_species                   ? 
_entity_src_gen.pdbx_host_org_tissue               ? 
_entity_src_gen.pdbx_host_org_tissue_fraction      ? 
_entity_src_gen.pdbx_host_org_strain               'BL21(DE3)CodonPlus RIPL' 
_entity_src_gen.pdbx_host_org_variant              ? 
_entity_src_gen.pdbx_host_org_cell_line            ? 
_entity_src_gen.pdbx_host_org_atcc                 ? 
_entity_src_gen.pdbx_host_org_culture_collection   ? 
_entity_src_gen.pdbx_host_org_cell                 ? 
_entity_src_gen.pdbx_host_org_organelle            ? 
_entity_src_gen.pdbx_host_org_cellular_location    ? 
_entity_src_gen.pdbx_host_org_vector_type          PLASMID 
_entity_src_gen.pdbx_host_org_vector               ? 
_entity_src_gen.host_org_details                   ? 
_entity_src_gen.expression_system_id               ? 
_entity_src_gen.plasmid_name                       PET15B 
_entity_src_gen.plasmid_details                    ? 
_entity_src_gen.pdbx_description                   ? 
# 
loop_
_chem_comp.id 
_chem_comp.type 
_chem_comp.mon_nstd_flag 
_chem_comp.name 
_chem_comp.pdbx_synonyms 
_chem_comp.formula 
_chem_comp.formula_weight 
ALA 'L-peptide linking' y ALANINE          ?                               'C3 H7 N O2'     89.093  
ARG 'L-peptide linking' y ARGININE         ?                               'C6 H15 N4 O2 1' 175.209 
ASN 'L-peptide linking' y ASPARAGINE       ?                               'C4 H8 N2 O3'    132.118 
ASP 'L-peptide linking' y 'ASPARTIC ACID'  ?                               'C4 H7 N O4'     133.103 
CYS 'L-peptide linking' y CYSTEINE         ?                               'C3 H7 N O2 S'   121.158 
GLN 'L-peptide linking' y GLUTAMINE        ?                               'C5 H10 N2 O3'   146.144 
GLU 'L-peptide linking' y 'GLUTAMIC ACID'  ?                               'C5 H9 N O4'     147.129 
GLY 'peptide linking'   y GLYCINE          ?                               'C2 H5 N O2'     75.067  
GOL non-polymer         . GLYCEROL         'GLYCERIN; PROPANE-1,2,3-TRIOL' 'C3 H8 O3'       92.094  
HIS 'L-peptide linking' y HISTIDINE        ?                               'C6 H10 N3 O2 1' 156.162 
HOH non-polymer         . WATER            ?                               'H2 O'           18.015  
ILE 'L-peptide linking' y ISOLEUCINE       ?                               'C6 H13 N O2'    131.173 
LEU 'L-peptide linking' y LEUCINE          ?                               'C6 H13 N O2'    131.173 
LYS 'L-peptide linking' y LYSINE           ?                               'C6 H15 N2 O2 1' 147.195 
MSE 'L-peptide linking' n SELENOMETHIONINE ?                               'C5 H11 N O2 Se' 196.106 
PHE 'L-peptide linking' y PHENYLALANINE    ?                               'C9 H11 N O2'    165.189 
PRO 'L-peptide linking' y PROLINE          ?                               'C5 H9 N O2'     115.130 
SER 'L-peptide linking' y SERINE           ?                               'C3 H7 N O3'     105.093 
THR 'L-peptide linking' y THREONINE        ?                               'C4 H9 N O3'     119.119 
TRP 'L-peptide linking' y TRYPTOPHAN       ?                               'C11 H12 N2 O2'  204.225 
TYR 'L-peptide linking' y TYROSINE         ?                               'C9 H11 N O3'    181.189 
VAL 'L-peptide linking' y VALINE           ?                               'C5 H11 N O2'    117.146 
ZN  non-polymer         . 'ZINC ION'       ?                               'Zn 2'           65.409  
# 
loop_
_pdbx_poly_seq_scheme.asym_id 
_pdbx_poly_seq_scheme.entity_id 
_pdbx_poly_seq_scheme.seq_id 
_pdbx_poly_seq_scheme.mon_id 
_pdbx_poly_seq_scheme.ndb_seq_num 
_pdbx_poly_seq_scheme.pdb_seq_num 
_pdbx_poly_seq_scheme.auth_seq_num 
_pdbx_poly_seq_scheme.pdb_mon_id 
_pdbx_poly_seq_scheme.auth_mon_id 
_pdbx_poly_seq_scheme.pdb_strand_id 
_pdbx_poly_seq_scheme.pdb_ins_code 
_pdbx_poly_seq_scheme.hetero 
A 1 1   MSE 1   -19 ?   ?   ?   A . n 
A 1 2   GLY 2   -18 ?   ?   ?   A . n 
A 1 3   SER 3   -17 ?   ?   ?   A . n 
A 1 4   SER 4   -16 ?   ?   ?   A . n 
A 1 5   HIS 5   -15 ?   ?   ?   A . n 
A 1 6   HIS 6   -14 ?   ?   ?   A . n 
A 1 7   HIS 7   -13 ?   ?   ?   A . n 
A 1 8   HIS 8   -12 ?   ?   ?   A . n 
A 1 9   HIS 9   -11 ?   ?   ?   A . n 
A 1 10  HIS 10  -10 ?   ?   ?   A . n 
A 1 11  SER 11  -9  ?   ?   ?   A . n 
A 1 12  SER 12  -8  ?   ?   ?   A . n 
A 1 13  GLY 13  -7  ?   ?   ?   A . n 
A 1 14  LEU 14  -6  ?   ?   ?   A . n 
A 1 15  VAL 15  -5  ?   ?   ?   A . n 
A 1 16  PRO 16  -4  ?   ?   ?   A . n 
A 1 17  ARG 17  -3  ?   ?   ?   A . n 
A 1 18  GLY 18  -2  ?   ?   ?   A . n 
A 1 19  SER 19  -1  ?   ?   ?   A . n 
A 1 20  HIS 20  0   ?   ?   ?   A . n 
A 1 21  MSE 21  1   ?   ?   ?   A . n 
A 1 22  TYR 22  2   ?   ?   ?   A . n 
A 1 23  GLU 23  3   ?   ?   ?   A . n 
A 1 24  THR 24  4   ?   ?   ?   A . n 
A 1 25  TYR 25  5   ?   ?   ?   A . n 
A 1 26  HIS 26  6   ?   ?   ?   A . n 
A 1 27  SER 27  7   7   SER SER A . n 
A 1 28  GLY 28  8   8   GLY GLY A . n 
A 1 29  TRP 29  9   9   TRP TRP A . n 
A 1 30  ILE 30  10  10  ILE ILE A . n 
A 1 31  GLU 31  11  11  GLU GLU A . n 
A 1 32  CYS 32  12  12  CYS CYS A . n 
A 1 33  ILE 33  13  13  ILE ILE A . n 
A 1 34  THR 34  14  14  THR THR A . n 
A 1 35  GLY 35  15  15  GLY GLY A . n 
A 1 36  SER 36  16  16  SER SER A . n 
A 1 37  MSE 37  17  17  MSE MSE A . n 
A 1 38  PHE 38  18  18  PHE PHE A . n 
A 1 39  SER 39  19  19  SER SER A . n 
A 1 40  GLY 40  20  20  GLY GLY A . n 
A 1 41  LYS 41  21  21  LYS LYS A . n 
A 1 42  SER 42  22  22  SER SER A . n 
A 1 43  GLU 43  23  23  GLU GLU A . n 
A 1 44  GLU 44  24  24  GLU GLU A . n 
A 1 45  LEU 45  25  25  LEU LEU A . n 
A 1 46  ILE 46  26  26  ILE ILE A . n 
A 1 47  ARG 47  27  27  ARG ARG A . n 
A 1 48  ARG 48  28  28  ARG ARG A . n 
A 1 49  LEU 49  29  29  LEU LEU A . n 
A 1 50  ARG 50  30  30  ARG ARG A . n 
A 1 51  ARG 51  31  31  ARG ARG A . n 
A 1 52  GLY 52  32  32  GLY GLY A . n 
A 1 53  ILE 53  33  33  ILE ILE A . n 
A 1 54  TYR 54  34  34  TYR TYR A . n 
A 1 55  ALA 55  35  35  ALA ALA A . n 
A 1 56  LYS 56  36  36  LYS LYS A . n 
A 1 57  GLN 57  37  37  GLN GLN A . n 
A 1 58  LYS 58  38  38  LYS LYS A . n 
A 1 59  VAL 59  39  39  VAL VAL A . n 
A 1 60  VAL 60  40  40  VAL VAL A . n 
A 1 61  VAL 61  41  41  VAL VAL A . n 
A 1 62  PHE 62  42  42  PHE PHE A . n 
A 1 63  LYS 63  43  43  LYS LYS A . n 
A 1 64  PRO 64  44  44  PRO PRO A . n 
A 1 65  ALA 65  45  45  ALA ALA A . n 
A 1 66  ILE 66  46  ?   ?   ?   A . n 
A 1 67  ASP 67  47  ?   ?   ?   A . n 
A 1 68  ASP 68  48  ?   ?   ?   A . n 
A 1 69  ARG 69  49  ?   ?   ?   A . n 
A 1 70  TYR 70  50  ?   ?   ?   A . n 
A 1 71  HIS 71  51  ?   ?   ?   A . n 
A 1 72  LYS 72  52  ?   ?   ?   A . n 
A 1 73  GLU 73  53  ?   ?   ?   A . n 
A 1 74  LYS 74  54  ?   ?   ?   A . n 
A 1 75  VAL 75  55  ?   ?   ?   A . n 
A 1 76  VAL 76  56  ?   ?   ?   A . n 
A 1 77  SER 77  57  57  SER SER A . n 
A 1 78  HIS 78  58  58  HIS HIS A . n 
A 1 79  ASN 79  59  59  ASN ASN A . n 
A 1 80  GLY 80  60  60  GLY GLY A . n 
A 1 81  ASN 81  61  61  ASN ASN A . n 
A 1 82  ALA 82  62  62  ALA ALA A . n 
A 1 83  ILE 83  63  63  ILE ILE A . n 
A 1 84  GLU 84  64  64  GLU GLU A . n 
A 1 85  ALA 85  65  65  ALA ALA A . n 
A 1 86  ILE 86  66  66  ILE ILE A . n 
A 1 87  ASN 87  67  67  ASN ASN A . n 
A 1 88  ILE 88  68  68  ILE ILE A . n 
A 1 89  SER 89  69  69  SER SER A . n 
A 1 90  LYS 90  70  70  LYS LYS A . n 
A 1 91  ALA 91  71  71  ALA ALA A . n 
A 1 92  SER 92  72  72  SER SER A . n 
A 1 93  GLU 93  73  73  GLU GLU A . n 
A 1 94  ILE 94  74  74  ILE ILE A . n 
A 1 95  MSE 95  75  75  MSE MSE A . n 
A 1 96  THR 96  76  76  THR THR A . n 
A 1 97  HIS 97  77  77  HIS HIS A . n 
A 1 98  ASP 98  78  78  ASP ASP A . n 
A 1 99  LEU 99  79  79  LEU LEU A . n 
A 1 100 THR 100 80  80  THR THR A . n 
A 1 101 ASN 101 81  81  ASN ASN A . n 
A 1 102 VAL 102 82  82  VAL VAL A . n 
A 1 103 ASP 103 83  83  ASP ASP A . n 
A 1 104 VAL 104 84  84  VAL VAL A . n 
A 1 105 ILE 105 85  85  ILE ILE A . n 
A 1 106 GLY 106 86  86  GLY GLY A . n 
A 1 107 ILE 107 87  87  ILE ILE A . n 
A 1 108 ASP 108 88  88  ASP ASP A . n 
A 1 109 GLU 109 89  89  GLU GLU A . n 
A 1 110 VAL 110 90  90  VAL VAL A . n 
A 1 111 GLN 111 91  91  GLN GLN A . n 
A 1 112 PHE 112 92  92  PHE PHE A . n 
A 1 113 PHE 113 93  93  PHE PHE A . n 
A 1 114 ASP 114 94  94  ASP ASP A . n 
A 1 115 ASP 115 95  95  ASP ASP A . n 
A 1 116 GLU 116 96  96  GLU GLU A . n 
A 1 117 ILE 117 97  97  ILE ILE A . n 
A 1 118 VAL 118 98  98  VAL VAL A . n 
A 1 119 SER 119 99  99  SER SER A . n 
A 1 120 ILE 120 100 100 ILE ILE A . n 
A 1 121 VAL 121 101 101 VAL VAL A . n 
A 1 122 GLU 122 102 102 GLU GLU A . n 
A 1 123 LYS 123 103 103 LYS LYS A . n 
A 1 124 LEU 124 104 104 LEU LEU A . n 
A 1 125 SER 125 105 105 SER SER A . n 
A 1 126 ALA 126 106 106 ALA ALA A . n 
A 1 127 ASP 127 107 107 ASP ASP A . n 
A 1 128 GLY 128 108 108 GLY GLY A . n 
A 1 129 HIS 129 109 109 HIS HIS A . n 
A 1 130 ARG 130 110 110 ARG ARG A . n 
A 1 131 VAL 131 111 111 VAL VAL A . n 
A 1 132 ILE 132 112 112 ILE ILE A . n 
A 1 133 VAL 133 113 113 VAL VAL A . n 
A 1 134 ALA 134 114 114 ALA ALA A . n 
A 1 135 GLY 135 115 115 GLY GLY A . n 
A 1 136 LEU 136 116 116 LEU LEU A . n 
A 1 137 ASP 137 117 117 ASP ASP A . n 
A 1 138 MSE 138 118 118 MSE MSE A . n 
A 1 139 ASP 139 119 119 ASP ASP A . n 
A 1 140 PHE 140 120 120 PHE PHE A . n 
A 1 141 ARG 141 121 121 ARG ARG A . n 
A 1 142 GLY 142 122 122 GLY GLY A . n 
A 1 143 GLU 143 123 123 GLU GLU A . n 
A 1 144 PRO 144 124 124 PRO PRO A . n 
A 1 145 PHE 145 125 125 PHE PHE A . n 
A 1 146 GLU 146 126 126 GLU GLU A . n 
A 1 147 PRO 147 127 127 PRO PRO A . n 
A 1 148 MSE 148 128 128 MSE MSE A . n 
A 1 149 PRO 149 129 129 PRO PRO A . n 
A 1 150 LYS 150 130 130 LYS LYS A . n 
A 1 151 LEU 151 131 131 LEU LEU A . n 
A 1 152 MSE 152 132 132 MSE MSE A . n 
A 1 153 ALA 153 133 133 ALA ALA A . n 
A 1 154 VAL 154 134 134 VAL VAL A . n 
A 1 155 SER 155 135 135 SER SER A . n 
A 1 156 GLU 156 136 136 GLU GLU A . n 
A 1 157 GLN 157 137 137 GLN GLN A . n 
A 1 158 VAL 158 138 138 VAL VAL A . n 
A 1 159 THR 159 139 139 THR THR A . n 
A 1 160 LYS 160 140 140 LYS LYS A . n 
A 1 161 LEU 161 141 141 LEU LEU A . n 
A 1 162 GLN 162 142 142 GLN GLN A . n 
A 1 163 ALA 163 143 143 ALA ALA A . n 
A 1 164 VAL 164 144 144 VAL VAL A . n 
A 1 165 CYS 165 145 145 CYS CYS A . n 
A 1 166 ALA 166 146 146 ALA ALA A . n 
A 1 167 VAL 167 147 147 VAL VAL A . n 
A 1 168 CYS 168 148 148 CYS CYS A . n 
A 1 169 GLY 169 149 149 GLY GLY A . n 
A 1 170 SER 170 150 150 SER SER A . n 
A 1 171 SER 171 151 151 SER SER A . n 
A 1 172 SER 172 152 152 SER SER A . n 
A 1 173 SER 173 153 153 SER SER A . n 
A 1 174 ARG 174 154 154 ARG ARG A . n 
A 1 175 THR 175 155 155 THR THR A . n 
A 1 176 GLN 176 156 156 GLN GLN A . n 
A 1 177 ARG 177 157 157 ARG ARG A . n 
A 1 178 LEU 178 158 158 LEU LEU A . n 
A 1 179 ILE 179 159 159 ILE ILE A . n 
A 1 180 ASN 180 160 160 ASN ASN A . n 
A 1 181 GLY 181 161 161 GLY GLY A . n 
A 1 182 LYS 182 162 162 LYS LYS A . n 
A 1 183 PRO 183 163 163 PRO PRO A . n 
A 1 184 ALA 184 164 164 ALA ALA A . n 
A 1 185 LYS 185 165 165 LYS LYS A . n 
A 1 186 ILE 186 166 166 ILE ILE A . n 
A 1 187 ASP 187 167 167 ASP ASP A . n 
A 1 188 ASP 188 168 168 ASP ASP A . n 
A 1 189 PRO 189 169 169 PRO PRO A . n 
A 1 190 ILE 190 170 170 ILE ILE A . n 
A 1 191 ILE 191 171 171 ILE ILE A . n 
A 1 192 LEU 192 172 172 LEU LEU A . n 
A 1 193 VAL 193 173 173 VAL VAL A . n 
A 1 194 GLY 194 174 174 GLY GLY A . n 
A 1 195 ALA 195 175 175 ALA ALA A . n 
A 1 196 ASN 196 176 176 ASN ASN A . n 
A 1 197 GLU 197 177 177 GLU GLU A . n 
A 1 198 SER 198 178 178 SER SER A . n 
A 1 199 TYR 199 179 179 TYR TYR A . n 
A 1 200 GLU 200 180 180 GLU GLU A . n 
A 1 201 PRO 201 181 181 PRO PRO A . n 
A 1 202 ARG 202 182 182 ARG ARG A . n 
A 1 203 CYS 203 183 183 CYS CYS A . n 
A 1 204 ARG 204 184 184 ARG ARG A . n 
A 1 205 ALA 205 185 185 ALA ALA A . n 
A 1 206 HIS 206 186 186 HIS HIS A . n 
A 1 207 HIS 207 187 187 HIS HIS A . n 
A 1 208 ILE 208 188 188 ILE ILE A . n 
A 1 209 VAL 209 189 189 VAL VAL A . n 
A 1 210 ALA 210 190 190 ALA ALA A . n 
A 1 211 PRO 211 191 191 PRO PRO A . n 
A 1 212 SER 212 192 192 SER SER A . n 
A 1 213 ASP 213 193 ?   ?   ?   A . n 
A 1 214 ASN 214 194 ?   ?   ?   A . n 
A 1 215 ASN 215 195 ?   ?   ?   A . n 
A 1 216 LYS 216 196 ?   ?   ?   A . n 
A 1 217 GLU 217 197 ?   ?   ?   A . n 
A 1 218 GLU 218 198 ?   ?   ?   A . n 
A 1 219 LEU 219 199 ?   ?   ?   A . n 
# 
loop_
_pdbx_nonpoly_scheme.asym_id 
_pdbx_nonpoly_scheme.entity_id 
_pdbx_nonpoly_scheme.mon_id 
_pdbx_nonpoly_scheme.ndb_seq_num 
_pdbx_nonpoly_scheme.pdb_seq_num 
_pdbx_nonpoly_scheme.auth_seq_num 
_pdbx_nonpoly_scheme.pdb_mon_id 
_pdbx_nonpoly_scheme.auth_mon_id 
_pdbx_nonpoly_scheme.pdb_strand_id 
_pdbx_nonpoly_scheme.pdb_ins_code 
B 2 ZN  1  200 1   ZN  ZN  A . 
C 3 GOL 1  201 100 GOL GOL A . 
D 4 HOH 1  202 1   HOH HOH A . 
D 4 HOH 2  203 2   HOH HOH A . 
D 4 HOH 3  204 3   HOH HOH A . 
D 4 HOH 4  205 4   HOH HOH A . 
D 4 HOH 5  206 5   HOH HOH A . 
D 4 HOH 6  207 6   HOH HOH A . 
D 4 HOH 7  208 7   HOH HOH A . 
D 4 HOH 8  209 8   HOH HOH A . 
D 4 HOH 9  210 9   HOH HOH A . 
D 4 HOH 10 211 10  HOH HOH A . 
D 4 HOH 11 212 11  HOH HOH A . 
D 4 HOH 12 213 12  HOH HOH A . 
D 4 HOH 13 214 13  HOH HOH A . 
D 4 HOH 14 215 14  HOH HOH A . 
D 4 HOH 15 216 15  HOH HOH A . 
D 4 HOH 16 217 16  HOH HOH A . 
D 4 HOH 17 218 17  HOH HOH A . 
D 4 HOH 18 219 18  HOH HOH A . 
D 4 HOH 19 220 19  HOH HOH A . 
D 4 HOH 20 221 20  HOH HOH A . 
D 4 HOH 21 222 21  HOH HOH A . 
D 4 HOH 22 223 22  HOH HOH A . 
D 4 HOH 23 224 23  HOH HOH A . 
D 4 HOH 24 225 24  HOH HOH A . 
D 4 HOH 25 226 25  HOH HOH A . 
D 4 HOH 26 227 26  HOH HOH A . 
D 4 HOH 27 228 27  HOH HOH A . 
D 4 HOH 28 229 28  HOH HOH A . 
D 4 HOH 29 230 29  HOH HOH A . 
D 4 HOH 30 231 30  HOH HOH A . 
D 4 HOH 31 232 31  HOH HOH A . 
D 4 HOH 32 233 32  HOH HOH A . 
D 4 HOH 33 234 33  HOH HOH A . 
D 4 HOH 34 235 34  HOH HOH A . 
D 4 HOH 35 236 35  HOH HOH A . 
D 4 HOH 36 237 36  HOH HOH A . 
D 4 HOH 37 238 37  HOH HOH A . 
D 4 HOH 38 239 38  HOH HOH A . 
D 4 HOH 39 240 39  HOH HOH A . 
D 4 HOH 40 241 40  HOH HOH A . 
D 4 HOH 41 242 41  HOH HOH A . 
D 4 HOH 42 243 42  HOH HOH A . 
D 4 HOH 43 244 43  HOH HOH A . 
D 4 HOH 44 245 44  HOH HOH A . 
D 4 HOH 45 246 45  HOH HOH A . 
D 4 HOH 46 247 46  HOH HOH A . 
D 4 HOH 47 248 47  HOH HOH A . 
D 4 HOH 48 249 48  HOH HOH A . 
D 4 HOH 49 250 49  HOH HOH A . 
D 4 HOH 50 251 50  HOH HOH A . 
D 4 HOH 51 252 51  HOH HOH A . 
D 4 HOH 52 253 52  HOH HOH A . 
D 4 HOH 53 254 53  HOH HOH A . 
D 4 HOH 54 255 54  HOH HOH A . 
D 4 HOH 55 256 55  HOH HOH A . 
D 4 HOH 56 257 56  HOH HOH A . 
D 4 HOH 57 258 57  HOH HOH A . 
D 4 HOH 58 259 58  HOH HOH A . 
# 
loop_
_software.name 
_software.version 
_software.date 
_software.type 
_software.contact_author 
_software.contact_author_email 
_software.classification 
_software.location 
_software.language 
_software.citation_id 
_software.pdbx_ordinal 
DENZO       .               ?               package 'Zbyszek Otwinowski'  hkl@hkl-xray.com                'data reduction'  
http://www.hkl-xray.com/                     ?          ? 1 
SCALEPACK   .               ?               package 'Zbyszek Otwinowski'  hkl@hkl-xray.com                'data scaling'    
http://www.hkl-xray.com/                     ?          ? 2 
SHARP       .               ?               package 'Eric de La Fortelle' sharp-develop@globalphasing.com phasing           
http://www.globalphasing.com/sharp/          ?          ? 3 
DM          5.0             ?               program 'Kevin Cowtan'        kowtan@ysbl.york.ac.uk          phasing           
http://www.ccp4.ac.uk/dist/html/dm.html      Fortran_77 ? 4 
REFMAC      refmac_5.5.0043 24/04/2001      program 'Garib N. Murshudov'  garib@ysbl.york.ac.uk           refinement        
http://www.ccp4.ac.uk/dist/html/refmac5.html Fortran_77 ? 5 
PDB_EXTRACT 3.006           'June 11, 2008' package PDB                   help@deposit.rcsb.org           'data extraction' 
http://sw-tools.pdb.org/apps/PDB_EXTRACT/    C++        ? 6 
JDirector   .               ?               ?       ?                     ?                               'data collection' ? ? ? 
7 
HKL-2000    .               ?               ?       ?                     ?                               'data reduction'  ? ? ? 
8 
HKL-2000    .               ?               ?       ?                     ?                               'data scaling'    ? ? ? 
9 
# 
_cell.length_a           71.621 
_cell.length_b           71.621 
_cell.length_c           96.144 
_cell.angle_alpha        90.000 
_cell.angle_beta         90.000 
_cell.angle_gamma        90.000 
_cell.entry_id           3E2I 
_cell.pdbx_unique_axis   ? 
_cell.Z_PDB              8 
_cell.length_a_esd       ? 
_cell.length_b_esd       ? 
_cell.length_c_esd       ? 
_cell.angle_alpha_esd    ? 
_cell.angle_beta_esd     ? 
_cell.angle_gamma_esd    ? 
# 
_symmetry.space_group_name_H-M             'P 42 2 2' 
_symmetry.entry_id                         3E2I 
_symmetry.Int_Tables_number                93 
_symmetry.pdbx_full_space_group_name_H-M   ? 
_symmetry.cell_setting                     ? 
_symmetry.space_group_name_Hall            ? 
# 
_exptl.crystals_number   1 
_exptl.entry_id          3E2I 
_exptl.method            'X-RAY DIFFRACTION' 
# 
_exptl_crystal.id                    1 
_exptl_crystal.density_Matthews      2.49 
_exptl_crystal.density_meas          ? 
_exptl_crystal.density_percent_sol   50.63 
_exptl_crystal.description           ? 
_exptl_crystal.F_000                 ? 
_exptl_crystal.preparation           ? 
# 
_exptl_crystal_grow.crystal_id      1 
_exptl_crystal_grow.method          'VAPOR DIFFUSION, SITTING DROP' 
_exptl_crystal_grow.pH              7.0 
_exptl_crystal_grow.temp            298.0 
_exptl_crystal_grow.temp_details    ? 
_exptl_crystal_grow.pdbx_details    
'0.1M succinic acid pH 7.0, 15% PEG3350, cryo-protected using 20% glycerol, VAPOR DIFFUSION, SITTING DROP, temperature 298.0K' 
_exptl_crystal_grow.pdbx_pH_range   ? 
# 
_diffrn.id                     1 
_diffrn.ambient_temp           100 
_diffrn.ambient_temp_details   ? 
_diffrn.crystal_id             1 
# 
_diffrn_detector.diffrn_id              1 
_diffrn_detector.detector               CCD 
_diffrn_detector.type                   'ADSC QUANTUM 210' 
_diffrn_detector.pdbx_collection_date   2007-03-17 
_diffrn_detector.details                'Si(111) double-crystal monochromator' 
# 
_diffrn_radiation.diffrn_id                        1 
_diffrn_radiation.wavelength_id                    1 
_diffrn_radiation.pdbx_diffrn_protocol             'SINGLE WAVELENGTH' 
_diffrn_radiation.monochromator                    'Si(111) double-crystal monochromator' 
_diffrn_radiation.pdbx_monochromatic_or_laue_m_l   M 
_diffrn_radiation.pdbx_scattering_type             x-ray 
# 
_diffrn_radiation_wavelength.id           1 
_diffrn_radiation_wavelength.wavelength   0.979331 
_diffrn_radiation_wavelength.wt           1.0 
# 
_diffrn_source.diffrn_id                   1 
_diffrn_source.source                      SYNCHROTRON 
_diffrn_source.type                        'APS BEAMLINE 17-ID' 
_diffrn_source.pdbx_wavelength             ? 
_diffrn_source.pdbx_wavelength_list        0.979331 
_diffrn_source.pdbx_synchrotron_site       APS 
_diffrn_source.pdbx_synchrotron_beamline   17-ID 
# 
_reflns.entry_id                     3E2I 
_reflns.d_resolution_high            2.010 
_reflns.d_resolution_low             50.000 
_reflns.number_obs                   17226 
_reflns.pdbx_Rmerge_I_obs            0.064 
_reflns.pdbx_chi_squared             1.687 
_reflns.pdbx_redundancy              24.500 
_reflns.percent_possible_obs         99.700 
_reflns.observed_criterion_sigma_F   ? 
_reflns.observed_criterion_sigma_I   ? 
_reflns.number_all                   ? 
_reflns.pdbx_Rsym_value              ? 
_reflns.pdbx_netI_over_sigmaI        ? 
_reflns.B_iso_Wilson_estimate        ? 
_reflns.R_free_details               ? 
_reflns.limit_h_max                  ? 
_reflns.limit_h_min                  ? 
_reflns.limit_k_max                  ? 
_reflns.limit_k_min                  ? 
_reflns.limit_l_max                  ? 
_reflns.limit_l_min                  ? 
_reflns.observed_criterion_F_max     ? 
_reflns.observed_criterion_F_min     ? 
_reflns.pdbx_scaling_rejects         ? 
_reflns.pdbx_ordinal                 1 
_reflns.pdbx_diffrn_id               1 
# 
loop_
_reflns_shell.d_res_high 
_reflns_shell.d_res_low 
_reflns_shell.number_measured_obs 
_reflns_shell.number_measured_all 
_reflns_shell.number_unique_obs 
_reflns_shell.Rmerge_I_obs 
_reflns_shell.meanI_over_sigI_obs 
_reflns_shell.pdbx_Rsym_value 
_reflns_shell.pdbx_chi_squared 
_reflns_shell.pdbx_redundancy 
_reflns_shell.percent_possible_obs 
_reflns_shell.number_unique_all 
_reflns_shell.percent_possible_all 
_reflns_shell.pdbx_ordinal 
_reflns_shell.pdbx_diffrn_id 
2.01 2.08  ? ? ? 0.183 ? ? 0.836 22.90 ? 1649 97.90  1  1 
2.08 2.17  ? ? ? 0.157 ? ? 0.920 25.20 ? 1684 100.00 2  1 
2.17 2.26  ? ? ? 0.123 ? ? 1.025 25.20 ? 1687 100.00 3  1 
2.26 2.38  ? ? ? 0.105 ? ? 1.135 25.20 ? 1695 100.00 4  1 
2.38 2.53  ? ? ? 0.093 ? ? 1.285 25.10 ? 1710 100.00 5  1 
2.53 2.73  ? ? ? 0.082 ? ? 1.591 25.10 ? 1702 100.00 6  1 
2.73 3.00  ? ? ? 0.070 ? ? 1.762 24.90 ? 1716 100.00 7  1 
3.00 3.44  ? ? ? 0.059 ? ? 1.972 24.80 ? 1736 100.00 8  1 
3.44 4.33  ? ? ? 0.048 ? ? 2.431 24.50 ? 1762 100.00 9  1 
4.33 50.00 ? ? ? 0.053 ? ? 3.813 22.60 ? 1885 99.30  10 1 
# 
_refine.entry_id                                 3E2I 
_refine.ls_d_res_high                            2.010 
_refine.ls_d_res_low                             44.810 
_refine.pdbx_ls_sigma_F                          0.00 
_refine.ls_percent_reflns_obs                    99.920 
_refine.ls_number_reflns_obs                     17194 
_refine.pdbx_ls_cross_valid_method               THROUGHOUT 
_refine.pdbx_R_Free_selection_details            RANDOM 
_refine.details                                  
;HYDROGENS HAVE BEEN ADDED IN THE RIDING POSITIONS
U VALUES      : RESIDUAL ONLY
;
_refine.ls_R_factor_obs                          0.203 
_refine.ls_R_factor_R_work                       0.202 
_refine.ls_wR_factor_R_work                      0.203 
_refine.ls_R_factor_R_free                       0.237 
_refine.ls_wR_factor_R_free                      0.241 
_refine.ls_percent_reflns_R_free                 5.100 
_refine.ls_number_reflns_R_free                  871 
_refine.B_iso_mean                               17.265 
_refine.aniso_B[1][1]                            0.030 
_refine.aniso_B[2][2]                            0.030 
_refine.aniso_B[3][3]                            -0.060 
_refine.aniso_B[1][2]                            0.000 
_refine.aniso_B[1][3]                            0.000 
_refine.aniso_B[2][3]                            0.000 
_refine.correlation_coeff_Fo_to_Fc               0.942 
_refine.correlation_coeff_Fo_to_Fc_free          0.929 
_refine.pdbx_overall_ESU_R                       0.151 
_refine.pdbx_overall_ESU_R_Free                  0.143 
_refine.overall_SU_ML                            0.088 
_refine.overall_SU_B                             6.633 
_refine.solvent_model_details                    'BABINET MODEL WITH MASK' 
_refine.pdbx_solvent_vdw_probe_radii             1.200 
_refine.pdbx_solvent_ion_probe_radii             0.800 
_refine.pdbx_solvent_shrinkage_radii             0.800 
_refine.pdbx_method_to_determine_struct          SAD 
_refine.pdbx_stereochemistry_target_values       'MAXIMUM LIKELIHOOD' 
_refine.B_iso_max                                40.04 
_refine.B_iso_min                                6.41 
_refine.occupancy_max                            1.00 
_refine.occupancy_min                            0.30 
_refine.pdbx_ls_sigma_I                          ? 
_refine.ls_number_reflns_all                     ? 
_refine.ls_R_factor_all                          ? 
_refine.ls_redundancy_reflns_obs                 ? 
_refine.pdbx_data_cutoff_high_absF               ? 
_refine.pdbx_data_cutoff_low_absF                ? 
_refine.ls_number_parameters                     ? 
_refine.ls_number_restraints                     ? 
_refine.ls_R_factor_R_free_error                 ? 
_refine.ls_R_factor_R_free_error_details         ? 
_refine.pdbx_starting_model                      ? 
_refine.pdbx_stereochem_target_val_spec_case     ? 
_refine.solvent_model_param_bsol                 ? 
_refine.solvent_model_param_ksol                 ? 
_refine.pdbx_isotropic_thermal_model             ? 
_refine.overall_SU_R_Cruickshank_DPI             ? 
_refine.overall_SU_R_free                        ? 
_refine.pdbx_data_cutoff_high_rms_absF           ? 
_refine.overall_FOM_free_R_set                   ? 
_refine.overall_FOM_work_R_set                   ? 
_refine.pdbx_overall_phase_error                 ? 
_refine.pdbx_refine_id                           'X-RAY DIFFRACTION' 
_refine.pdbx_TLS_residual_ADP_flag               'LIKELY RESIDUAL' 
_refine.pdbx_diffrn_id                           1 
_refine.pdbx_overall_SU_R_free_Cruickshank_DPI   ? 
_refine.pdbx_overall_SU_R_Blow_DPI               ? 
_refine.pdbx_overall_SU_R_free_Blow_DPI          ? 
# 
_refine_hist.pdbx_refine_id                   'X-RAY DIFFRACTION' 
_refine_hist.cycle_id                         LAST 
_refine_hist.pdbx_number_atoms_protein        1341 
_refine_hist.pdbx_number_atoms_nucleic_acid   0 
_refine_hist.pdbx_number_atoms_ligand         7 
_refine_hist.number_atoms_solvent             58 
_refine_hist.number_atoms_total               1406 
_refine_hist.d_res_high                       2.010 
_refine_hist.d_res_low                        44.810 
# 
loop_
_refine_ls_restr.type 
_refine_ls_restr.number 
_refine_ls_restr.dev_ideal 
_refine_ls_restr.dev_ideal_target 
_refine_ls_restr.weight 
_refine_ls_restr.pdbx_refine_id 
_refine_ls_restr.pdbx_restraint_function 
r_bond_refined_d       1377 0.012  0.022  ? 'X-RAY DIFFRACTION' ? 
r_angle_refined_deg    1858 1.228  1.964  ? 'X-RAY DIFFRACTION' ? 
r_dihedral_angle_1_deg 177  4.989  5.000  ? 'X-RAY DIFFRACTION' ? 
r_dihedral_angle_2_deg 58   32.164 24.138 ? 'X-RAY DIFFRACTION' ? 
r_dihedral_angle_3_deg 250  14.375 15.000 ? 'X-RAY DIFFRACTION' ? 
r_dihedral_angle_4_deg 10   14.378 15.000 ? 'X-RAY DIFFRACTION' ? 
r_chiral_restr         213  0.079  0.200  ? 'X-RAY DIFFRACTION' ? 
r_gen_planes_refined   1016 0.005  0.021  ? 'X-RAY DIFFRACTION' ? 
r_mcbond_it            875  0.681  1.500  ? 'X-RAY DIFFRACTION' ? 
r_mcangle_it           1419 1.309  2.000  ? 'X-RAY DIFFRACTION' ? 
r_scbond_it            502  2.255  3.000  ? 'X-RAY DIFFRACTION' ? 
r_scangle_it           437  3.701  4.500  ? 'X-RAY DIFFRACTION' ? 
# 
loop_
_refine_ls_shell.pdbx_total_number_of_bins_used 
_refine_ls_shell.d_res_low 
_refine_ls_shell.d_res_high 
_refine_ls_shell.number_reflns_all 
_refine_ls_shell.percent_reflns_obs 
_refine_ls_shell.number_reflns_R_work 
_refine_ls_shell.R_factor_R_work 
_refine_ls_shell.number_reflns_R_free 
_refine_ls_shell.R_factor_R_free 
_refine_ls_shell.number_reflns_obs 
_refine_ls_shell.R_factor_R_free_error 
_refine_ls_shell.percent_reflns_R_free 
_refine_ls_shell.redundancy_reflns_obs 
_refine_ls_shell.R_factor_all 
_refine_ls_shell.pdbx_refine_id 
20 2.066  2.014 1232 99.919  1176 0.202 55 0.279 . . . . . 'X-RAY DIFFRACTION' 
20 2.122  2.066 1218 100.000 1145 0.200 73 0.232 . . . . . 'X-RAY DIFFRACTION' 
20 2.184  2.122 1188 100.000 1123 0.194 65 0.192 . . . . . 'X-RAY DIFFRACTION' 
20 2.251  2.184 1143 100.000 1072 0.191 71 0.270 . . . . . 'X-RAY DIFFRACTION' 
20 2.324  2.251 1100 100.000 1052 0.179 48 0.211 . . . . . 'X-RAY DIFFRACTION' 
20 2.406  2.324 1078 100.000 1024 0.193 54 0.202 . . . . . 'X-RAY DIFFRACTION' 
20 2.496  2.406 1044 100.000 991  0.197 53 0.234 . . . . . 'X-RAY DIFFRACTION' 
20 2.598  2.496 999  100.000 941  0.231 58 0.295 . . . . . 'X-RAY DIFFRACTION' 
20 2.713  2.598 964  100.000 919  0.234 45 0.253 . . . . . 'X-RAY DIFFRACTION' 
20 2.845  2.713 936  100.000 888  0.223 48 0.306 . . . . . 'X-RAY DIFFRACTION' 
20 2.998  2.845 887  100.000 840  0.226 47 0.309 . . . . . 'X-RAY DIFFRACTION' 
20 3.179  2.998 839  100.000 788  0.213 51 0.266 . . . . . 'X-RAY DIFFRACTION' 
20 3.397  3.179 810  100.000 773  0.215 37 0.269 . . . . . 'X-RAY DIFFRACTION' 
20 3.668  3.397 738  100.000 696  0.194 42 0.188 . . . . . 'X-RAY DIFFRACTION' 
20 4.015  3.668 694  100.000 665  0.181 29 0.211 . . . . . 'X-RAY DIFFRACTION' 
20 4.484  4.015 624  100.000 600  0.174 24 0.140 . . . . . 'X-RAY DIFFRACTION' 
20 5.170  4.484 574  100.000 551  0.164 23 0.254 . . . . . 'X-RAY DIFFRACTION' 
20 6.310  5.170 488  100.000 468  0.220 20 0.208 . . . . . 'X-RAY DIFFRACTION' 
20 8.837  6.310 394  99.746  377  0.208 16 0.201 . . . . . 'X-RAY DIFFRACTION' 
20 44.811 8.837 258  95.349  234  0.260 12 0.286 . . . . . 'X-RAY DIFFRACTION' 
# 
_struct.entry_id                  3E2I 
_struct.title                     'Crystal structure of Thymidine Kinase from S. aureus' 
_struct.pdbx_model_details        ? 
_struct.pdbx_CASP_flag            N 
_struct.pdbx_model_type_details   ? 
# 
_struct_keywords.entry_id        3E2I 
_struct_keywords.pdbx_keywords   TRANSFERASE 
_struct_keywords.text            'ZN-BINDING, ATP-binding, DNA synthesis, Kinase, Nucleotide-binding, Transferase' 
# 
loop_
_struct_asym.id 
_struct_asym.pdbx_blank_PDB_chainid_flag 
_struct_asym.pdbx_modified 
_struct_asym.entity_id 
_struct_asym.details 
A N N 1 ? 
B N N 2 ? 
C N N 3 ? 
D N N 4 ? 
# 
_struct_ref.id                         1 
_struct_ref.db_name                    UNP 
_struct_ref.db_code                    Q0H0G9_STAAU 
_struct_ref.pdbx_db_accession          Q0H0G9 
_struct_ref.entity_id                  1 
_struct_ref.pdbx_seq_one_letter_code   
;MYETYHSGWIECITGSMFSGKSEELIRRLRRGIYAKQKVVVFKPAIDDRYHKEKVVSHNGNAIEAINISKASEIMTHDLT
NVDVIGIDEVQFFDDEIVSIVEKLSADGHRVIVAGLDMDFRGEPFEPMPKLMAVSEQVTKLQAVCAVCGSSSSRTQRLIN
GKPAKIDDPIILVGANESYEPRCRAHHIVAPSDNNKEEL
;
_struct_ref.pdbx_align_begin           1 
_struct_ref.pdbx_db_isoform            ? 
# 
_struct_ref_seq.align_id                      1 
_struct_ref_seq.ref_id                        1 
_struct_ref_seq.pdbx_PDB_id_code              3E2I 
_struct_ref_seq.pdbx_strand_id                A 
_struct_ref_seq.seq_align_beg                 21 
_struct_ref_seq.pdbx_seq_align_beg_ins_code   ? 
_struct_ref_seq.seq_align_end                 219 
_struct_ref_seq.pdbx_seq_align_end_ins_code   ? 
_struct_ref_seq.pdbx_db_accession             Q0H0G9 
_struct_ref_seq.db_align_beg                  1 
_struct_ref_seq.pdbx_db_align_beg_ins_code    ? 
_struct_ref_seq.db_align_end                  199 
_struct_ref_seq.pdbx_db_align_end_ins_code    ? 
_struct_ref_seq.pdbx_auth_seq_align_beg       1 
_struct_ref_seq.pdbx_auth_seq_align_end       199 
# 
loop_
_struct_ref_seq_dif.align_id 
_struct_ref_seq_dif.pdbx_pdb_id_code 
_struct_ref_seq_dif.mon_id 
_struct_ref_seq_dif.pdbx_pdb_strand_id 
_struct_ref_seq_dif.seq_num 
_struct_ref_seq_dif.pdbx_pdb_ins_code 
_struct_ref_seq_dif.pdbx_seq_db_name 
_struct_ref_seq_dif.pdbx_seq_db_accession_code 
_struct_ref_seq_dif.db_mon_id 
_struct_ref_seq_dif.pdbx_seq_db_seq_num 
_struct_ref_seq_dif.details 
_struct_ref_seq_dif.pdbx_auth_seq_num 
_struct_ref_seq_dif.pdbx_ordinal 
1 3E2I MSE A 1  ? UNP Q0H0G9 ? ? 'expression tag' -19 1  
1 3E2I GLY A 2  ? UNP Q0H0G9 ? ? 'expression tag' -18 2  
1 3E2I SER A 3  ? UNP Q0H0G9 ? ? 'expression tag' -17 3  
1 3E2I SER A 4  ? UNP Q0H0G9 ? ? 'expression tag' -16 4  
1 3E2I HIS A 5  ? UNP Q0H0G9 ? ? 'expression tag' -15 5  
1 3E2I HIS A 6  ? UNP Q0H0G9 ? ? 'expression tag' -14 6  
1 3E2I HIS A 7  ? UNP Q0H0G9 ? ? 'expression tag' -13 7  
1 3E2I HIS A 8  ? UNP Q0H0G9 ? ? 'expression tag' -12 8  
1 3E2I HIS A 9  ? UNP Q0H0G9 ? ? 'expression tag' -11 9  
1 3E2I HIS A 10 ? UNP Q0H0G9 ? ? 'expression tag' -10 10 
1 3E2I SER A 11 ? UNP Q0H0G9 ? ? 'expression tag' -9  11 
1 3E2I SER A 12 ? UNP Q0H0G9 ? ? 'expression tag' -8  12 
1 3E2I GLY A 13 ? UNP Q0H0G9 ? ? 'expression tag' -7  13 
1 3E2I LEU A 14 ? UNP Q0H0G9 ? ? 'expression tag' -6  14 
1 3E2I VAL A 15 ? UNP Q0H0G9 ? ? 'expression tag' -5  15 
1 3E2I PRO A 16 ? UNP Q0H0G9 ? ? 'expression tag' -4  16 
1 3E2I ARG A 17 ? UNP Q0H0G9 ? ? 'expression tag' -3  17 
1 3E2I GLY A 18 ? UNP Q0H0G9 ? ? 'expression tag' -2  18 
1 3E2I SER A 19 ? UNP Q0H0G9 ? ? 'expression tag' -1  19 
1 3E2I HIS A 20 ? UNP Q0H0G9 ? ? 'expression tag' 0   20 
# 
_pdbx_struct_assembly.id                   1 
_pdbx_struct_assembly.details              author_and_software_defined_assembly 
_pdbx_struct_assembly.method_details       PISA 
_pdbx_struct_assembly.oligomeric_details   tetrameric 
_pdbx_struct_assembly.oligomeric_count     4 
# 
loop_
_pdbx_struct_assembly_prop.biol_id 
_pdbx_struct_assembly_prop.type 
_pdbx_struct_assembly_prop.value 
_pdbx_struct_assembly_prop.details 
1 'ABSA (A^2)' 7300  ? 
1 MORE         -20   ? 
1 'SSA (A^2)'  29300 ? 
# 
_pdbx_struct_assembly_gen.assembly_id       1 
_pdbx_struct_assembly_gen.oper_expression   1,2,3,4 
_pdbx_struct_assembly_gen.asym_id_list      A,B,C,D 
# 
loop_
_pdbx_struct_oper_list.id 
_pdbx_struct_oper_list.type 
_pdbx_struct_oper_list.name 
_pdbx_struct_oper_list.symmetry_operation 
_pdbx_struct_oper_list.matrix[1][1] 
_pdbx_struct_oper_list.matrix[1][2] 
_pdbx_struct_oper_list.matrix[1][3] 
_pdbx_struct_oper_list.vector[1] 
_pdbx_struct_oper_list.matrix[2][1] 
_pdbx_struct_oper_list.matrix[2][2] 
_pdbx_struct_oper_list.matrix[2][3] 
_pdbx_struct_oper_list.vector[2] 
_pdbx_struct_oper_list.matrix[3][1] 
_pdbx_struct_oper_list.matrix[3][2] 
_pdbx_struct_oper_list.matrix[3][3] 
_pdbx_struct_oper_list.vector[3] 
1 'identity operation'         1_555 x,y,z     1.0000000000  0.0000000000  0.0000000000  0.0000000000   0.0000000000  1.0000000000  0.0000000000  0.0000000000   0.0000000000  0.0000000000  1.0000000000  0.0000000000   
2 'crystal symmetry operation' 2_655 -x+1,-y,z -0.4258440957 -0.7227820714 0.5442819889  4.5151922343   -0.7227820714 -0.0901183479 -0.6851749854 -13.5668397534 0.5442819889  -0.6851749854 -0.4840375564 -22.7791715942 
3 'crystal symmetry operation' 5_655 -x+1,y,-z -0.9460212315 -0.1665111876 -0.2780608818 -13.2833798020 -0.1665111876 -0.4863540543 0.8577492398  16.9065576864  -0.2780608818 0.8577492398  0.4323752857  -12.7027989695 
4 'crystal symmetry operation' 6_555 x,-y,-z   0.3718653271  0.8892932591  -0.2662211071 -8.9618203795  0.8892932591  -0.4235275978 -0.1725742544 3.2141980655   -0.2662211071 -0.1725742544 -0.9483377293 -35.4443946148 
# 
_struct_biol.id        1 
_struct_biol.details   ? 
# 
loop_
_struct_conf.conf_type_id 
_struct_conf.id 
_struct_conf.pdbx_PDB_helix_id 
_struct_conf.beg_label_comp_id 
_struct_conf.beg_label_asym_id 
_struct_conf.beg_label_seq_id 
_struct_conf.pdbx_beg_PDB_ins_code 
_struct_conf.end_label_comp_id 
_struct_conf.end_label_asym_id 
_struct_conf.end_label_seq_id 
_struct_conf.pdbx_end_PDB_ins_code 
_struct_conf.beg_auth_comp_id 
_struct_conf.beg_auth_asym_id 
_struct_conf.beg_auth_seq_id 
_struct_conf.end_auth_comp_id 
_struct_conf.end_auth_asym_id 
_struct_conf.end_auth_seq_id 
_struct_conf.pdbx_PDB_helix_class 
_struct_conf.details 
_struct_conf.pdbx_PDB_helix_length 
HELX_P HELX_P1 1 GLY A 40  ? ALA A 55  ? GLY A 20  ALA A 35  1 ? 16 
HELX_P HELX_P2 2 LYS A 90  ? HIS A 97  ? LYS A 70  HIS A 77  5 ? 8  
HELX_P HELX_P3 3 GLU A 109 ? ASP A 114 ? GLU A 89  ASP A 94  5 ? 6  
HELX_P HELX_P4 4 ASP A 115 ? ASP A 127 ? ASP A 95  ASP A 107 1 ? 13 
HELX_P HELX_P5 5 PRO A 147 ? SER A 155 ? PRO A 127 SER A 135 1 ? 9  
HELX_P HELX_P6 6 CYS A 203 ? HIS A 207 ? CYS A 183 HIS A 187 5 ? 5  
# 
_struct_conf_type.id          HELX_P 
_struct_conf_type.criteria    ? 
_struct_conf_type.reference   ? 
# 
loop_
_struct_conn.id 
_struct_conn.conn_type_id 
_struct_conn.pdbx_leaving_atom_flag 
_struct_conn.pdbx_PDB_id 
_struct_conn.ptnr1_label_asym_id 
_struct_conn.ptnr1_label_comp_id 
_struct_conn.ptnr1_label_seq_id 
_struct_conn.ptnr1_label_atom_id 
_struct_conn.pdbx_ptnr1_label_alt_id 
_struct_conn.pdbx_ptnr1_PDB_ins_code 
_struct_conn.pdbx_ptnr1_standard_comp_id 
_struct_conn.ptnr1_symmetry 
_struct_conn.ptnr2_label_asym_id 
_struct_conn.ptnr2_label_comp_id 
_struct_conn.ptnr2_label_seq_id 
_struct_conn.ptnr2_label_atom_id 
_struct_conn.pdbx_ptnr2_label_alt_id 
_struct_conn.pdbx_ptnr2_PDB_ins_code 
_struct_conn.ptnr1_auth_asym_id 
_struct_conn.ptnr1_auth_comp_id 
_struct_conn.ptnr1_auth_seq_id 
_struct_conn.ptnr2_auth_asym_id 
_struct_conn.ptnr2_auth_comp_id 
_struct_conn.ptnr2_auth_seq_id 
_struct_conn.ptnr2_symmetry 
_struct_conn.pdbx_ptnr3_label_atom_id 
_struct_conn.pdbx_ptnr3_label_seq_id 
_struct_conn.pdbx_ptnr3_label_comp_id 
_struct_conn.pdbx_ptnr3_label_asym_id 
_struct_conn.pdbx_ptnr3_label_alt_id 
_struct_conn.pdbx_ptnr3_PDB_ins_code 
_struct_conn.details 
_struct_conn.pdbx_dist_value 
_struct_conn.pdbx_value_order 
_struct_conn.pdbx_role 
covale1  covale both ? A SER 36  C   ? ? ? 1_555 A MSE 37  N  ? ? A SER 16  A MSE 17  1_555 ? ? ? ? ? ? ? 1.330 ? ? 
covale2  covale both ? A MSE 37  C   ? ? ? 1_555 A PHE 38  N  ? ? A MSE 17  A PHE 18  1_555 ? ? ? ? ? ? ? 1.327 ? ? 
covale3  covale both ? A ILE 94  C   ? ? ? 1_555 A MSE 95  N  ? ? A ILE 74  A MSE 75  1_555 ? ? ? ? ? ? ? 1.323 ? ? 
covale4  covale both ? A MSE 95  C   ? ? ? 1_555 A THR 96  N  ? ? A MSE 75  A THR 76  1_555 ? ? ? ? ? ? ? 1.336 ? ? 
covale5  covale both ? A ASP 137 C   ? ? ? 1_555 A MSE 138 N  ? ? A ASP 117 A MSE 118 1_555 ? ? ? ? ? ? ? 1.333 ? ? 
covale6  covale both ? A MSE 138 C   ? ? ? 1_555 A ASP 139 N  ? ? A MSE 118 A ASP 119 1_555 ? ? ? ? ? ? ? 1.334 ? ? 
covale7  covale both ? A PRO 147 C   ? ? ? 1_555 A MSE 148 N  ? ? A PRO 127 A MSE 128 1_555 ? ? ? ? ? ? ? 1.333 ? ? 
covale8  covale both ? A MSE 148 C   ? ? ? 1_555 A PRO 149 N  ? ? A MSE 128 A PRO 129 1_555 ? ? ? ? ? ? ? 1.351 ? ? 
covale9  covale both ? A LEU 151 C   ? ? ? 1_555 A MSE 152 N  ? ? A LEU 131 A MSE 132 1_555 ? ? ? ? ? ? ? 1.325 ? ? 
covale10 covale both ? A MSE 152 C   ? ? ? 1_555 A ALA 153 N  ? ? A MSE 132 A ALA 133 1_555 ? ? ? ? ? ? ? 1.329 ? ? 
metalc1  metalc ?    ? A CYS 165 SG  ? ? ? 1_555 B ZN  .   ZN ? ? A CYS 145 A ZN  200 1_555 ? ? ? ? ? ? ? 2.357 ? ? 
metalc2  metalc ?    ? A CYS 168 SG  ? ? ? 1_555 B ZN  .   ZN ? ? A CYS 148 A ZN  200 1_555 ? ? ? ? ? ? ? 2.311 ? ? 
metalc3  metalc ?    ? A CYS 203 SG  ? ? ? 1_555 B ZN  .   ZN ? ? A CYS 183 A ZN  200 1_555 ? ? ? ? ? ? ? 2.220 ? ? 
metalc4  metalc ?    ? A HIS 206 ND1 ? ? ? 1_555 B ZN  .   ZN ? ? A HIS 186 A ZN  200 1_555 ? ? ? ? ? ? ? 2.253 ? ? 
# 
loop_
_struct_conn_type.id 
_struct_conn_type.criteria 
_struct_conn_type.reference 
covale ? ? 
metalc ? ? 
# 
loop_
_pdbx_struct_conn_angle.id 
_pdbx_struct_conn_angle.ptnr1_label_atom_id 
_pdbx_struct_conn_angle.ptnr1_label_alt_id 
_pdbx_struct_conn_angle.ptnr1_label_asym_id 
_pdbx_struct_conn_angle.ptnr1_label_comp_id 
_pdbx_struct_conn_angle.ptnr1_label_seq_id 
_pdbx_struct_conn_angle.ptnr1_auth_atom_id 
_pdbx_struct_conn_angle.ptnr1_auth_asym_id 
_pdbx_struct_conn_angle.ptnr1_auth_comp_id 
_pdbx_struct_conn_angle.ptnr1_auth_seq_id 
_pdbx_struct_conn_angle.ptnr1_PDB_ins_code 
_pdbx_struct_conn_angle.ptnr1_symmetry 
_pdbx_struct_conn_angle.ptnr2_label_atom_id 
_pdbx_struct_conn_angle.ptnr2_label_alt_id 
_pdbx_struct_conn_angle.ptnr2_label_asym_id 
_pdbx_struct_conn_angle.ptnr2_label_comp_id 
_pdbx_struct_conn_angle.ptnr2_label_seq_id 
_pdbx_struct_conn_angle.ptnr2_auth_atom_id 
_pdbx_struct_conn_angle.ptnr2_auth_asym_id 
_pdbx_struct_conn_angle.ptnr2_auth_comp_id 
_pdbx_struct_conn_angle.ptnr2_auth_seq_id 
_pdbx_struct_conn_angle.ptnr2_PDB_ins_code 
_pdbx_struct_conn_angle.ptnr2_symmetry 
_pdbx_struct_conn_angle.ptnr3_label_atom_id 
_pdbx_struct_conn_angle.ptnr3_label_alt_id 
_pdbx_struct_conn_angle.ptnr3_label_asym_id 
_pdbx_struct_conn_angle.ptnr3_label_comp_id 
_pdbx_struct_conn_angle.ptnr3_label_seq_id 
_pdbx_struct_conn_angle.ptnr3_auth_atom_id 
_pdbx_struct_conn_angle.ptnr3_auth_asym_id 
_pdbx_struct_conn_angle.ptnr3_auth_comp_id 
_pdbx_struct_conn_angle.ptnr3_auth_seq_id 
_pdbx_struct_conn_angle.ptnr3_PDB_ins_code 
_pdbx_struct_conn_angle.ptnr3_symmetry 
_pdbx_struct_conn_angle.value 
_pdbx_struct_conn_angle.value_esd 
1 SG ? A CYS 165 ? A CYS 145 ? 1_555 ZN ? B ZN . ? A ZN 200 ? 1_555 SG  ? A CYS 168 ? A CYS 148 ? 1_555 109.5 ? 
2 SG ? A CYS 165 ? A CYS 145 ? 1_555 ZN ? B ZN . ? A ZN 200 ? 1_555 SG  ? A CYS 203 ? A CYS 183 ? 1_555 113.9 ? 
3 SG ? A CYS 168 ? A CYS 148 ? 1_555 ZN ? B ZN . ? A ZN 200 ? 1_555 SG  ? A CYS 203 ? A CYS 183 ? 1_555 116.6 ? 
4 SG ? A CYS 165 ? A CYS 145 ? 1_555 ZN ? B ZN . ? A ZN 200 ? 1_555 ND1 ? A HIS 206 ? A HIS 186 ? 1_555 115.9 ? 
5 SG ? A CYS 168 ? A CYS 148 ? 1_555 ZN ? B ZN . ? A ZN 200 ? 1_555 ND1 ? A HIS 206 ? A HIS 186 ? 1_555 111.0 ? 
6 SG ? A CYS 203 ? A CYS 183 ? 1_555 ZN ? B ZN . ? A ZN 200 ? 1_555 ND1 ? A HIS 206 ? A HIS 186 ? 1_555 88.8  ? 
# 
loop_
_pdbx_modification_feature.ordinal 
_pdbx_modification_feature.label_comp_id 
_pdbx_modification_feature.label_asym_id 
_pdbx_modification_feature.label_seq_id 
_pdbx_modification_feature.label_alt_id 
_pdbx_modification_feature.modified_residue_label_comp_id 
_pdbx_modification_feature.modified_residue_label_asym_id 
_pdbx_modification_feature.modified_residue_label_seq_id 
_pdbx_modification_feature.modified_residue_label_alt_id 
_pdbx_modification_feature.auth_comp_id 
_pdbx_modification_feature.auth_asym_id 
_pdbx_modification_feature.auth_seq_id 
_pdbx_modification_feature.PDB_ins_code 
_pdbx_modification_feature.symmetry 
_pdbx_modification_feature.modified_residue_auth_comp_id 
_pdbx_modification_feature.modified_residue_auth_asym_id 
_pdbx_modification_feature.modified_residue_auth_seq_id 
_pdbx_modification_feature.modified_residue_PDB_ins_code 
_pdbx_modification_feature.modified_residue_symmetry 
_pdbx_modification_feature.comp_id_linking_atom 
_pdbx_modification_feature.modified_residue_id_linking_atom 
_pdbx_modification_feature.modified_residue_id 
_pdbx_modification_feature.ref_pcm_id 
_pdbx_modification_feature.ref_comp_id 
_pdbx_modification_feature.type 
_pdbx_modification_feature.category 
1 MSE A 37  ? . . . . MSE A 17  ? 1_555 . . . . . . . MET 1 MSE Selenomethionine 'Named protein modification' 
2 MSE A 95  ? . . . . MSE A 75  ? 1_555 . . . . . . . MET 1 MSE Selenomethionine 'Named protein modification' 
3 MSE A 138 ? . . . . MSE A 118 ? 1_555 . . . . . . . MET 1 MSE Selenomethionine 'Named protein modification' 
4 MSE A 148 ? . . . . MSE A 128 ? 1_555 . . . . . . . MET 1 MSE Selenomethionine 'Named protein modification' 
5 MSE A 152 ? . . . . MSE A 132 ? 1_555 . . . . . . . MET 1 MSE Selenomethionine 'Named protein modification' 
# 
_struct_mon_prot_cis.pdbx_id                1 
_struct_mon_prot_cis.label_comp_id          GLU 
_struct_mon_prot_cis.label_seq_id           146 
_struct_mon_prot_cis.label_asym_id          A 
_struct_mon_prot_cis.label_alt_id           . 
_struct_mon_prot_cis.pdbx_PDB_ins_code      ? 
_struct_mon_prot_cis.auth_comp_id           GLU 
_struct_mon_prot_cis.auth_seq_id            126 
_struct_mon_prot_cis.auth_asym_id           A 
_struct_mon_prot_cis.pdbx_label_comp_id_2   PRO 
_struct_mon_prot_cis.pdbx_label_seq_id_2    147 
_struct_mon_prot_cis.pdbx_label_asym_id_2   A 
_struct_mon_prot_cis.pdbx_PDB_ins_code_2    ? 
_struct_mon_prot_cis.pdbx_auth_comp_id_2    PRO 
_struct_mon_prot_cis.pdbx_auth_seq_id_2     127 
_struct_mon_prot_cis.pdbx_auth_asym_id_2    A 
_struct_mon_prot_cis.pdbx_PDB_model_num     1 
_struct_mon_prot_cis.pdbx_omega_angle       -0.30 
# 
loop_
_struct_sheet.id 
_struct_sheet.type 
_struct_sheet.number_strands 
_struct_sheet.details 
A ? 6 ? 
B ? 2 ? 
C ? 3 ? 
# 
loop_
_struct_sheet_order.sheet_id 
_struct_sheet_order.range_id_1 
_struct_sheet_order.range_id_2 
_struct_sheet_order.offset 
_struct_sheet_order.sense 
A 1 2 ? parallel      
A 2 3 ? parallel      
A 3 4 ? parallel      
A 4 5 ? parallel      
A 5 6 ? parallel      
B 1 2 ? anti-parallel 
C 1 2 ? anti-parallel 
C 2 3 ? anti-parallel 
# 
loop_
_struct_sheet_range.sheet_id 
_struct_sheet_range.id 
_struct_sheet_range.beg_label_comp_id 
_struct_sheet_range.beg_label_asym_id 
_struct_sheet_range.beg_label_seq_id 
_struct_sheet_range.pdbx_beg_PDB_ins_code 
_struct_sheet_range.end_label_comp_id 
_struct_sheet_range.end_label_asym_id 
_struct_sheet_range.end_label_seq_id 
_struct_sheet_range.pdbx_end_PDB_ins_code 
_struct_sheet_range.beg_auth_comp_id 
_struct_sheet_range.beg_auth_asym_id 
_struct_sheet_range.beg_auth_seq_id 
_struct_sheet_range.end_auth_comp_id 
_struct_sheet_range.end_auth_asym_id 
_struct_sheet_range.end_auth_seq_id 
A 1 GLU A 84  ? ILE A 88  ? GLU A 64  ILE A 68  
A 2 VAL A 59  ? PRO A 64  ? VAL A 39  PRO A 44  
A 3 VAL A 104 ? ILE A 107 ? VAL A 84  ILE A 87  
A 4 ARG A 130 ? LEU A 136 ? ARG A 110 LEU A 116 
A 5 TRP A 29  ? GLY A 35  ? TRP A 9   GLY A 15  
A 6 GLN A 157 ? LEU A 161 ? GLN A 137 LEU A 141 
B 1 ALA A 163 ? VAL A 164 ? ALA A 143 VAL A 144 
B 2 SER A 171 ? SER A 172 ? SER A 151 SER A 152 
C 1 LYS A 182 ? PRO A 183 ? LYS A 162 PRO A 163 
C 2 ARG A 174 ? ILE A 179 ? ARG A 154 ILE A 159 
C 3 GLU A 197 ? ARG A 202 ? GLU A 177 ARG A 182 
# 
loop_
_pdbx_struct_sheet_hbond.sheet_id 
_pdbx_struct_sheet_hbond.range_id_1 
_pdbx_struct_sheet_hbond.range_id_2 
_pdbx_struct_sheet_hbond.range_1_label_atom_id 
_pdbx_struct_sheet_hbond.range_1_label_comp_id 
_pdbx_struct_sheet_hbond.range_1_label_asym_id 
_pdbx_struct_sheet_hbond.range_1_label_seq_id 
_pdbx_struct_sheet_hbond.range_1_PDB_ins_code 
_pdbx_struct_sheet_hbond.range_1_auth_atom_id 
_pdbx_struct_sheet_hbond.range_1_auth_comp_id 
_pdbx_struct_sheet_hbond.range_1_auth_asym_id 
_pdbx_struct_sheet_hbond.range_1_auth_seq_id 
_pdbx_struct_sheet_hbond.range_2_label_atom_id 
_pdbx_struct_sheet_hbond.range_2_label_comp_id 
_pdbx_struct_sheet_hbond.range_2_label_asym_id 
_pdbx_struct_sheet_hbond.range_2_label_seq_id 
_pdbx_struct_sheet_hbond.range_2_PDB_ins_code 
_pdbx_struct_sheet_hbond.range_2_auth_atom_id 
_pdbx_struct_sheet_hbond.range_2_auth_comp_id 
_pdbx_struct_sheet_hbond.range_2_auth_asym_id 
_pdbx_struct_sheet_hbond.range_2_auth_seq_id 
A 1 2 O ILE A 86  ? O ILE A 66  N VAL A 61  ? N VAL A 41  
A 2 3 N VAL A 60  ? N VAL A 40  O GLY A 106 ? O GLY A 86  
A 3 4 N ILE A 105 ? N ILE A 85  O ARG A 130 ? O ARG A 110 
A 4 5 O VAL A 133 ? O VAL A 113 N ILE A 33  ? N ILE A 13  
A 5 6 N THR A 34  ? N THR A 14  O LEU A 161 ? O LEU A 141 
B 1 2 N ALA A 163 ? N ALA A 143 O SER A 172 ? O SER A 152 
C 1 2 O LYS A 182 ? O LYS A 162 N ILE A 179 ? N ILE A 159 
C 2 3 N LEU A 178 ? N LEU A 158 O SER A 198 ? O SER A 178 
# 
loop_
_struct_site.id 
_struct_site.pdbx_evidence_code 
_struct_site.pdbx_auth_asym_id 
_struct_site.pdbx_auth_comp_id 
_struct_site.pdbx_auth_seq_id 
_struct_site.pdbx_auth_ins_code 
_struct_site.pdbx_num_residues 
_struct_site.details 
AC1 Software A ZN  200 ? 4 'BINDING SITE FOR RESIDUE ZN A 200'  
AC2 Software A GOL 201 ? 9 'BINDING SITE FOR RESIDUE GOL A 201' 
# 
loop_
_struct_site_gen.id 
_struct_site_gen.site_id 
_struct_site_gen.pdbx_num_res 
_struct_site_gen.label_comp_id 
_struct_site_gen.label_asym_id 
_struct_site_gen.label_seq_id 
_struct_site_gen.pdbx_auth_ins_code 
_struct_site_gen.auth_comp_id 
_struct_site_gen.auth_asym_id 
_struct_site_gen.auth_seq_id 
_struct_site_gen.label_atom_id 
_struct_site_gen.label_alt_id 
_struct_site_gen.symmetry 
_struct_site_gen.details 
1  AC1 4 CYS A 165 ? CYS A 145 . ? 1_555 ? 
2  AC1 4 CYS A 168 ? CYS A 148 . ? 1_555 ? 
3  AC1 4 CYS A 203 ? CYS A 183 . ? 1_555 ? 
4  AC1 4 HIS A 206 ? HIS A 186 . ? 1_555 ? 
5  AC2 9 SER A 36  ? SER A 16  . ? 1_555 ? 
6  AC2 9 MSE A 37  ? MSE A 17  . ? 1_555 ? 
7  AC2 9 PHE A 38  ? PHE A 18  . ? 1_555 ? 
8  AC2 9 SER A 39  ? SER A 19  . ? 1_555 ? 
9  AC2 9 GLY A 40  ? GLY A 20  . ? 1_555 ? 
10 AC2 9 LYS A 41  ? LYS A 21  . ? 1_555 ? 
11 AC2 9 SER A 42  ? SER A 22  . ? 1_555 ? 
12 AC2 9 ARG A 51  ? ARG A 31  . ? 2_655 ? 
13 AC2 9 HOH D .   ? HOH A 227 . ? 1_555 ? 
# 
_pdbx_entry_details.entry_id                   3E2I 
_pdbx_entry_details.compound_details           ? 
_pdbx_entry_details.source_details             ? 
_pdbx_entry_details.nonpolymer_details         ? 
_pdbx_entry_details.sequence_details           ? 
_pdbx_entry_details.has_ligand_of_interest     ? 
_pdbx_entry_details.has_protein_modification   Y 
# 
_pdbx_validate_rmsd_bond.id                        1 
_pdbx_validate_rmsd_bond.PDB_model_num             1 
_pdbx_validate_rmsd_bond.auth_atom_id_1            CB 
_pdbx_validate_rmsd_bond.auth_asym_id_1            A 
_pdbx_validate_rmsd_bond.auth_comp_id_1            CYS 
_pdbx_validate_rmsd_bond.auth_seq_id_1             12 
_pdbx_validate_rmsd_bond.PDB_ins_code_1            ? 
_pdbx_validate_rmsd_bond.label_alt_id_1            ? 
_pdbx_validate_rmsd_bond.auth_atom_id_2            SG 
_pdbx_validate_rmsd_bond.auth_asym_id_2            A 
_pdbx_validate_rmsd_bond.auth_comp_id_2            CYS 
_pdbx_validate_rmsd_bond.auth_seq_id_2             12 
_pdbx_validate_rmsd_bond.PDB_ins_code_2            ? 
_pdbx_validate_rmsd_bond.label_alt_id_2            ? 
_pdbx_validate_rmsd_bond.bond_value                1.710 
_pdbx_validate_rmsd_bond.bond_target_value         1.812 
_pdbx_validate_rmsd_bond.bond_deviation            -0.102 
_pdbx_validate_rmsd_bond.bond_standard_deviation   0.016 
_pdbx_validate_rmsd_bond.linker_flag               N 
# 
_pdbx_validate_torsion.id              1 
_pdbx_validate_torsion.PDB_model_num   1 
_pdbx_validate_torsion.auth_comp_id    ALA 
_pdbx_validate_torsion.auth_asym_id    A 
_pdbx_validate_torsion.auth_seq_id     143 
_pdbx_validate_torsion.PDB_ins_code    ? 
_pdbx_validate_torsion.label_alt_id    ? 
_pdbx_validate_torsion.phi             -105.75 
_pdbx_validate_torsion.psi             -160.53 
# 
loop_
_pdbx_struct_mod_residue.id 
_pdbx_struct_mod_residue.label_asym_id 
_pdbx_struct_mod_residue.label_comp_id 
_pdbx_struct_mod_residue.label_seq_id 
_pdbx_struct_mod_residue.auth_asym_id 
_pdbx_struct_mod_residue.auth_comp_id 
_pdbx_struct_mod_residue.auth_seq_id 
_pdbx_struct_mod_residue.PDB_ins_code 
_pdbx_struct_mod_residue.parent_comp_id 
_pdbx_struct_mod_residue.details 
1 A MSE 37  A MSE 17  ? MET SELENOMETHIONINE 
2 A MSE 95  A MSE 75  ? MET SELENOMETHIONINE 
3 A MSE 138 A MSE 118 ? MET SELENOMETHIONINE 
4 A MSE 148 A MSE 128 ? MET SELENOMETHIONINE 
5 A MSE 152 A MSE 132 ? MET SELENOMETHIONINE 
# 
loop_
_pdbx_struct_special_symmetry.id 
_pdbx_struct_special_symmetry.PDB_model_num 
_pdbx_struct_special_symmetry.auth_asym_id 
_pdbx_struct_special_symmetry.auth_comp_id 
_pdbx_struct_special_symmetry.auth_seq_id 
_pdbx_struct_special_symmetry.PDB_ins_code 
_pdbx_struct_special_symmetry.label_asym_id 
_pdbx_struct_special_symmetry.label_comp_id 
_pdbx_struct_special_symmetry.label_seq_id 
1 1 A HOH 225 ? D HOH . 
2 1 A HOH 247 ? D HOH . 
# 
_pdbx_refine_tls.id               1 
_pdbx_refine_tls.details          ? 
_pdbx_refine_tls.method           refined 
_pdbx_refine_tls.origin_x         0.1743 
_pdbx_refine_tls.origin_y         0.0828 
_pdbx_refine_tls.origin_z         0.0240 
_pdbx_refine_tls.T[1][1]          0.0929 
_pdbx_refine_tls.T[2][2]          0.1111 
_pdbx_refine_tls.T[3][3]          0.0257 
_pdbx_refine_tls.T[1][2]          0.0048 
_pdbx_refine_tls.T[1][3]          -0.0159 
_pdbx_refine_tls.T[2][3]          -0.0105 
_pdbx_refine_tls.L[1][1]          1.8890 
_pdbx_refine_tls.L[2][2]          1.6749 
_pdbx_refine_tls.L[3][3]          0.9526 
_pdbx_refine_tls.L[1][2]          -0.0476 
_pdbx_refine_tls.L[1][3]          -0.0955 
_pdbx_refine_tls.L[2][3]          -0.5264 
_pdbx_refine_tls.S[1][1]          -0.0778 
_pdbx_refine_tls.S[2][2]          0.1271 
_pdbx_refine_tls.S[3][3]          -0.0494 
_pdbx_refine_tls.S[1][2]          -0.2579 
_pdbx_refine_tls.S[1][3]          0.0415 
_pdbx_refine_tls.S[2][3]          -0.0563 
_pdbx_refine_tls.S[2][1]          0.2864 
_pdbx_refine_tls.S[3][1]          -0.0661 
_pdbx_refine_tls.S[3][2]          -0.0022 
_pdbx_refine_tls.pdbx_refine_id   'X-RAY DIFFRACTION' 
# 
_pdbx_refine_tls_group.id                  1 
_pdbx_refine_tls_group.refine_tls_id       1 
_pdbx_refine_tls_group.beg_auth_asym_id    A 
_pdbx_refine_tls_group.end_auth_asym_id    A 
_pdbx_refine_tls_group.end_auth_seq_id     192 
_pdbx_refine_tls_group.selection           ? 
_pdbx_refine_tls_group.beg_auth_seq_id     7 
_pdbx_refine_tls_group.beg_label_asym_id   A 
_pdbx_refine_tls_group.beg_label_seq_id    27 
_pdbx_refine_tls_group.end_label_asym_id   A 
_pdbx_refine_tls_group.end_label_seq_id    212 
_pdbx_refine_tls_group.pdbx_refine_id      'X-RAY DIFFRACTION' 
_pdbx_refine_tls_group.selection_details   ? 
# 
loop_
_pdbx_phasing_MAD_set.id 
_pdbx_phasing_MAD_set.d_res_low 
_pdbx_phasing_MAD_set.d_res_high 
_pdbx_phasing_MAD_set.reflns_acentric 
_pdbx_phasing_MAD_set.reflns_centric 
_pdbx_phasing_MAD_set.R_cullis_acentric 
_pdbx_phasing_MAD_set.R_cullis_centric 
ISO_1 44.81 2.01 14469 2733 0.000 0.000 
ANO_1 44.81 2.01 14468 0    0.431 0.000 
# 
loop_
_pdbx_phasing_MAD_set_shell.id 
_pdbx_phasing_MAD_set_shell.d_res_low 
_pdbx_phasing_MAD_set_shell.d_res_high 
_pdbx_phasing_MAD_set_shell.reflns_acentric 
_pdbx_phasing_MAD_set_shell.reflns_centric 
_pdbx_phasing_MAD_set_shell.R_cullis_acentric 
_pdbx_phasing_MAD_set_shell.R_cullis_centric 
ISO_1 44.81 8.83 122  124 0.000 0.000 
ISO_1 8.83  6.31 259  135 0.000 0.000 
ISO_1 6.31  5.17 353  134 0.000 0.000 
ISO_1 5.17  4.48 436  138 0.000 0.000 
ISO_1 4.48  4.01 491  133 0.000 0.000 
ISO_1 4.01  3.67 556  142 0.000 0.000 
ISO_1 3.67  3.40 604  135 0.000 0.000 
ISO_1 3.40  3.18 667  140 0.000 0.000 
ISO_1 3.18  3.00 707  134 0.000 0.000 
ISO_1 3.00  2.84 748  143 0.000 0.000 
ISO_1 2.84  2.71 792  141 0.000 0.000 
ISO_1 2.71  2.60 833  132 0.000 0.000 
ISO_1 2.60  2.50 858  141 0.000 0.000 
ISO_1 2.50  2.41 914  130 0.000 0.000 
ISO_1 2.41  2.32 942  143 0.000 0.000 
ISO_1 2.32  2.25 961  140 0.000 0.000 
ISO_1 2.25  2.18 1007 133 0.000 0.000 
ISO_1 2.18  2.12 1048 139 0.000 0.000 
ISO_1 2.12  2.07 1075 141 0.000 0.000 
ISO_1 2.07  2.01 1096 135 0.000 0.000 
ANO_1 44.81 8.83 122  0   0.252 0.000 
ANO_1 8.83  6.31 259  0   0.272 0.000 
ANO_1 6.31  5.17 353  0   0.279 0.000 
ANO_1 5.17  4.48 436  0   0.319 0.000 
ANO_1 4.48  4.01 491  0   0.321 0.000 
ANO_1 4.01  3.67 556  0   0.342 0.000 
ANO_1 3.67  3.40 604  0   0.359 0.000 
ANO_1 3.40  3.18 667  0   0.377 0.000 
ANO_1 3.18  3.00 707  0   0.380 0.000 
ANO_1 3.00  2.84 748  0   0.386 0.000 
ANO_1 2.84  2.71 792  0   0.440 0.000 
ANO_1 2.71  2.60 833  0   0.448 0.000 
ANO_1 2.60  2.50 858  0   0.485 0.000 
ANO_1 2.50  2.41 914  0   0.520 0.000 
ANO_1 2.41  2.32 942  0   0.554 0.000 
ANO_1 2.32  2.25 961  0   0.597 0.000 
ANO_1 2.25  2.18 1007 0   0.648 0.000 
ANO_1 2.18  2.12 1048 0   0.670 0.000 
ANO_1 2.12  2.07 1075 0   0.715 0.000 
ANO_1 2.07  2.01 1095 0   0.810 0.000 
# 
loop_
_pdbx_phasing_MAD_set_site.id 
_pdbx_phasing_MAD_set_site.atom_type_symbol 
_pdbx_phasing_MAD_set_site.Cartn_x 
_pdbx_phasing_MAD_set_site.Cartn_y 
_pdbx_phasing_MAD_set_site.Cartn_z 
_pdbx_phasing_MAD_set_site.occupancy 
_pdbx_phasing_MAD_set_site.b_iso 
1 SE -3.021  32.524 29.130 0.81 23.31 
2 SE -11.696 29.433 31.682 0.80 24.91 
3 SE 3.696   25.180 37.384 0.86 33.68 
4 SE -11.648 25.169 33.954 0.50 24.66 
5 SE -20.045 9.334  35.058 0.75 48.97 
6 SE 5.505   41.382 37.098 0.43 33.06 
# 
_pdbx_phasing_dm.entry_id   3E2I 
_pdbx_phasing_dm.method     'Solvent flattening  and Histogram matching' 
_pdbx_phasing_dm.reflns     17202 
# 
loop_
_pdbx_phasing_dm_shell.d_res_high 
_pdbx_phasing_dm_shell.d_res_low 
_pdbx_phasing_dm_shell.delta_phi_final 
_pdbx_phasing_dm_shell.delta_phi_initial 
_pdbx_phasing_dm_shell.fom_acentric 
_pdbx_phasing_dm_shell.fom_centric 
_pdbx_phasing_dm_shell.fom 
_pdbx_phasing_dm_shell.reflns_acentric 
_pdbx_phasing_dm_shell.reflns_centric 
_pdbx_phasing_dm_shell.reflns 
6.860 100.000 66.400 ? ? ? 0.819 ? ? 506  
5.380 6.860   60.200 ? ? ? 0.895 ? ? 503  
4.670 5.380   60.500 ? ? ? 0.932 ? ? 510  
4.210 4.670   53.400 ? ? ? 0.929 ? ? 506  
3.900 4.210   55.000 ? ? ? 0.932 ? ? 506  
3.660 3.900   57.200 ? ? ? 0.938 ? ? 504  
3.470 3.660   59.200 ? ? ? 0.923 ? ? 515  
3.310 3.470   58.500 ? ? ? 0.916 ? ? 523  
3.170 3.310   55.100 ? ? ? 0.921 ? ? 539  
3.040 3.170   58.200 ? ? ? 0.918 ? ? 585  
2.930 3.040   62.700 ? ? ? 0.918 ? ? 588  
2.830 2.930   56.200 ? ? ? 0.916 ? ? 610  
2.740 2.830   53.600 ? ? ? 0.912 ? ? 620  
2.660 2.740   58.300 ? ? ? 0.907 ? ? 663  
2.580 2.660   58.400 ? ? ? 0.897 ? ? 676  
2.510 2.580   59.000 ? ? ? 0.892 ? ? 691  
2.450 2.510   60.200 ? ? ? 0.895 ? ? 701  
2.390 2.450   57.100 ? ? ? 0.896 ? ? 707  
2.330 2.390   59.100 ? ? ? 0.886 ? ? 739  
2.280 2.330   59.900 ? ? ? 0.892 ? ? 770  
2.230 2.280   63.300 ? ? ? 0.907 ? ? 748  
2.190 2.230   63.300 ? ? ? 0.888 ? ? 788  
2.140 2.190   59.000 ? ? ? 0.887 ? ? 804  
2.100 2.140   63.000 ? ? ? 0.891 ? ? 791  
2.070 2.100   63.300 ? ? ? 0.858 ? ? 853  
2.010 2.070   69.700 ? ? ? 0.815 ? ? 1256 
# 
_phasing.method   SAD 
# 
loop_
_pdbx_unobs_or_zero_occ_residues.id 
_pdbx_unobs_or_zero_occ_residues.PDB_model_num 
_pdbx_unobs_or_zero_occ_residues.polymer_flag 
_pdbx_unobs_or_zero_occ_residues.occupancy_flag 
_pdbx_unobs_or_zero_occ_residues.auth_asym_id 
_pdbx_unobs_or_zero_occ_residues.auth_comp_id 
_pdbx_unobs_or_zero_occ_residues.auth_seq_id 
_pdbx_unobs_or_zero_occ_residues.PDB_ins_code 
_pdbx_unobs_or_zero_occ_residues.label_asym_id 
_pdbx_unobs_or_zero_occ_residues.label_comp_id 
_pdbx_unobs_or_zero_occ_residues.label_seq_id 
1  1 Y 1 A MSE -19 ? A MSE 1   
2  1 Y 1 A GLY -18 ? A GLY 2   
3  1 Y 1 A SER -17 ? A SER 3   
4  1 Y 1 A SER -16 ? A SER 4   
5  1 Y 1 A HIS -15 ? A HIS 5   
6  1 Y 1 A HIS -14 ? A HIS 6   
7  1 Y 1 A HIS -13 ? A HIS 7   
8  1 Y 1 A HIS -12 ? A HIS 8   
9  1 Y 1 A HIS -11 ? A HIS 9   
10 1 Y 1 A HIS -10 ? A HIS 10  
11 1 Y 1 A SER -9  ? A SER 11  
12 1 Y 1 A SER -8  ? A SER 12  
13 1 Y 1 A GLY -7  ? A GLY 13  
14 1 Y 1 A LEU -6  ? A LEU 14  
15 1 Y 1 A VAL -5  ? A VAL 15  
16 1 Y 1 A PRO -4  ? A PRO 16  
17 1 Y 1 A ARG -3  ? A ARG 17  
18 1 Y 1 A GLY -2  ? A GLY 18  
19 1 Y 1 A SER -1  ? A SER 19  
20 1 Y 1 A HIS 0   ? A HIS 20  
21 1 Y 1 A MSE 1   ? A MSE 21  
22 1 Y 1 A TYR 2   ? A TYR 22  
23 1 Y 1 A GLU 3   ? A GLU 23  
24 1 Y 1 A THR 4   ? A THR 24  
25 1 Y 1 A TYR 5   ? A TYR 25  
26 1 Y 1 A HIS 6   ? A HIS 26  
27 1 Y 1 A ILE 46  ? A ILE 66  
28 1 Y 1 A ASP 47  ? A ASP 67  
29 1 Y 1 A ASP 48  ? A ASP 68  
30 1 Y 1 A ARG 49  ? A ARG 69  
31 1 Y 1 A TYR 50  ? A TYR 70  
32 1 Y 1 A HIS 51  ? A HIS 71  
33 1 Y 1 A LYS 52  ? A LYS 72  
34 1 Y 1 A GLU 53  ? A GLU 73  
35 1 Y 1 A LYS 54  ? A LYS 74  
36 1 Y 1 A VAL 55  ? A VAL 75  
37 1 Y 1 A VAL 56  ? A VAL 76  
38 1 Y 1 A ASP 193 ? A ASP 213 
39 1 Y 1 A ASN 194 ? A ASN 214 
40 1 Y 1 A ASN 195 ? A ASN 215 
41 1 Y 1 A LYS 196 ? A LYS 216 
42 1 Y 1 A GLU 197 ? A GLU 217 
43 1 Y 1 A GLU 198 ? A GLU 218 
44 1 Y 1 A LEU 199 ? A LEU 219 
# 
loop_
_chem_comp_atom.comp_id 
_chem_comp_atom.atom_id 
_chem_comp_atom.type_symbol 
_chem_comp_atom.pdbx_aromatic_flag 
_chem_comp_atom.pdbx_stereo_config 
_chem_comp_atom.pdbx_ordinal 
ALA N    N  N N 1   
ALA CA   C  N S 2   
ALA C    C  N N 3   
ALA O    O  N N 4   
ALA CB   C  N N 5   
ALA OXT  O  N N 6   
ALA H    H  N N 7   
ALA H2   H  N N 8   
ALA HA   H  N N 9   
ALA HB1  H  N N 10  
ALA HB2  H  N N 11  
ALA HB3  H  N N 12  
ALA HXT  H  N N 13  
ARG N    N  N N 14  
ARG CA   C  N S 15  
ARG C    C  N N 16  
ARG O    O  N N 17  
ARG CB   C  N N 18  
ARG CG   C  N N 19  
ARG CD   C  N N 20  
ARG NE   N  N N 21  
ARG CZ   C  N N 22  
ARG NH1  N  N N 23  
ARG NH2  N  N N 24  
ARG OXT  O  N N 25  
ARG H    H  N N 26  
ARG H2   H  N N 27  
ARG HA   H  N N 28  
ARG HB2  H  N N 29  
ARG HB3  H  N N 30  
ARG HG2  H  N N 31  
ARG HG3  H  N N 32  
ARG HD2  H  N N 33  
ARG HD3  H  N N 34  
ARG HE   H  N N 35  
ARG HH11 H  N N 36  
ARG HH12 H  N N 37  
ARG HH21 H  N N 38  
ARG HH22 H  N N 39  
ARG HXT  H  N N 40  
ASN N    N  N N 41  
ASN CA   C  N S 42  
ASN C    C  N N 43  
ASN O    O  N N 44  
ASN CB   C  N N 45  
ASN CG   C  N N 46  
ASN OD1  O  N N 47  
ASN ND2  N  N N 48  
ASN OXT  O  N N 49  
ASN H    H  N N 50  
ASN H2   H  N N 51  
ASN HA   H  N N 52  
ASN HB2  H  N N 53  
ASN HB3  H  N N 54  
ASN HD21 H  N N 55  
ASN HD22 H  N N 56  
ASN HXT  H  N N 57  
ASP N    N  N N 58  
ASP CA   C  N S 59  
ASP C    C  N N 60  
ASP O    O  N N 61  
ASP CB   C  N N 62  
ASP CG   C  N N 63  
ASP OD1  O  N N 64  
ASP OD2  O  N N 65  
ASP OXT  O  N N 66  
ASP H    H  N N 67  
ASP H2   H  N N 68  
ASP HA   H  N N 69  
ASP HB2  H  N N 70  
ASP HB3  H  N N 71  
ASP HD2  H  N N 72  
ASP HXT  H  N N 73  
CYS N    N  N N 74  
CYS CA   C  N R 75  
CYS C    C  N N 76  
CYS O    O  N N 77  
CYS CB   C  N N 78  
CYS SG   S  N N 79  
CYS OXT  O  N N 80  
CYS H    H  N N 81  
CYS H2   H  N N 82  
CYS HA   H  N N 83  
CYS HB2  H  N N 84  
CYS HB3  H  N N 85  
CYS HG   H  N N 86  
CYS HXT  H  N N 87  
GLN N    N  N N 88  
GLN CA   C  N S 89  
GLN C    C  N N 90  
GLN O    O  N N 91  
GLN CB   C  N N 92  
GLN CG   C  N N 93  
GLN CD   C  N N 94  
GLN OE1  O  N N 95  
GLN NE2  N  N N 96  
GLN OXT  O  N N 97  
GLN H    H  N N 98  
GLN H2   H  N N 99  
GLN HA   H  N N 100 
GLN HB2  H  N N 101 
GLN HB3  H  N N 102 
GLN HG2  H  N N 103 
GLN HG3  H  N N 104 
GLN HE21 H  N N 105 
GLN HE22 H  N N 106 
GLN HXT  H  N N 107 
GLU N    N  N N 108 
GLU CA   C  N S 109 
GLU C    C  N N 110 
GLU O    O  N N 111 
GLU CB   C  N N 112 
GLU CG   C  N N 113 
GLU CD   C  N N 114 
GLU OE1  O  N N 115 
GLU OE2  O  N N 116 
GLU OXT  O  N N 117 
GLU H    H  N N 118 
GLU H2   H  N N 119 
GLU HA   H  N N 120 
GLU HB2  H  N N 121 
GLU HB3  H  N N 122 
GLU HG2  H  N N 123 
GLU HG3  H  N N 124 
GLU HE2  H  N N 125 
GLU HXT  H  N N 126 
GLY N    N  N N 127 
GLY CA   C  N N 128 
GLY C    C  N N 129 
GLY O    O  N N 130 
GLY OXT  O  N N 131 
GLY H    H  N N 132 
GLY H2   H  N N 133 
GLY HA2  H  N N 134 
GLY HA3  H  N N 135 
GLY HXT  H  N N 136 
GOL C1   C  N N 137 
GOL O1   O  N N 138 
GOL C2   C  N N 139 
GOL O2   O  N N 140 
GOL C3   C  N N 141 
GOL O3   O  N N 142 
GOL H11  H  N N 143 
GOL H12  H  N N 144 
GOL HO1  H  N N 145 
GOL H2   H  N N 146 
GOL HO2  H  N N 147 
GOL H31  H  N N 148 
GOL H32  H  N N 149 
GOL HO3  H  N N 150 
HIS N    N  N N 151 
HIS CA   C  N S 152 
HIS C    C  N N 153 
HIS O    O  N N 154 
HIS CB   C  N N 155 
HIS CG   C  Y N 156 
HIS ND1  N  Y N 157 
HIS CD2  C  Y N 158 
HIS CE1  C  Y N 159 
HIS NE2  N  Y N 160 
HIS OXT  O  N N 161 
HIS H    H  N N 162 
HIS H2   H  N N 163 
HIS HA   H  N N 164 
HIS HB2  H  N N 165 
HIS HB3  H  N N 166 
HIS HD1  H  N N 167 
HIS HD2  H  N N 168 
HIS HE1  H  N N 169 
HIS HE2  H  N N 170 
HIS HXT  H  N N 171 
HOH O    O  N N 172 
HOH H1   H  N N 173 
HOH H2   H  N N 174 
ILE N    N  N N 175 
ILE CA   C  N S 176 
ILE C    C  N N 177 
ILE O    O  N N 178 
ILE CB   C  N S 179 
ILE CG1  C  N N 180 
ILE CG2  C  N N 181 
ILE CD1  C  N N 182 
ILE OXT  O  N N 183 
ILE H    H  N N 184 
ILE H2   H  N N 185 
ILE HA   H  N N 186 
ILE HB   H  N N 187 
ILE HG12 H  N N 188 
ILE HG13 H  N N 189 
ILE HG21 H  N N 190 
ILE HG22 H  N N 191 
ILE HG23 H  N N 192 
ILE HD11 H  N N 193 
ILE HD12 H  N N 194 
ILE HD13 H  N N 195 
ILE HXT  H  N N 196 
LEU N    N  N N 197 
LEU CA   C  N S 198 
LEU C    C  N N 199 
LEU O    O  N N 200 
LEU CB   C  N N 201 
LEU CG   C  N N 202 
LEU CD1  C  N N 203 
LEU CD2  C  N N 204 
LEU OXT  O  N N 205 
LEU H    H  N N 206 
LEU H2   H  N N 207 
LEU HA   H  N N 208 
LEU HB2  H  N N 209 
LEU HB3  H  N N 210 
LEU HG   H  N N 211 
LEU HD11 H  N N 212 
LEU HD12 H  N N 213 
LEU HD13 H  N N 214 
LEU HD21 H  N N 215 
LEU HD22 H  N N 216 
LEU HD23 H  N N 217 
LEU HXT  H  N N 218 
LYS N    N  N N 219 
LYS CA   C  N S 220 
LYS C    C  N N 221 
LYS O    O  N N 222 
LYS CB   C  N N 223 
LYS CG   C  N N 224 
LYS CD   C  N N 225 
LYS CE   C  N N 226 
LYS NZ   N  N N 227 
LYS OXT  O  N N 228 
LYS H    H  N N 229 
LYS H2   H  N N 230 
LYS HA   H  N N 231 
LYS HB2  H  N N 232 
LYS HB3  H  N N 233 
LYS HG2  H  N N 234 
LYS HG3  H  N N 235 
LYS HD2  H  N N 236 
LYS HD3  H  N N 237 
LYS HE2  H  N N 238 
LYS HE3  H  N N 239 
LYS HZ1  H  N N 240 
LYS HZ2  H  N N 241 
LYS HZ3  H  N N 242 
LYS HXT  H  N N 243 
MSE N    N  N N 244 
MSE CA   C  N S 245 
MSE C    C  N N 246 
MSE O    O  N N 247 
MSE OXT  O  N N 248 
MSE CB   C  N N 249 
MSE CG   C  N N 250 
MSE SE   SE N N 251 
MSE CE   C  N N 252 
MSE H    H  N N 253 
MSE H2   H  N N 254 
MSE HA   H  N N 255 
MSE HXT  H  N N 256 
MSE HB2  H  N N 257 
MSE HB3  H  N N 258 
MSE HG2  H  N N 259 
MSE HG3  H  N N 260 
MSE HE1  H  N N 261 
MSE HE2  H  N N 262 
MSE HE3  H  N N 263 
PHE N    N  N N 264 
PHE CA   C  N S 265 
PHE C    C  N N 266 
PHE O    O  N N 267 
PHE CB   C  N N 268 
PHE CG   C  Y N 269 
PHE CD1  C  Y N 270 
PHE CD2  C  Y N 271 
PHE CE1  C  Y N 272 
PHE CE2  C  Y N 273 
PHE CZ   C  Y N 274 
PHE OXT  O  N N 275 
PHE H    H  N N 276 
PHE H2   H  N N 277 
PHE HA   H  N N 278 
PHE HB2  H  N N 279 
PHE HB3  H  N N 280 
PHE HD1  H  N N 281 
PHE HD2  H  N N 282 
PHE HE1  H  N N 283 
PHE HE2  H  N N 284 
PHE HZ   H  N N 285 
PHE HXT  H  N N 286 
PRO N    N  N N 287 
PRO CA   C  N S 288 
PRO C    C  N N 289 
PRO O    O  N N 290 
PRO CB   C  N N 291 
PRO CG   C  N N 292 
PRO CD   C  N N 293 
PRO OXT  O  N N 294 
PRO H    H  N N 295 
PRO HA   H  N N 296 
PRO HB2  H  N N 297 
PRO HB3  H  N N 298 
PRO HG2  H  N N 299 
PRO HG3  H  N N 300 
PRO HD2  H  N N 301 
PRO HD3  H  N N 302 
PRO HXT  H  N N 303 
SER N    N  N N 304 
SER CA   C  N S 305 
SER C    C  N N 306 
SER O    O  N N 307 
SER CB   C  N N 308 
SER OG   O  N N 309 
SER OXT  O  N N 310 
SER H    H  N N 311 
SER H2   H  N N 312 
SER HA   H  N N 313 
SER HB2  H  N N 314 
SER HB3  H  N N 315 
SER HG   H  N N 316 
SER HXT  H  N N 317 
THR N    N  N N 318 
THR CA   C  N S 319 
THR C    C  N N 320 
THR O    O  N N 321 
THR CB   C  N R 322 
THR OG1  O  N N 323 
THR CG2  C  N N 324 
THR OXT  O  N N 325 
THR H    H  N N 326 
THR H2   H  N N 327 
THR HA   H  N N 328 
THR HB   H  N N 329 
THR HG1  H  N N 330 
THR HG21 H  N N 331 
THR HG22 H  N N 332 
THR HG23 H  N N 333 
THR HXT  H  N N 334 
TRP N    N  N N 335 
TRP CA   C  N S 336 
TRP C    C  N N 337 
TRP O    O  N N 338 
TRP CB   C  N N 339 
TRP CG   C  Y N 340 
TRP CD1  C  Y N 341 
TRP CD2  C  Y N 342 
TRP NE1  N  Y N 343 
TRP CE2  C  Y N 344 
TRP CE3  C  Y N 345 
TRP CZ2  C  Y N 346 
TRP CZ3  C  Y N 347 
TRP CH2  C  Y N 348 
TRP OXT  O  N N 349 
TRP H    H  N N 350 
TRP H2   H  N N 351 
TRP HA   H  N N 352 
TRP HB2  H  N N 353 
TRP HB3  H  N N 354 
TRP HD1  H  N N 355 
TRP HE1  H  N N 356 
TRP HE3  H  N N 357 
TRP HZ2  H  N N 358 
TRP HZ3  H  N N 359 
TRP HH2  H  N N 360 
TRP HXT  H  N N 361 
TYR N    N  N N 362 
TYR CA   C  N S 363 
TYR C    C  N N 364 
TYR O    O  N N 365 
TYR CB   C  N N 366 
TYR CG   C  Y N 367 
TYR CD1  C  Y N 368 
TYR CD2  C  Y N 369 
TYR CE1  C  Y N 370 
TYR CE2  C  Y N 371 
TYR CZ   C  Y N 372 
TYR OH   O  N N 373 
TYR OXT  O  N N 374 
TYR H    H  N N 375 
TYR H2   H  N N 376 
TYR HA   H  N N 377 
TYR HB2  H  N N 378 
TYR HB3  H  N N 379 
TYR HD1  H  N N 380 
TYR HD2  H  N N 381 
TYR HE1  H  N N 382 
TYR HE2  H  N N 383 
TYR HH   H  N N 384 
TYR HXT  H  N N 385 
VAL N    N  N N 386 
VAL CA   C  N S 387 
VAL C    C  N N 388 
VAL O    O  N N 389 
VAL CB   C  N N 390 
VAL CG1  C  N N 391 
VAL CG2  C  N N 392 
VAL OXT  O  N N 393 
VAL H    H  N N 394 
VAL H2   H  N N 395 
VAL HA   H  N N 396 
VAL HB   H  N N 397 
VAL HG11 H  N N 398 
VAL HG12 H  N N 399 
VAL HG13 H  N N 400 
VAL HG21 H  N N 401 
VAL HG22 H  N N 402 
VAL HG23 H  N N 403 
VAL HXT  H  N N 404 
ZN  ZN   ZN N N 405 
# 
loop_
_chem_comp_bond.comp_id 
_chem_comp_bond.atom_id_1 
_chem_comp_bond.atom_id_2 
_chem_comp_bond.value_order 
_chem_comp_bond.pdbx_aromatic_flag 
_chem_comp_bond.pdbx_stereo_config 
_chem_comp_bond.pdbx_ordinal 
ALA N   CA   sing N N 1   
ALA N   H    sing N N 2   
ALA N   H2   sing N N 3   
ALA CA  C    sing N N 4   
ALA CA  CB   sing N N 5   
ALA CA  HA   sing N N 6   
ALA C   O    doub N N 7   
ALA C   OXT  sing N N 8   
ALA CB  HB1  sing N N 9   
ALA CB  HB2  sing N N 10  
ALA CB  HB3  sing N N 11  
ALA OXT HXT  sing N N 12  
ARG N   CA   sing N N 13  
ARG N   H    sing N N 14  
ARG N   H2   sing N N 15  
ARG CA  C    sing N N 16  
ARG CA  CB   sing N N 17  
ARG CA  HA   sing N N 18  
ARG C   O    doub N N 19  
ARG C   OXT  sing N N 20  
ARG CB  CG   sing N N 21  
ARG CB  HB2  sing N N 22  
ARG CB  HB3  sing N N 23  
ARG CG  CD   sing N N 24  
ARG CG  HG2  sing N N 25  
ARG CG  HG3  sing N N 26  
ARG CD  NE   sing N N 27  
ARG CD  HD2  sing N N 28  
ARG CD  HD3  sing N N 29  
ARG NE  CZ   sing N N 30  
ARG NE  HE   sing N N 31  
ARG CZ  NH1  sing N N 32  
ARG CZ  NH2  doub N N 33  
ARG NH1 HH11 sing N N 34  
ARG NH1 HH12 sing N N 35  
ARG NH2 HH21 sing N N 36  
ARG NH2 HH22 sing N N 37  
ARG OXT HXT  sing N N 38  
ASN N   CA   sing N N 39  
ASN N   H    sing N N 40  
ASN N   H2   sing N N 41  
ASN CA  C    sing N N 42  
ASN CA  CB   sing N N 43  
ASN CA  HA   sing N N 44  
ASN C   O    doub N N 45  
ASN C   OXT  sing N N 46  
ASN CB  CG   sing N N 47  
ASN CB  HB2  sing N N 48  
ASN CB  HB3  sing N N 49  
ASN CG  OD1  doub N N 50  
ASN CG  ND2  sing N N 51  
ASN ND2 HD21 sing N N 52  
ASN ND2 HD22 sing N N 53  
ASN OXT HXT  sing N N 54  
ASP N   CA   sing N N 55  
ASP N   H    sing N N 56  
ASP N   H2   sing N N 57  
ASP CA  C    sing N N 58  
ASP CA  CB   sing N N 59  
ASP CA  HA   sing N N 60  
ASP C   O    doub N N 61  
ASP C   OXT  sing N N 62  
ASP CB  CG   sing N N 63  
ASP CB  HB2  sing N N 64  
ASP CB  HB3  sing N N 65  
ASP CG  OD1  doub N N 66  
ASP CG  OD2  sing N N 67  
ASP OD2 HD2  sing N N 68  
ASP OXT HXT  sing N N 69  
CYS N   CA   sing N N 70  
CYS N   H    sing N N 71  
CYS N   H2   sing N N 72  
CYS CA  C    sing N N 73  
CYS CA  CB   sing N N 74  
CYS CA  HA   sing N N 75  
CYS C   O    doub N N 76  
CYS C   OXT  sing N N 77  
CYS CB  SG   sing N N 78  
CYS CB  HB2  sing N N 79  
CYS CB  HB3  sing N N 80  
CYS SG  HG   sing N N 81  
CYS OXT HXT  sing N N 82  
GLN N   CA   sing N N 83  
GLN N   H    sing N N 84  
GLN N   H2   sing N N 85  
GLN CA  C    sing N N 86  
GLN CA  CB   sing N N 87  
GLN CA  HA   sing N N 88  
GLN C   O    doub N N 89  
GLN C   OXT  sing N N 90  
GLN CB  CG   sing N N 91  
GLN CB  HB2  sing N N 92  
GLN CB  HB3  sing N N 93  
GLN CG  CD   sing N N 94  
GLN CG  HG2  sing N N 95  
GLN CG  HG3  sing N N 96  
GLN CD  OE1  doub N N 97  
GLN CD  NE2  sing N N 98  
GLN NE2 HE21 sing N N 99  
GLN NE2 HE22 sing N N 100 
GLN OXT HXT  sing N N 101 
GLU N   CA   sing N N 102 
GLU N   H    sing N N 103 
GLU N   H2   sing N N 104 
GLU CA  C    sing N N 105 
GLU CA  CB   sing N N 106 
GLU CA  HA   sing N N 107 
GLU C   O    doub N N 108 
GLU C   OXT  sing N N 109 
GLU CB  CG   sing N N 110 
GLU CB  HB2  sing N N 111 
GLU CB  HB3  sing N N 112 
GLU CG  CD   sing N N 113 
GLU CG  HG2  sing N N 114 
GLU CG  HG3  sing N N 115 
GLU CD  OE1  doub N N 116 
GLU CD  OE2  sing N N 117 
GLU OE2 HE2  sing N N 118 
GLU OXT HXT  sing N N 119 
GLY N   CA   sing N N 120 
GLY N   H    sing N N 121 
GLY N   H2   sing N N 122 
GLY CA  C    sing N N 123 
GLY CA  HA2  sing N N 124 
GLY CA  HA3  sing N N 125 
GLY C   O    doub N N 126 
GLY C   OXT  sing N N 127 
GLY OXT HXT  sing N N 128 
GOL C1  O1   sing N N 129 
GOL C1  C2   sing N N 130 
GOL C1  H11  sing N N 131 
GOL C1  H12  sing N N 132 
GOL O1  HO1  sing N N 133 
GOL C2  O2   sing N N 134 
GOL C2  C3   sing N N 135 
GOL C2  H2   sing N N 136 
GOL O2  HO2  sing N N 137 
GOL C3  O3   sing N N 138 
GOL C3  H31  sing N N 139 
GOL C3  H32  sing N N 140 
GOL O3  HO3  sing N N 141 
HIS N   CA   sing N N 142 
HIS N   H    sing N N 143 
HIS N   H2   sing N N 144 
HIS CA  C    sing N N 145 
HIS CA  CB   sing N N 146 
HIS CA  HA   sing N N 147 
HIS C   O    doub N N 148 
HIS C   OXT  sing N N 149 
HIS CB  CG   sing N N 150 
HIS CB  HB2  sing N N 151 
HIS CB  HB3  sing N N 152 
HIS CG  ND1  sing Y N 153 
HIS CG  CD2  doub Y N 154 
HIS ND1 CE1  doub Y N 155 
HIS ND1 HD1  sing N N 156 
HIS CD2 NE2  sing Y N 157 
HIS CD2 HD2  sing N N 158 
HIS CE1 NE2  sing Y N 159 
HIS CE1 HE1  sing N N 160 
HIS NE2 HE2  sing N N 161 
HIS OXT HXT  sing N N 162 
HOH O   H1   sing N N 163 
HOH O   H2   sing N N 164 
ILE N   CA   sing N N 165 
ILE N   H    sing N N 166 
ILE N   H2   sing N N 167 
ILE CA  C    sing N N 168 
ILE CA  CB   sing N N 169 
ILE CA  HA   sing N N 170 
ILE C   O    doub N N 171 
ILE C   OXT  sing N N 172 
ILE CB  CG1  sing N N 173 
ILE CB  CG2  sing N N 174 
ILE CB  HB   sing N N 175 
ILE CG1 CD1  sing N N 176 
ILE CG1 HG12 sing N N 177 
ILE CG1 HG13 sing N N 178 
ILE CG2 HG21 sing N N 179 
ILE CG2 HG22 sing N N 180 
ILE CG2 HG23 sing N N 181 
ILE CD1 HD11 sing N N 182 
ILE CD1 HD12 sing N N 183 
ILE CD1 HD13 sing N N 184 
ILE OXT HXT  sing N N 185 
LEU N   CA   sing N N 186 
LEU N   H    sing N N 187 
LEU N   H2   sing N N 188 
LEU CA  C    sing N N 189 
LEU CA  CB   sing N N 190 
LEU CA  HA   sing N N 191 
LEU C   O    doub N N 192 
LEU C   OXT  sing N N 193 
LEU CB  CG   sing N N 194 
LEU CB  HB2  sing N N 195 
LEU CB  HB3  sing N N 196 
LEU CG  CD1  sing N N 197 
LEU CG  CD2  sing N N 198 
LEU CG  HG   sing N N 199 
LEU CD1 HD11 sing N N 200 
LEU CD1 HD12 sing N N 201 
LEU CD1 HD13 sing N N 202 
LEU CD2 HD21 sing N N 203 
LEU CD2 HD22 sing N N 204 
LEU CD2 HD23 sing N N 205 
LEU OXT HXT  sing N N 206 
LYS N   CA   sing N N 207 
LYS N   H    sing N N 208 
LYS N   H2   sing N N 209 
LYS CA  C    sing N N 210 
LYS CA  CB   sing N N 211 
LYS CA  HA   sing N N 212 
LYS C   O    doub N N 213 
LYS C   OXT  sing N N 214 
LYS CB  CG   sing N N 215 
LYS CB  HB2  sing N N 216 
LYS CB  HB3  sing N N 217 
LYS CG  CD   sing N N 218 
LYS CG  HG2  sing N N 219 
LYS CG  HG3  sing N N 220 
LYS CD  CE   sing N N 221 
LYS CD  HD2  sing N N 222 
LYS CD  HD3  sing N N 223 
LYS CE  NZ   sing N N 224 
LYS CE  HE2  sing N N 225 
LYS CE  HE3  sing N N 226 
LYS NZ  HZ1  sing N N 227 
LYS NZ  HZ2  sing N N 228 
LYS NZ  HZ3  sing N N 229 
LYS OXT HXT  sing N N 230 
MSE N   CA   sing N N 231 
MSE N   H    sing N N 232 
MSE N   H2   sing N N 233 
MSE CA  C    sing N N 234 
MSE CA  CB   sing N N 235 
MSE CA  HA   sing N N 236 
MSE C   O    doub N N 237 
MSE C   OXT  sing N N 238 
MSE OXT HXT  sing N N 239 
MSE CB  CG   sing N N 240 
MSE CB  HB2  sing N N 241 
MSE CB  HB3  sing N N 242 
MSE CG  SE   sing N N 243 
MSE CG  HG2  sing N N 244 
MSE CG  HG3  sing N N 245 
MSE SE  CE   sing N N 246 
MSE CE  HE1  sing N N 247 
MSE CE  HE2  sing N N 248 
MSE CE  HE3  sing N N 249 
PHE N   CA   sing N N 250 
PHE N   H    sing N N 251 
PHE N   H2   sing N N 252 
PHE CA  C    sing N N 253 
PHE CA  CB   sing N N 254 
PHE CA  HA   sing N N 255 
PHE C   O    doub N N 256 
PHE C   OXT  sing N N 257 
PHE CB  CG   sing N N 258 
PHE CB  HB2  sing N N 259 
PHE CB  HB3  sing N N 260 
PHE CG  CD1  doub Y N 261 
PHE CG  CD2  sing Y N 262 
PHE CD1 CE1  sing Y N 263 
PHE CD1 HD1  sing N N 264 
PHE CD2 CE2  doub Y N 265 
PHE CD2 HD2  sing N N 266 
PHE CE1 CZ   doub Y N 267 
PHE CE1 HE1  sing N N 268 
PHE CE2 CZ   sing Y N 269 
PHE CE2 HE2  sing N N 270 
PHE CZ  HZ   sing N N 271 
PHE OXT HXT  sing N N 272 
PRO N   CA   sing N N 273 
PRO N   CD   sing N N 274 
PRO N   H    sing N N 275 
PRO CA  C    sing N N 276 
PRO CA  CB   sing N N 277 
PRO CA  HA   sing N N 278 
PRO C   O    doub N N 279 
PRO C   OXT  sing N N 280 
PRO CB  CG   sing N N 281 
PRO CB  HB2  sing N N 282 
PRO CB  HB3  sing N N 283 
PRO CG  CD   sing N N 284 
PRO CG  HG2  sing N N 285 
PRO CG  HG3  sing N N 286 
PRO CD  HD2  sing N N 287 
PRO CD  HD3  sing N N 288 
PRO OXT HXT  sing N N 289 
SER N   CA   sing N N 290 
SER N   H    sing N N 291 
SER N   H2   sing N N 292 
SER CA  C    sing N N 293 
SER CA  CB   sing N N 294 
SER CA  HA   sing N N 295 
SER C   O    doub N N 296 
SER C   OXT  sing N N 297 
SER CB  OG   sing N N 298 
SER CB  HB2  sing N N 299 
SER CB  HB3  sing N N 300 
SER OG  HG   sing N N 301 
SER OXT HXT  sing N N 302 
THR N   CA   sing N N 303 
THR N   H    sing N N 304 
THR N   H2   sing N N 305 
THR CA  C    sing N N 306 
THR CA  CB   sing N N 307 
THR CA  HA   sing N N 308 
THR C   O    doub N N 309 
THR C   OXT  sing N N 310 
THR CB  OG1  sing N N 311 
THR CB  CG2  sing N N 312 
THR CB  HB   sing N N 313 
THR OG1 HG1  sing N N 314 
THR CG2 HG21 sing N N 315 
THR CG2 HG22 sing N N 316 
THR CG2 HG23 sing N N 317 
THR OXT HXT  sing N N 318 
TRP N   CA   sing N N 319 
TRP N   H    sing N N 320 
TRP N   H2   sing N N 321 
TRP CA  C    sing N N 322 
TRP CA  CB   sing N N 323 
TRP CA  HA   sing N N 324 
TRP C   O    doub N N 325 
TRP C   OXT  sing N N 326 
TRP CB  CG   sing N N 327 
TRP CB  HB2  sing N N 328 
TRP CB  HB3  sing N N 329 
TRP CG  CD1  doub Y N 330 
TRP CG  CD2  sing Y N 331 
TRP CD1 NE1  sing Y N 332 
TRP CD1 HD1  sing N N 333 
TRP CD2 CE2  doub Y N 334 
TRP CD2 CE3  sing Y N 335 
TRP NE1 CE2  sing Y N 336 
TRP NE1 HE1  sing N N 337 
TRP CE2 CZ2  sing Y N 338 
TRP CE3 CZ3  doub Y N 339 
TRP CE3 HE3  sing N N 340 
TRP CZ2 CH2  doub Y N 341 
TRP CZ2 HZ2  sing N N 342 
TRP CZ3 CH2  sing Y N 343 
TRP CZ3 HZ3  sing N N 344 
TRP CH2 HH2  sing N N 345 
TRP OXT HXT  sing N N 346 
TYR N   CA   sing N N 347 
TYR N   H    sing N N 348 
TYR N   H2   sing N N 349 
TYR CA  C    sing N N 350 
TYR CA  CB   sing N N 351 
TYR CA  HA   sing N N 352 
TYR C   O    doub N N 353 
TYR C   OXT  sing N N 354 
TYR CB  CG   sing N N 355 
TYR CB  HB2  sing N N 356 
TYR CB  HB3  sing N N 357 
TYR CG  CD1  doub Y N 358 
TYR CG  CD2  sing Y N 359 
TYR CD1 CE1  sing Y N 360 
TYR CD1 HD1  sing N N 361 
TYR CD2 CE2  doub Y N 362 
TYR CD2 HD2  sing N N 363 
TYR CE1 CZ   doub Y N 364 
TYR CE1 HE1  sing N N 365 
TYR CE2 CZ   sing Y N 366 
TYR CE2 HE2  sing N N 367 
TYR CZ  OH   sing N N 368 
TYR OH  HH   sing N N 369 
TYR OXT HXT  sing N N 370 
VAL N   CA   sing N N 371 
VAL N   H    sing N N 372 
VAL N   H2   sing N N 373 
VAL CA  C    sing N N 374 
VAL CA  CB   sing N N 375 
VAL CA  HA   sing N N 376 
VAL C   O    doub N N 377 
VAL C   OXT  sing N N 378 
VAL CB  CG1  sing N N 379 
VAL CB  CG2  sing N N 380 
VAL CB  HB   sing N N 381 
VAL CG1 HG11 sing N N 382 
VAL CG1 HG12 sing N N 383 
VAL CG1 HG13 sing N N 384 
VAL CG2 HG21 sing N N 385 
VAL CG2 HG22 sing N N 386 
VAL CG2 HG23 sing N N 387 
VAL OXT HXT  sing N N 388 
# 
_atom_sites.entry_id                    3E2I 
_atom_sites.fract_transf_matrix[1][1]   0.01156348 
_atom_sites.fract_transf_matrix[1][2]   0.00749587 
_atom_sites.fract_transf_matrix[1][3]   -0.00224398 
_atom_sites.fract_transf_matrix[2][1]   -0.00229374 
_atom_sites.fract_transf_matrix[2][2]   0.00707562 
_atom_sites.fract_transf_matrix[2][3]   0.01181574 
_atom_sites.fract_transf_matrix[3][1]   0.00557282 
_atom_sites.fract_transf_matrix[3][2]   -0.00701540 
_atom_sites.fract_transf_matrix[3][3]   0.00528286 
_atom_sites.fract_transf_vector[1]      0.499170 
_atom_sites.fract_transf_vector[2]      0.187752 
_atom_sites.fract_transf_vector[3]      0.129870 
# 
loop_
_atom_type.symbol 
C  
N  
O  
S  
SE 
ZN 
# 
loop_
_atom_site.group_PDB 
_atom_site.id 
_atom_site.type_symbol 
_atom_site.label_atom_id 
_atom_site.label_alt_id 
_atom_site.label_comp_id 
_atom_site.label_asym_id 
_atom_site.label_entity_id 
_atom_site.label_seq_id 
_atom_site.pdbx_PDB_ins_code 
_atom_site.Cartn_x 
_atom_site.Cartn_y 
_atom_site.Cartn_z 
_atom_site.occupancy 
_atom_site.B_iso_or_equiv 
_atom_site.pdbx_formal_charge 
_atom_site.auth_seq_id 
_atom_site.auth_comp_id 
_atom_site.auth_asym_id 
_atom_site.auth_atom_id 
_atom_site.pdbx_PDB_model_num 
ATOM   1    N  N   . SER A 1 27  ? 14.105  14.843  -13.817 1.00 24.31 ? 7   SER A N   1 
ATOM   2    C  CA  . SER A 1 27  ? 13.464  15.141  -12.492 1.00 24.08 ? 7   SER A CA  1 
ATOM   3    C  C   . SER A 1 27  ? 12.748  13.908  -11.921 1.00 22.62 ? 7   SER A C   1 
ATOM   4    O  O   . SER A 1 27  ? 12.695  12.859  -12.573 1.00 23.37 ? 7   SER A O   1 
ATOM   5    C  CB  . SER A 1 27  ? 12.494  16.323  -12.614 1.00 24.27 ? 7   SER A CB  1 
ATOM   6    O  OG  . SER A 1 27  ? 11.177  15.869  -12.908 1.00 26.93 ? 7   SER A OG  1 
ATOM   7    N  N   . GLY A 1 28  ? 12.213  14.029  -10.705 1.00 20.85 ? 8   GLY A N   1 
ATOM   8    C  CA  . GLY A 1 28  ? 11.530  12.905  -10.051 1.00 18.50 ? 8   GLY A CA  1 
ATOM   9    C  C   . GLY A 1 28  ? 10.022  12.946  -10.191 1.00 17.57 ? 8   GLY A C   1 
ATOM   10   O  O   . GLY A 1 28  ? 9.465   13.925  -10.683 1.00 16.89 ? 8   GLY A O   1 
ATOM   11   N  N   . TRP A 1 29  ? 9.357   11.877  -9.749  1.00 15.73 ? 9   TRP A N   1 
ATOM   12   C  CA  . TRP A 1 29  ? 7.895   11.805  -9.770  1.00 14.93 ? 9   TRP A CA  1 
ATOM   13   C  C   . TRP A 1 29  ? 7.408   10.758  -8.758  1.00 13.70 ? 9   TRP A C   1 
ATOM   14   O  O   . TRP A 1 29  ? 8.215   10.038  -8.173  1.00 13.08 ? 9   TRP A O   1 
ATOM   15   C  CB  . TRP A 1 29  ? 7.373   11.509  -11.179 1.00 14.88 ? 9   TRP A CB  1 
ATOM   16   C  CG  . TRP A 1 29  ? 7.674   10.120  -11.713 1.00 16.12 ? 9   TRP A CG  1 
ATOM   17   C  CD1 . TRP A 1 29  ? 6.842   9.043   -11.679 1.00 14.39 ? 9   TRP A CD1 1 
ATOM   18   C  CD2 . TRP A 1 29  ? 8.884   9.676   -12.359 1.00 17.56 ? 9   TRP A CD2 1 
ATOM   19   N  NE1 . TRP A 1 29  ? 7.442   7.957   -12.269 1.00 16.14 ? 9   TRP A NE1 1 
ATOM   20   C  CE2 . TRP A 1 29  ? 8.693   8.314   -12.703 1.00 17.96 ? 9   TRP A CE2 1 
ATOM   21   C  CE3 . TRP A 1 29  ? 10.093  10.296  -12.701 1.00 17.57 ? 9   TRP A CE3 1 
ATOM   22   C  CZ2 . TRP A 1 29  ? 9.670   7.559   -13.365 1.00 19.03 ? 9   TRP A CZ2 1 
ATOM   23   C  CZ3 . TRP A 1 29  ? 11.074  9.549   -13.354 1.00 19.54 ? 9   TRP A CZ3 1 
ATOM   24   C  CH2 . TRP A 1 29  ? 10.855  8.185   -13.679 1.00 20.56 ? 9   TRP A CH2 1 
ATOM   25   N  N   . ILE A 1 30  ? 6.104   10.712  -8.536  1.00 12.50 ? 10  ILE A N   1 
ATOM   26   C  CA  . ILE A 1 30  ? 5.509   9.764   -7.612  1.00 11.89 ? 10  ILE A CA  1 
ATOM   27   C  C   . ILE A 1 30  ? 4.506   8.891   -8.345  1.00 12.81 ? 10  ILE A C   1 
ATOM   28   O  O   . ILE A 1 30  ? 3.645   9.409   -9.067  1.00 12.09 ? 10  ILE A O   1 
ATOM   29   C  CB  . ILE A 1 30  ? 4.708   10.448  -6.479  1.00 11.97 ? 10  ILE A CB  1 
ATOM   30   C  CG1 . ILE A 1 30  ? 5.527   11.540  -5.771  1.00 10.46 ? 10  ILE A CG1 1 
ATOM   31   C  CG2 . ILE A 1 30  ? 4.262   9.423   -5.474  1.00 10.28 ? 10  ILE A CG2 1 
ATOM   32   C  CD1 . ILE A 1 30  ? 4.616   12.588  -5.097  1.00 11.85 ? 10  ILE A CD1 1 
ATOM   33   N  N   . GLU A 1 31  ? 4.604   7.583   -8.113  1.00 12.36 ? 11  GLU A N   1 
ATOM   34   C  CA  . GLU A 1 31  ? 3.637   6.618   -8.615  1.00 12.68 ? 11  GLU A CA  1 
ATOM   35   C  C   . GLU A 1 31  ? 2.950   5.989   -7.417  1.00 12.96 ? 11  GLU A C   1 
ATOM   36   O  O   . GLU A 1 31  ? 3.606   5.566   -6.447  1.00 12.85 ? 11  GLU A O   1 
ATOM   37   C  CB  . GLU A 1 31  ? 4.306   5.532   -9.461  1.00 12.05 ? 11  GLU A CB  1 
ATOM   38   C  CG  . GLU A 1 31  ? 5.090   6.085   -10.654 1.00 13.00 ? 11  GLU A CG  1 
ATOM   39   C  CD  . GLU A 1 31  ? 5.930   5.034   -11.366 1.00 14.60 ? 11  GLU A CD  1 
ATOM   40   O  OE1 . GLU A 1 31  ? 5.672   3.813   -11.202 1.00 15.31 ? 11  GLU A OE1 1 
ATOM   41   O  OE2 . GLU A 1 31  ? 6.853   5.434   -12.108 1.00 15.00 ? 11  GLU A OE2 1 
ATOM   42   N  N   . CYS A 1 32  ? 1.626   5.955   -7.489  1.00 12.52 ? 12  CYS A N   1 
ATOM   43   C  CA  . CYS A 1 32  ? 0.815   5.463   -6.419  1.00 14.49 ? 12  CYS A CA  1 
ATOM   44   C  C   . CYS A 1 32  ? 0.104   4.142   -6.816  1.00 13.76 ? 12  CYS A C   1 
ATOM   45   O  O   . CYS A 1 32  ? -0.565  4.068   -7.863  1.00 14.16 ? 12  CYS A O   1 
ATOM   46   C  CB  . CYS A 1 32  ? -0.158  6.586   -6.052  1.00 15.91 ? 12  CYS A CB  1 
ATOM   47   S  SG  . CYS A 1 32  ? -0.974  6.283   -4.581  1.00 26.70 ? 12  CYS A SG  1 
ATOM   48   N  N   . ILE A 1 33  ? 0.295   3.095   -6.016  1.00 12.25 ? 13  ILE A N   1 
ATOM   49   C  CA  . ILE A 1 33  ? -0.351  1.796   -6.233  1.00 12.40 ? 13  ILE A CA  1 
ATOM   50   C  C   . ILE A 1 33  ? -1.311  1.517   -5.077  1.00 12.37 ? 13  ILE A C   1 
ATOM   51   O  O   . ILE A 1 33  ? -0.889  1.431   -3.919  1.00 13.42 ? 13  ILE A O   1 
ATOM   52   C  CB  . ILE A 1 33  ? 0.680   0.629   -6.299  1.00 11.97 ? 13  ILE A CB  1 
ATOM   53   C  CG1 . ILE A 1 33  ? 1.685   0.838   -7.448  1.00 12.11 ? 13  ILE A CG1 1 
ATOM   54   C  CG2 . ILE A 1 33  ? -0.056  -0.735  -6.446  1.00 12.35 ? 13  ILE A CG2 1 
ATOM   55   C  CD1 . ILE A 1 33  ? 3.016   0.054   -7.267  1.00 10.78 ? 13  ILE A CD1 1 
ATOM   56   N  N   . THR A 1 34  ? -2.599  1.363   -5.369  1.00 12.05 ? 14  THR A N   1 
ATOM   57   C  CA  . THR A 1 34  ? -3.574  1.211   -4.298  1.00 11.52 ? 14  THR A CA  1 
ATOM   58   C  C   . THR A 1 34  ? -4.623  0.152   -4.654  1.00 12.09 ? 14  THR A C   1 
ATOM   59   O  O   . THR A 1 34  ? -4.606  -0.420  -5.751  1.00 12.40 ? 14  THR A O   1 
ATOM   60   C  CB  . THR A 1 34  ? -4.224  2.579   -3.907  1.00 12.09 ? 14  THR A CB  1 
ATOM   61   O  OG1 . THR A 1 34  ? -4.916  2.456   -2.637  1.00 12.99 ? 14  THR A OG1 1 
ATOM   62   C  CG2 . THR A 1 34  ? -5.205  3.054   -5.026  1.00 9.34  ? 14  THR A CG2 1 
ATOM   63   N  N   . GLY A 1 35  ? -5.504  -0.131  -3.710  1.00 12.43 ? 15  GLY A N   1 
ATOM   64   C  CA  . GLY A 1 35  ? -6.505  -1.173  -3.884  1.00 12.53 ? 15  GLY A CA  1 
ATOM   65   C  C   . GLY A 1 35  ? -6.672  -1.950  -2.598  1.00 12.65 ? 15  GLY A C   1 
ATOM   66   O  O   . GLY A 1 35  ? -6.010  -1.670  -1.590  1.00 12.15 ? 15  GLY A O   1 
ATOM   67   N  N   . SER A 1 36  ? -7.561  -2.931  -2.634  1.00 12.27 ? 16  SER A N   1 
ATOM   68   C  CA  . SER A 1 36  ? -7.933  -3.663  -1.444  1.00 12.73 ? 16  SER A CA  1 
ATOM   69   C  C   . SER A 1 36  ? -6.860  -4.632  -0.997  1.00 12.21 ? 16  SER A C   1 
ATOM   70   O  O   . SER A 1 36  ? -5.868  -4.866  -1.700  1.00 10.43 ? 16  SER A O   1 
ATOM   71   C  CB  . SER A 1 36  ? -9.237  -4.422  -1.683  1.00 13.86 ? 16  SER A CB  1 
ATOM   72   O  OG  . SER A 1 36  ? -9.036  -5.436  -2.658  1.00 17.15 ? 16  SER A OG  1 
HETATM 73   N  N   . MSE A 1 37  ? -7.078  -5.209  0.181   1.00 11.36 ? 17  MSE A N   1 
HETATM 74   C  CA  . MSE A 1 37  ? -6.109  -6.094  0.769   1.00 13.44 ? 17  MSE A CA  1 
HETATM 75   C  C   . MSE A 1 37  ? -5.639  -7.220  -0.147  1.00 13.30 ? 17  MSE A C   1 
HETATM 76   O  O   . MSE A 1 37  ? -4.463  -7.577  -0.118  1.00 15.53 ? 17  MSE A O   1 
HETATM 77   C  CB  . MSE A 1 37  ? -6.690  -6.692  2.046   1.00 13.29 ? 17  MSE A CB  1 
HETATM 78   C  CG  . MSE A 1 37  ? -5.728  -7.506  2.803   1.00 17.99 ? 17  MSE A CG  1 
HETATM 79   SE SE  . MSE A 1 37  ? -6.641  -7.863  4.477   0.75 22.87 ? 17  MSE A SE  1 
HETATM 80   C  CE  . MSE A 1 37  ? -6.359  -6.175  5.373   1.00 21.36 ? 17  MSE A CE  1 
ATOM   81   N  N   . PHE A 1 38  ? -6.526  -7.792  -0.952  1.00 12.02 ? 18  PHE A N   1 
ATOM   82   C  CA  . PHE A 1 38  ? -6.084  -8.965  -1.748  1.00 12.32 ? 18  PHE A CA  1 
ATOM   83   C  C   . PHE A 1 38  ? -5.753  -8.680  -3.215  1.00 11.25 ? 18  PHE A C   1 
ATOM   84   O  O   . PHE A 1 38  ? -5.709  -9.605  -4.037  1.00 11.20 ? 18  PHE A O   1 
ATOM   85   C  CB  . PHE A 1 38  ? -7.125  -10.080 -1.618  1.00 12.04 ? 18  PHE A CB  1 
ATOM   86   C  CG  . PHE A 1 38  ? -7.226  -10.623 -0.206  1.00 13.05 ? 18  PHE A CG  1 
ATOM   87   C  CD1 . PHE A 1 38  ? -6.332  -11.599 0.240   1.00 15.13 ? 18  PHE A CD1 1 
ATOM   88   C  CD2 . PHE A 1 38  ? -8.165  -10.108 0.690   1.00 14.67 ? 18  PHE A CD2 1 
ATOM   89   C  CE1 . PHE A 1 38  ? -6.406  -12.097 1.556   1.00 18.22 ? 18  PHE A CE1 1 
ATOM   90   C  CE2 . PHE A 1 38  ? -8.261  -10.608 2.014   1.00 14.39 ? 18  PHE A CE2 1 
ATOM   91   C  CZ  . PHE A 1 38  ? -7.375  -11.597 2.442   1.00 15.58 ? 18  PHE A CZ  1 
ATOM   92   N  N   . SER A 1 39  ? -5.473  -7.413  -3.521  1.00 10.62 ? 19  SER A N   1 
ATOM   93   C  CA  . SER A 1 39  ? -5.317  -6.943  -4.915  1.00 10.92 ? 19  SER A CA  1 
ATOM   94   C  C   . SER A 1 39  ? -3.904  -7.121  -5.485  1.00 10.96 ? 19  SER A C   1 
ATOM   95   O  O   . SER A 1 39  ? -3.662  -6.867  -6.670  1.00 10.89 ? 19  SER A O   1 
ATOM   96   C  CB  . SER A 1 39  ? -5.724  -5.466  -5.019  1.00 10.36 ? 19  SER A CB  1 
ATOM   97   O  OG  . SER A 1 39  ? -4.869  -4.640  -4.225  1.00 12.20 ? 19  SER A OG  1 
ATOM   98   N  N   . GLY A 1 40  ? -2.958  -7.523  -4.649  1.00 11.20 ? 20  GLY A N   1 
ATOM   99   C  CA  . GLY A 1 40  ? -1.572  -7.709  -5.116  1.00 12.04 ? 20  GLY A CA  1 
ATOM   100  C  C   . GLY A 1 40  ? -0.750  -6.423  -5.213  1.00 12.96 ? 20  GLY A C   1 
ATOM   101  O  O   . GLY A 1 40  ? 0.208   -6.365  -5.968  1.00 11.89 ? 20  GLY A O   1 
ATOM   102  N  N   . LYS A 1 41  ? -1.134  -5.387  -4.465  1.00 13.81 ? 21  LYS A N   1 
ATOM   103  C  CA  . LYS A 1 41  ? -0.380  -4.111  -4.455  1.00 15.35 ? 21  LYS A CA  1 
ATOM   104  C  C   . LYS A 1 41  ? 1.120   -4.282  -4.230  1.00 14.71 ? 21  LYS A C   1 
ATOM   105  O  O   . LYS A 1 41  ? 1.922   -3.673  -4.913  1.00 14.42 ? 21  LYS A O   1 
ATOM   106  C  CB  . LYS A 1 41  ? -0.887  -3.214  -3.336  1.00 17.05 ? 21  LYS A CB  1 
ATOM   107  C  CG  . LYS A 1 41  ? -2.289  -2.741  -3.523  1.00 18.20 ? 21  LYS A CG  1 
ATOM   108  C  CD  . LYS A 1 41  ? -2.686  -1.824  -2.358  1.00 22.67 ? 21  LYS A CD  1 
ATOM   109  C  CE  . LYS A 1 41  ? -2.454  -2.469  -0.987  1.00 24.31 ? 21  LYS A CE  1 
ATOM   110  N  NZ  . LYS A 1 41  ? -3.493  -3.478  -0.679  1.00 22.77 ? 21  LYS A NZ  1 
ATOM   111  N  N   . SER A 1 42  ? 1.494   -5.101  -3.251  1.00 14.51 ? 22  SER A N   1 
ATOM   112  C  CA  . SER A 1 42  ? 2.894   -5.271  -2.888  1.00 14.38 ? 22  SER A CA  1 
ATOM   113  C  C   . SER A 1 42  ? 3.667   -5.985  -3.967  1.00 13.77 ? 22  SER A C   1 
ATOM   114  O  O   . SER A 1 42  ? 4.829   -5.658  -4.221  1.00 12.26 ? 22  SER A O   1 
ATOM   115  C  CB  . SER A 1 42  ? 3.028   -6.022  -1.572  1.00 15.14 ? 22  SER A CB  1 
ATOM   116  O  OG  . SER A 1 42  ? 2.513   -5.213  -0.551  1.00 18.92 ? 22  SER A OG  1 
ATOM   117  N  N   . GLU A 1 43  ? 3.013   -6.961  -4.602  1.00 12.89 ? 23  GLU A N   1 
ATOM   118  C  CA  . GLU A 1 43  ? 3.607   -7.671  -5.727  1.00 12.91 ? 23  GLU A CA  1 
ATOM   119  C  C   . GLU A 1 43  ? 3.834   -6.722  -6.896  1.00 11.50 ? 23  GLU A C   1 
ATOM   120  O  O   . GLU A 1 43  ? 4.871   -6.792  -7.544  1.00 10.88 ? 23  GLU A O   1 
ATOM   121  C  CB  . GLU A 1 43  ? 2.710   -8.839  -6.159  1.00 12.78 ? 23  GLU A CB  1 
ATOM   122  C  CG  . GLU A 1 43  ? 2.531   -9.858  -5.025  1.00 16.14 ? 23  GLU A CG  1 
ATOM   123  C  CD  . GLU A 1 43  ? 1.220   -10.648 -5.127  1.00 18.61 ? 23  GLU A CD  1 
ATOM   124  O  OE1 . GLU A 1 43  ? 0.964   -11.241 -6.189  1.00 16.24 ? 23  GLU A OE1 1 
ATOM   125  O  OE2 . GLU A 1 43  ? 0.468   -10.694 -4.126  1.00 20.88 ? 23  GLU A OE2 1 
ATOM   126  N  N   . GLU A 1 44  ? 2.857   -5.856  -7.173  1.00 10.59 ? 24  GLU A N   1 
ATOM   127  C  CA  . GLU A 1 44  ? 3.017   -4.860  -8.237  1.00 10.83 ? 24  GLU A CA  1 
ATOM   128  C  C   . GLU A 1 44  ? 4.135   -3.865  -7.923  1.00 10.39 ? 24  GLU A C   1 
ATOM   129  O  O   . GLU A 1 44  ? 4.894   -3.481  -8.812  1.00 10.17 ? 24  GLU A O   1 
ATOM   130  C  CB  . GLU A 1 44  ? 1.703   -4.108  -8.512  1.00 11.16 ? 24  GLU A CB  1 
ATOM   131  C  CG  . GLU A 1 44  ? 1.836   -2.932  -9.530  1.00 10.68 ? 24  GLU A CG  1 
ATOM   132  C  CD  . GLU A 1 44  ? 2.321   -3.336  -10.939 1.00 12.89 ? 24  GLU A CD  1 
ATOM   133  O  OE1 . GLU A 1 44  ? 2.493   -4.546  -11.231 1.00 11.21 ? 24  GLU A OE1 1 
ATOM   134  O  OE2 . GLU A 1 44  ? 2.525   -2.424  -11.774 1.00 14.38 ? 24  GLU A OE2 1 
ATOM   135  N  N   . LEU A 1 45  ? 4.232   -3.437  -6.657  1.00 9.69  ? 25  LEU A N   1 
ATOM   136  C  CA  . LEU A 1 45  ? 5.348   -2.566  -6.246  1.00 9.62  ? 25  LEU A CA  1 
ATOM   137  C  C   . LEU A 1 45  ? 6.702   -3.219  -6.571  1.00 9.29  ? 25  LEU A C   1 
ATOM   138  O  O   . LEU A 1 45  ? 7.561   -2.605  -7.189  1.00 9.44  ? 25  LEU A O   1 
ATOM   139  C  CB  . LEU A 1 45  ? 5.259   -2.247  -4.732  1.00 8.62  ? 25  LEU A CB  1 
ATOM   140  C  CG  . LEU A 1 45  ? 6.455   -1.537  -4.084  1.00 9.63  ? 25  LEU A CG  1 
ATOM   141  C  CD1 . LEU A 1 45  ? 6.713   -0.165  -4.734  1.00 9.58  ? 25  LEU A CD1 1 
ATOM   142  C  CD2 . LEU A 1 45  ? 6.254   -1.408  -2.571  1.00 7.78  ? 25  LEU A CD2 1 
ATOM   143  N  N   . ILE A 1 46  ? 6.873   -4.474  -6.153  1.00 9.68  ? 26  ILE A N   1 
ATOM   144  C  CA  . ILE A 1 46  ? 8.122   -5.209  -6.395  1.00 10.18 ? 26  ILE A CA  1 
ATOM   145  C  C   . ILE A 1 46  ? 8.387   -5.347  -7.892  1.00 9.58  ? 26  ILE A C   1 
ATOM   146  O  O   . ILE A 1 46  ? 9.529   -5.166  -8.336  1.00 10.15 ? 26  ILE A O   1 
ATOM   147  C  CB  . ILE A 1 46  ? 8.109   -6.594  -5.694  1.00 10.24 ? 26  ILE A CB  1 
ATOM   148  C  CG1 . ILE A 1 46  ? 8.017   -6.442  -4.158  1.00 11.79 ? 26  ILE A CG1 1 
ATOM   149  C  CG2 . ILE A 1 46  ? 9.314   -7.492  -6.144  1.00 12.13 ? 26  ILE A CG2 1 
ATOM   150  C  CD1 . ILE A 1 46  ? 9.073   -5.523  -3.516  1.00 15.32 ? 26  ILE A CD1 1 
ATOM   151  N  N   . ARG A 1 47  ? 7.343   -5.648  -8.677  1.00 8.56  ? 27  ARG A N   1 
ATOM   152  C  CA  . ARG A 1 47  ? 7.510   -5.747  -10.130 1.00 8.39  ? 27  ARG A CA  1 
ATOM   153  C  C   . ARG A 1 47  ? 8.116   -4.467  -10.704 1.00 8.03  ? 27  ARG A C   1 
ATOM   154  O  O   . ARG A 1 47  ? 9.047   -4.520  -11.526 1.00 7.24  ? 27  ARG A O   1 
ATOM   155  C  CB  . ARG A 1 47  ? 6.191   -6.090  -10.865 1.00 8.87  ? 27  ARG A CB  1 
ATOM   156  C  CG  . ARG A 1 47  ? 6.412   -6.440  -12.361 1.00 7.90  ? 27  ARG A CG  1 
ATOM   157  C  CD  . ARG A 1 47  ? 5.096   -6.462  -13.209 1.00 10.98 ? 27  ARG A CD  1 
ATOM   158  N  NE  . ARG A 1 47  ? 4.472   -5.132  -13.242 1.00 9.82  ? 27  ARG A NE  1 
ATOM   159  C  CZ  . ARG A 1 47  ? 4.864   -4.128  -14.027 1.00 11.12 ? 27  ARG A CZ  1 
ATOM   160  N  NH1 . ARG A 1 47  ? 5.858   -4.289  -14.908 1.00 9.87  ? 27  ARG A NH1 1 
ATOM   161  N  NH2 . ARG A 1 47  ? 4.267   -2.948  -13.923 1.00 9.79  ? 27  ARG A NH2 1 
ATOM   162  N  N   . ARG A 1 48  ? 7.590   -3.316  -10.285 1.00 7.84  ? 28  ARG A N   1 
ATOM   163  C  CA  . ARG A 1 48  ? 8.092   -2.040  -10.787 1.00 7.49  ? 28  ARG A CA  1 
ATOM   164  C  C   . ARG A 1 48  ? 9.533   -1.797  -10.346 1.00 7.72  ? 28  ARG A C   1 
ATOM   165  O  O   . ARG A 1 48  ? 10.374  -1.379  -11.157 1.00 7.08  ? 28  ARG A O   1 
ATOM   166  C  CB  . ARG A 1 48  ? 7.184   -0.874  -10.381 1.00 7.73  ? 28  ARG A CB  1 
ATOM   167  C  CG  . ARG A 1 48  ? 5.798   -0.950  -11.049 1.00 7.66  ? 28  ARG A CG  1 
ATOM   168  C  CD  . ARG A 1 48  ? 5.005   0.333   -10.778 1.00 8.08  ? 28  ARG A CD  1 
ATOM   169  N  NE  . ARG A 1 48  ? 3.597   0.128   -11.110 1.00 10.06 ? 28  ARG A NE  1 
ATOM   170  C  CZ  . ARG A 1 48  ? 2.659   1.073   -11.089 1.00 10.50 ? 28  ARG A CZ  1 
ATOM   171  N  NH1 . ARG A 1 48  ? 2.970   2.327   -10.794 1.00 7.28  ? 28  ARG A NH1 1 
ATOM   172  N  NH2 . ARG A 1 48  ? 1.407   0.751   -11.407 1.00 9.61  ? 28  ARG A NH2 1 
ATOM   173  N  N   . LEU A 1 49  ? 9.825   -2.115  -9.086  1.00 7.64  ? 29  LEU A N   1 
ATOM   174  C  CA  . LEU A 1 49  ? 11.176  -1.931  -8.558  1.00 8.33  ? 29  LEU A CA  1 
ATOM   175  C  C   . LEU A 1 49  ? 12.213  -2.782  -9.302  1.00 8.61  ? 29  LEU A C   1 
ATOM   176  O  O   . LEU A 1 49  ? 13.304  -2.312  -9.594  1.00 7.77  ? 29  LEU A O   1 
ATOM   177  C  CB  . LEU A 1 49  ? 11.214  -2.230  -7.059  1.00 8.10  ? 29  LEU A CB  1 
ATOM   178  C  CG  . LEU A 1 49  ? 10.381  -1.301  -6.177  1.00 9.76  ? 29  LEU A CG  1 
ATOM   179  C  CD1 . LEU A 1 49  ? 10.453  -1.757  -4.724  1.00 10.66 ? 29  LEU A CD1 1 
ATOM   180  C  CD2 . LEU A 1 49  ? 10.833  0.149   -6.291  1.00 9.98  ? 29  LEU A CD2 1 
ATOM   181  N  N   . ARG A 1 50  ? 11.851  -4.024  -9.615  1.00 8.21  ? 30  ARG A N   1 
ATOM   182  C  CA  . ARG A 1 50  ? 12.742  -4.925  -10.333 1.00 9.76  ? 30  ARG A CA  1 
ATOM   183  C  C   . ARG A 1 50  ? 13.069  -4.423  -11.754 1.00 9.05  ? 30  ARG A C   1 
ATOM   184  O  O   . ARG A 1 50  ? 14.153  -4.703  -12.275 1.00 9.15  ? 30  ARG A O   1 
ATOM   185  C  CB  . ARG A 1 50  ? 12.151  -6.350  -10.336 1.00 10.50 ? 30  ARG A CB  1 
ATOM   186  C  CG  . ARG A 1 50  ? 13.105  -7.444  -10.818 1.00 16.58 ? 30  ARG A CG  1 
ATOM   187  C  CD  . ARG A 1 50  ? 12.409  -8.823  -10.978 1.00 22.43 ? 30  ARG A CD  1 
ATOM   188  N  NE  . ARG A 1 50  ? 11.548  -9.129  -9.832  1.00 28.34 ? 30  ARG A NE  1 
ATOM   189  C  CZ  . ARG A 1 50  ? 11.949  -9.754  -8.727  1.00 32.30 ? 30  ARG A CZ  1 
ATOM   190  N  NH1 . ARG A 1 50  ? 13.211  -10.164 -8.610  1.00 34.54 ? 30  ARG A NH1 1 
ATOM   191  N  NH2 . ARG A 1 50  ? 11.085  -9.983  -7.738  1.00 33.46 ? 30  ARG A NH2 1 
ATOM   192  N  N   . ARG A 1 51  ? 12.164  -3.671  -12.393 1.00 8.92  ? 31  ARG A N   1 
ATOM   193  C  CA  . ARG A 1 51  ? 12.556  -2.995  -13.645 1.00 9.68  ? 31  ARG A CA  1 
ATOM   194  C  C   . ARG A 1 51  ? 13.786  -2.069  -13.434 1.00 10.37 ? 31  ARG A C   1 
ATOM   195  O  O   . ARG A 1 51  ? 14.696  -2.018  -14.272 1.00 9.77  ? 31  ARG A O   1 
ATOM   196  C  CB  . ARG A 1 51  ? 11.386  -2.227  -14.270 1.00 10.43 ? 31  ARG A CB  1 
ATOM   197  C  CG  . ARG A 1 51  ? 10.520  -3.057  -15.242 1.00 10.84 ? 31  ARG A CG  1 
ATOM   198  C  CD  . ARG A 1 51  ? 9.885   -4.293  -14.565 1.00 10.88 ? 31  ARG A CD  1 
ATOM   199  N  NE  . ARG A 1 51  ? 10.609  -5.539  -14.844 1.00 11.24 ? 31  ARG A NE  1 
ATOM   200  C  CZ  . ARG A 1 51  ? 10.527  -6.649  -14.105 1.00 10.44 ? 31  ARG A CZ  1 
ATOM   201  N  NH1 . ARG A 1 51  ? 9.769   -6.687  -13.006 1.00 9.99  ? 31  ARG A NH1 1 
ATOM   202  N  NH2 . ARG A 1 51  ? 11.167  -7.746  -14.479 1.00 8.88  ? 31  ARG A NH2 1 
ATOM   203  N  N   . GLY A 1 52  ? 13.821  -1.371  -12.297 1.00 10.73 ? 32  GLY A N   1 
ATOM   204  C  CA  . GLY A 1 52  ? 14.983  -0.537  -11.929 1.00 12.03 ? 32  GLY A CA  1 
ATOM   205  C  C   . GLY A 1 52  ? 16.265  -1.354  -11.934 1.00 12.41 ? 32  GLY A C   1 
ATOM   206  O  O   . GLY A 1 52  ? 17.287  -0.944  -12.493 1.00 12.44 ? 32  GLY A O   1 
ATOM   207  N  N   . ILE A 1 53  ? 16.195  -2.544  -11.342 1.00 13.50 ? 33  ILE A N   1 
ATOM   208  C  CA  . ILE A 1 53  ? 17.361  -3.434  -11.247 1.00 13.33 ? 33  ILE A CA  1 
ATOM   209  C  C   . ILE A 1 53  ? 17.912  -3.792  -12.625 1.00 13.38 ? 33  ILE A C   1 
ATOM   210  O  O   . ILE A 1 53  ? 19.115  -3.671  -12.877 1.00 13.12 ? 33  ILE A O   1 
ATOM   211  C  CB  . ILE A 1 53  ? 17.022  -4.724  -10.456 1.00 14.06 ? 33  ILE A CB  1 
ATOM   212  C  CG1 . ILE A 1 53  ? 16.518  -4.397  -9.027  1.00 14.20 ? 33  ILE A CG1 1 
ATOM   213  C  CG2 . ILE A 1 53  ? 18.203  -5.673  -10.458 1.00 14.25 ? 33  ILE A CG2 1 
ATOM   214  C  CD1 . ILE A 1 53  ? 17.518  -3.610  -8.161  1.00 15.13 ? 33  ILE A CD1 1 
ATOM   215  N  N   . TYR A 1 54  ? 17.024  -4.207  -13.526 1.00 12.71 ? 34  TYR A N   1 
ATOM   216  C  CA  . TYR A 1 54  ? 17.424  -4.588  -14.868 1.00 12.88 ? 34  TYR A CA  1 
ATOM   217  C  C   . TYR A 1 54  ? 17.959  -3.417  -15.689 1.00 12.59 ? 34  TYR A C   1 
ATOM   218  O  O   . TYR A 1 54  ? 18.622  -3.622  -16.705 1.00 11.76 ? 34  TYR A O   1 
ATOM   219  C  CB  . TYR A 1 54  ? 16.263  -5.271  -15.598 1.00 12.14 ? 34  TYR A CB  1 
ATOM   220  C  CG  . TYR A 1 54  ? 15.993  -6.671  -15.106 1.00 14.32 ? 34  TYR A CG  1 
ATOM   221  C  CD1 . TYR A 1 54  ? 16.988  -7.655  -15.163 1.00 14.88 ? 34  TYR A CD1 1 
ATOM   222  C  CD2 . TYR A 1 54  ? 14.750  -7.015  -14.578 1.00 14.86 ? 34  TYR A CD2 1 
ATOM   223  C  CE1 . TYR A 1 54  ? 16.743  -8.953  -14.715 1.00 17.02 ? 34  TYR A CE1 1 
ATOM   224  C  CE2 . TYR A 1 54  ? 14.497  -8.308  -14.116 1.00 16.81 ? 34  TYR A CE2 1 
ATOM   225  C  CZ  . TYR A 1 54  ? 15.497  -9.266  -14.192 1.00 19.77 ? 34  TYR A CZ  1 
ATOM   226  O  OH  . TYR A 1 54  ? 15.256  -10.543 -13.747 1.00 23.04 ? 34  TYR A OH  1 
ATOM   227  N  N   . ALA A 1 55  ? 17.653  -2.196  -15.248 1.00 12.25 ? 35  ALA A N   1 
ATOM   228  C  CA  . ALA A 1 55  ? 18.199  -0.985  -15.871 1.00 12.58 ? 35  ALA A CA  1 
ATOM   229  C  C   . ALA A 1 55  ? 19.494  -0.536  -15.209 1.00 12.68 ? 35  ALA A C   1 
ATOM   230  O  O   . ALA A 1 55  ? 20.008  0.536   -15.528 1.00 12.94 ? 35  ALA A O   1 
ATOM   231  C  CB  . ALA A 1 55  ? 17.177  0.140   -15.804 1.00 12.37 ? 35  ALA A CB  1 
ATOM   232  N  N   . LYS A 1 56  ? 19.998  -1.345  -14.276 1.00 12.77 ? 36  LYS A N   1 
ATOM   233  C  CA  . LYS A 1 56  ? 21.234  -1.055  -13.537 1.00 13.13 ? 36  LYS A CA  1 
ATOM   234  C  C   . LYS A 1 56  ? 21.104  0.189   -12.639 1.00 13.15 ? 36  LYS A C   1 
ATOM   235  O  O   . LYS A 1 56  ? 22.083  0.923   -12.401 1.00 12.59 ? 36  LYS A O   1 
ATOM   236  C  CB  . LYS A 1 56  ? 22.442  -0.955  -14.486 1.00 13.93 ? 36  LYS A CB  1 
ATOM   237  C  CG  . LYS A 1 56  ? 22.589  -2.175  -15.412 1.00 15.25 ? 36  LYS A CG  1 
ATOM   238  C  CD  . LYS A 1 56  ? 23.967  -2.254  -16.065 1.00 20.46 ? 36  LYS A CD  1 
ATOM   239  C  CE  . LYS A 1 56  ? 24.015  -1.557  -17.424 1.00 22.38 ? 36  LYS A CE  1 
ATOM   240  N  NZ  . LYS A 1 56  ? 23.604  -0.125  -17.328 1.00 24.94 ? 36  LYS A NZ  1 
ATOM   241  N  N   . GLN A 1 57  ? 19.881  0.414   -12.150 1.00 12.43 ? 37  GLN A N   1 
ATOM   242  C  CA  . GLN A 1 57  ? 19.618  1.497   -11.213 1.00 12.32 ? 37  GLN A CA  1 
ATOM   243  C  C   . GLN A 1 57  ? 19.773  0.990   -9.787  1.00 12.03 ? 37  GLN A C   1 
ATOM   244  O  O   . GLN A 1 57  ? 19.718  -0.214  -9.535  1.00 11.85 ? 37  GLN A O   1 
ATOM   245  C  CB  . GLN A 1 57  ? 18.213  2.068   -11.415 1.00 12.22 ? 37  GLN A CB  1 
ATOM   246  C  CG  . GLN A 1 57  ? 18.036  2.746   -12.769 1.00 11.90 ? 37  GLN A CG  1 
ATOM   247  C  CD  . GLN A 1 57  ? 16.653  3.321   -12.921 1.00 12.64 ? 37  GLN A CD  1 
ATOM   248  O  OE1 . GLN A 1 57  ? 15.663  2.664   -12.617 1.00 11.47 ? 37  GLN A OE1 1 
ATOM   249  N  NE2 . GLN A 1 57  ? 16.575  4.556   -13.398 1.00 13.12 ? 37  GLN A NE2 1 
ATOM   250  N  N   . LYS A 1 58  ? 19.984  1.921   -8.865  1.00 11.70 ? 38  LYS A N   1 
ATOM   251  C  CA  . LYS A 1 58  ? 20.028  1.609   -7.452  1.00 11.97 ? 38  LYS A CA  1 
ATOM   252  C  C   . LYS A 1 58  ? 18.622  1.813   -6.895  1.00 11.62 ? 38  LYS A C   1 
ATOM   253  O  O   . LYS A 1 58  ? 18.032  2.893   -7.050  1.00 11.04 ? 38  LYS A O   1 
ATOM   254  C  CB  . LYS A 1 58  ? 21.061  2.498   -6.740  1.00 12.54 ? 38  LYS A CB  1 
ATOM   255  C  CG  . LYS A 1 58  ? 21.022  2.434   -5.209  1.00 15.38 ? 38  LYS A CG  1 
ATOM   256  C  CD  . LYS A 1 58  ? 21.289  1.033   -4.663  1.00 19.78 ? 38  LYS A CD  1 
ATOM   257  C  CE  . LYS A 1 58  ? 21.238  1.026   -3.128  1.00 22.85 ? 38  LYS A CE  1 
ATOM   258  N  NZ  . LYS A 1 58  ? 21.596  -0.304  -2.541  1.00 22.93 ? 38  LYS A NZ  1 
ATOM   259  N  N   . VAL A 1 59  ? 18.100  0.765   -6.260  1.00 11.14 ? 39  VAL A N   1 
ATOM   260  C  CA  . VAL A 1 59  ? 16.700  0.713   -5.838  1.00 11.13 ? 39  VAL A CA  1 
ATOM   261  C  C   . VAL A 1 59  ? 16.606  0.313   -4.372  1.00 11.51 ? 39  VAL A C   1 
ATOM   262  O  O   . VAL A 1 59  ? 17.267  -0.650  -3.933  1.00 10.64 ? 39  VAL A O   1 
ATOM   263  C  CB  . VAL A 1 59  ? 15.903  -0.314  -6.704  1.00 11.02 ? 39  VAL A CB  1 
ATOM   264  C  CG1 . VAL A 1 59  ? 14.439  -0.364  -6.304  1.00 10.72 ? 39  VAL A CG1 1 
ATOM   265  C  CG2 . VAL A 1 59  ? 16.042  0.019   -8.216  1.00 11.33 ? 39  VAL A CG2 1 
ATOM   266  N  N   . VAL A 1 60  ? 15.795  1.051   -3.609  1.00 10.98 ? 40  VAL A N   1 
ATOM   267  C  CA  . VAL A 1 60  ? 15.497  0.650   -2.235  1.00 11.17 ? 40  VAL A CA  1 
ATOM   268  C  C   . VAL A 1 60  ? 13.981  0.566   -2.002  1.00 10.81 ? 40  VAL A C   1 
ATOM   269  O  O   . VAL A 1 60  ? 13.197  1.225   -2.689  1.00 11.41 ? 40  VAL A O   1 
ATOM   270  C  CB  . VAL A 1 60  ? 16.220  1.540   -1.124  1.00 11.78 ? 40  VAL A CB  1 
ATOM   271  C  CG1 . VAL A 1 60  ? 17.691  1.871   -1.498  1.00 11.63 ? 40  VAL A CG1 1 
ATOM   272  C  CG2 . VAL A 1 60  ? 15.448  2.796   -0.831  1.00 12.79 ? 40  VAL A CG2 1 
ATOM   273  N  N   . VAL A 1 61  ? 13.575  -0.281  -1.064  1.00 10.66 ? 41  VAL A N   1 
ATOM   274  C  CA  . VAL A 1 61  ? 12.180  -0.346  -0.642  1.00 10.52 ? 41  VAL A CA  1 
ATOM   275  C  C   . VAL A 1 61  ? 12.108  -0.264  0.885   1.00 11.27 ? 41  VAL A C   1 
ATOM   276  O  O   . VAL A 1 61  ? 12.821  -0.998  1.589   1.00 11.95 ? 41  VAL A O   1 
ATOM   277  C  CB  . VAL A 1 61  ? 11.446  -1.613  -1.219  1.00 10.81 ? 41  VAL A CB  1 
ATOM   278  C  CG1 . VAL A 1 61  ? 12.112  -2.931  -0.740  1.00 9.30  ? 41  VAL A CG1 1 
ATOM   279  C  CG2 . VAL A 1 61  ? 9.958   -1.574  -0.883  1.00 11.05 ? 41  VAL A CG2 1 
ATOM   280  N  N   . PHE A 1 62  ? 11.313  0.687   1.381   1.00 10.81 ? 42  PHE A N   1 
ATOM   281  C  CA  . PHE A 1 62  ? 11.023  0.822   2.794   1.00 11.59 ? 42  PHE A CA  1 
ATOM   282  C  C   . PHE A 1 62  ? 9.746   0.043   3.101   1.00 12.67 ? 42  PHE A C   1 
ATOM   283  O  O   . PHE A 1 62  ? 8.779   0.121   2.358   1.00 11.10 ? 42  PHE A O   1 
ATOM   284  C  CB  . PHE A 1 62  ? 10.845  2.302   3.171   1.00 11.28 ? 42  PHE A CB  1 
ATOM   285  C  CG  . PHE A 1 62  ? 12.129  3.099   3.147   1.00 10.47 ? 42  PHE A CG  1 
ATOM   286  C  CD1 . PHE A 1 62  ? 12.991  3.089   4.243   1.00 10.70 ? 42  PHE A CD1 1 
ATOM   287  C  CD2 . PHE A 1 62  ? 12.472  3.859   2.026   1.00 10.71 ? 42  PHE A CD2 1 
ATOM   288  C  CE1 . PHE A 1 62  ? 14.193  3.838   4.234   1.00 11.80 ? 42  PHE A CE1 1 
ATOM   289  C  CE2 . PHE A 1 62  ? 13.669  4.616   1.995   1.00 9.71  ? 42  PHE A CE2 1 
ATOM   290  C  CZ  . PHE A 1 62  ? 14.532  4.596   3.099   1.00 11.55 ? 42  PHE A CZ  1 
ATOM   291  N  N   . LYS A 1 63  ? 9.757   -0.723  4.186   1.00 14.66 ? 43  LYS A N   1 
ATOM   292  C  CA  . LYS A 1 63  ? 8.542   -1.397  4.659   1.00 17.76 ? 43  LYS A CA  1 
ATOM   293  C  C   . LYS A 1 63  ? 8.422   -1.353  6.180   1.00 18.61 ? 43  LYS A C   1 
ATOM   294  O  O   . LYS A 1 63  ? 9.429   -1.458  6.871   1.00 17.98 ? 43  LYS A O   1 
ATOM   295  C  CB  . LYS A 1 63  ? 8.468   -2.853  4.182   1.00 18.33 ? 43  LYS A CB  1 
ATOM   296  C  CG  . LYS A 1 63  ? 9.758   -3.624  4.250   1.00 21.89 ? 43  LYS A CG  1 
ATOM   297  C  CD  . LYS A 1 63  ? 10.289  -3.895  2.850   1.00 26.40 ? 43  LYS A CD  1 
ATOM   298  C  CE  . LYS A 1 63  ? 9.716   -5.183  2.285   1.00 28.35 ? 43  LYS A CE  1 
ATOM   299  N  NZ  . LYS A 1 63  ? 10.089  -5.347  0.840   1.00 30.27 ? 43  LYS A NZ  1 
ATOM   300  N  N   . PRO A 1 64  ? 7.190   -1.201  6.692   1.00 20.22 ? 44  PRO A N   1 
ATOM   301  C  CA  . PRO A 1 64  ? 6.902   -1.183  8.128   1.00 21.84 ? 44  PRO A CA  1 
ATOM   302  C  C   . PRO A 1 64  ? 7.533   -2.366  8.878   1.00 23.39 ? 44  PRO A C   1 
ATOM   303  O  O   . PRO A 1 64  ? 7.559   -3.484  8.358   1.00 24.21 ? 44  PRO A O   1 
ATOM   304  C  CB  . PRO A 1 64  ? 5.377   -1.258  8.171   1.00 22.07 ? 44  PRO A CB  1 
ATOM   305  C  CG  . PRO A 1 64  ? 4.957   -0.520  6.942   1.00 21.44 ? 44  PRO A CG  1 
ATOM   306  C  CD  . PRO A 1 64  ? 5.967   -0.972  5.893   1.00 20.75 ? 44  PRO A CD  1 
ATOM   307  N  N   . ALA A 1 65  ? 8.071   -2.105  10.068  1.00 24.58 ? 45  ALA A N   1 
ATOM   308  C  CA  . ALA A 1 65  ? 8.780   -3.128  10.855  1.00 25.74 ? 45  ALA A CA  1 
ATOM   309  C  C   . ALA A 1 65  ? 7.876   -3.710  11.938  1.00 26.43 ? 45  ALA A C   1 
ATOM   310  O  O   . ALA A 1 65  ? 6.803   -4.238  11.632  1.00 27.71 ? 45  ALA A O   1 
ATOM   311  C  CB  . ALA A 1 65  ? 10.047  -2.551  11.476  1.00 25.78 ? 45  ALA A CB  1 
ATOM   312  N  N   . SER A 1 77  ? 17.550  -9.610  -7.015  1.00 37.46 ? 57  SER A N   1 
ATOM   313  C  CA  . SER A 1 77  ? 18.918  -9.441  -7.507  1.00 37.85 ? 57  SER A CA  1 
ATOM   314  C  C   . SER A 1 77  ? 19.129  -9.883  -8.962  1.00 37.75 ? 57  SER A C   1 
ATOM   315  O  O   . SER A 1 77  ? 18.653  -10.943 -9.371  1.00 37.91 ? 57  SER A O   1 
ATOM   316  C  CB  . SER A 1 77  ? 19.913  -10.176 -6.602  1.00 37.76 ? 57  SER A CB  1 
ATOM   317  O  OG  . SER A 1 77  ? 21.241  -9.757  -6.885  1.00 37.74 ? 57  SER A OG  1 
ATOM   318  N  N   . HIS A 1 78  ? 19.850  -9.053  -9.722  1.00 37.82 ? 58  HIS A N   1 
ATOM   319  C  CA  . HIS A 1 78  ? 20.277  -9.355  -11.098 1.00 37.57 ? 58  HIS A CA  1 
ATOM   320  C  C   . HIS A 1 78  ? 21.665  -8.782  -11.365 1.00 37.28 ? 58  HIS A C   1 
ATOM   321  O  O   . HIS A 1 78  ? 21.885  -7.572  -11.235 1.00 37.38 ? 58  HIS A O   1 
ATOM   322  C  CB  . HIS A 1 78  ? 19.269  -8.825  -12.135 1.00 37.75 ? 58  HIS A CB  1 
ATOM   323  C  CG  . HIS A 1 78  ? 19.862  -8.556  -13.492 1.00 37.83 ? 58  HIS A CG  1 
ATOM   324  N  ND1 . HIS A 1 78  ? 20.026  -9.540  -14.447 1.00 38.17 ? 58  HIS A ND1 1 
ATOM   325  C  CD2 . HIS A 1 78  ? 20.308  -7.409  -14.060 1.00 37.69 ? 58  HIS A CD2 1 
ATOM   326  C  CE1 . HIS A 1 78  ? 20.551  -9.012  -15.540 1.00 37.49 ? 58  HIS A CE1 1 
ATOM   327  N  NE2 . HIS A 1 78  ? 20.735  -7.720  -15.330 1.00 37.78 ? 58  HIS A NE2 1 
ATOM   328  N  N   . ASN A 1 79  ? 22.585  -9.665  -11.757 1.00 36.81 ? 59  ASN A N   1 
ATOM   329  C  CA  . ASN A 1 79  ? 23.989  -9.324  -12.026 1.00 36.14 ? 59  ASN A CA  1 
ATOM   330  C  C   . ASN A 1 79  ? 24.656  -8.435  -10.968 1.00 35.10 ? 59  ASN A C   1 
ATOM   331  O  O   . ASN A 1 79  ? 25.345  -7.460  -11.299 1.00 35.24 ? 59  ASN A O   1 
ATOM   332  C  CB  . ASN A 1 79  ? 24.156  -8.735  -13.436 1.00 36.75 ? 59  ASN A CB  1 
ATOM   333  C  CG  . ASN A 1 79  ? 24.073  -9.794  -14.526 1.00 37.91 ? 59  ASN A CG  1 
ATOM   334  O  OD1 . ASN A 1 79  ? 23.139  -10.606 -14.560 1.00 39.38 ? 59  ASN A OD1 1 
ATOM   335  N  ND2 . ASN A 1 79  ? 25.049  -9.786  -15.426 1.00 38.07 ? 59  ASN A ND2 1 
ATOM   336  N  N   . GLY A 1 80  ? 24.449  -8.787  -9.698  1.00 33.58 ? 60  GLY A N   1 
ATOM   337  C  CA  . GLY A 1 80  ? 25.057  -8.065  -8.579  1.00 31.53 ? 60  GLY A CA  1 
ATOM   338  C  C   . GLY A 1 80  ? 24.186  -6.952  -8.017  1.00 29.90 ? 60  GLY A C   1 
ATOM   339  O  O   . GLY A 1 80  ? 24.356  -6.541  -6.871  1.00 30.14 ? 60  GLY A O   1 
ATOM   340  N  N   . ASN A 1 81  ? 23.255  -6.466  -8.833  1.00 28.00 ? 61  ASN A N   1 
ATOM   341  C  CA  . ASN A 1 81  ? 22.364  -5.380  -8.451  1.00 25.86 ? 61  ASN A CA  1 
ATOM   342  C  C   . ASN A 1 81  ? 21.097  -5.946  -7.806  1.00 24.67 ? 61  ASN A C   1 
ATOM   343  O  O   . ASN A 1 81  ? 20.407  -6.775  -8.403  1.00 24.32 ? 61  ASN A O   1 
ATOM   344  C  CB  . ASN A 1 81  ? 22.030  -4.540  -9.687  1.00 25.83 ? 61  ASN A CB  1 
ATOM   345  C  CG  . ASN A 1 81  ? 21.368  -3.216  -9.345  1.00 25.06 ? 61  ASN A CG  1 
ATOM   346  O  OD1 . ASN A 1 81  ? 21.492  -2.714  -8.232  1.00 24.39 ? 61  ASN A OD1 1 
ATOM   347  N  ND2 . ASN A 1 81  ? 20.672  -2.640  -10.316 1.00 23.88 ? 61  ASN A ND2 1 
ATOM   348  N  N   . ALA A 1 82  ? 20.808  -5.520  -6.580  1.00 23.15 ? 62  ALA A N   1 
ATOM   349  C  CA  . ALA A 1 82  ? 19.655  -6.042  -5.843  1.00 22.20 ? 62  ALA A CA  1 
ATOM   350  C  C   . ALA A 1 82  ? 18.867  -4.923  -5.165  1.00 21.08 ? 62  ALA A C   1 
ATOM   351  O  O   . ALA A 1 82  ? 19.425  -3.878  -4.814  1.00 20.75 ? 62  ALA A O   1 
ATOM   352  C  CB  . ALA A 1 82  ? 20.112  -7.066  -4.806  1.00 22.58 ? 62  ALA A CB  1 
ATOM   353  N  N   . ILE A 1 83  ? 17.571  -5.146  -4.983  1.00 19.40 ? 63  ILE A N   1 
ATOM   354  C  CA  . ILE A 1 83  ? 16.745  -4.223  -4.205  1.00 18.41 ? 63  ILE A CA  1 
ATOM   355  C  C   . ILE A 1 83  ? 17.200  -4.248  -2.741  1.00 18.11 ? 63  ILE A C   1 
ATOM   356  O  O   . ILE A 1 83  ? 17.283  -5.318  -2.123  1.00 17.87 ? 63  ILE A O   1 
ATOM   357  C  CB  . ILE A 1 83  ? 15.239  -4.573  -4.300  1.00 18.28 ? 63  ILE A CB  1 
ATOM   358  C  CG1 . ILE A 1 83  ? 14.757  -4.491  -5.753  1.00 18.06 ? 63  ILE A CG1 1 
ATOM   359  C  CG2 . ILE A 1 83  ? 14.412  -3.651  -3.391  1.00 17.61 ? 63  ILE A CG2 1 
ATOM   360  C  CD1 . ILE A 1 83  ? 13.394  -5.149  -6.006  1.00 20.53 ? 63  ILE A CD1 1 
ATOM   361  N  N   . GLU A 1 84  ? 17.508  -3.079  -2.193  1.00 17.16 ? 64  GLU A N   1 
ATOM   362  C  CA  . GLU A 1 84  ? 17.873  -2.995  -0.779  1.00 16.76 ? 64  GLU A CA  1 
ATOM   363  C  C   . GLU A 1 84  ? 16.583  -2.771  0.004   1.00 16.23 ? 64  GLU A C   1 
ATOM   364  O  O   . GLU A 1 84  ? 15.926  -1.748  -0.175  1.00 15.87 ? 64  GLU A O   1 
ATOM   365  C  CB  . GLU A 1 84  ? 18.864  -1.850  -0.556  1.00 16.95 ? 64  GLU A CB  1 
ATOM   366  C  CG  . GLU A 1 84  ? 19.288  -1.642  0.902   1.00 19.03 ? 64  GLU A CG  1 
ATOM   367  C  CD  . GLU A 1 84  ? 20.260  -0.482  1.093   1.00 21.78 ? 64  GLU A CD  1 
ATOM   368  O  OE1 . GLU A 1 84  ? 20.591  0.222   0.111   1.00 23.78 ? 64  GLU A OE1 1 
ATOM   369  O  OE2 . GLU A 1 84  ? 20.697  -0.271  2.240   1.00 21.95 ? 64  GLU A OE2 1 
ATOM   370  N  N   . ALA A 1 85  ? 16.203  -3.733  0.845   1.00 15.48 ? 65  ALA A N   1 
ATOM   371  C  CA  . ALA A 1 85  ? 14.979  -3.606  1.643   1.00 15.01 ? 65  ALA A CA  1 
ATOM   372  C  C   . ALA A 1 85  ? 15.307  -3.079  3.047   1.00 14.42 ? 65  ALA A C   1 
ATOM   373  O  O   . ALA A 1 85  ? 16.239  -3.559  3.696   1.00 14.68 ? 65  ALA A O   1 
ATOM   374  C  CB  . ALA A 1 85  ? 14.240  -4.942  1.721   1.00 14.93 ? 65  ALA A CB  1 
ATOM   375  N  N   . ILE A 1 86  ? 14.536  -2.097  3.514   1.00 13.57 ? 66  ILE A N   1 
ATOM   376  C  CA  . ILE A 1 86  ? 14.797  -1.435  4.800   1.00 13.65 ? 66  ILE A CA  1 
ATOM   377  C  C   . ILE A 1 86  ? 13.523  -1.432  5.649   1.00 13.64 ? 66  ILE A C   1 
ATOM   378  O  O   . ILE A 1 86  ? 12.499  -0.871  5.254   1.00 12.98 ? 66  ILE A O   1 
ATOM   379  C  CB  . ILE A 1 86  ? 15.330  0.013   4.608   1.00 13.55 ? 66  ILE A CB  1 
ATOM   380  C  CG1 . ILE A 1 86  ? 16.597  -0.001  3.747   1.00 14.05 ? 66  ILE A CG1 1 
ATOM   381  C  CG2 . ILE A 1 86  ? 15.626  0.682   5.971   1.00 12.93 ? 66  ILE A CG2 1 
ATOM   382  C  CD1 . ILE A 1 86  ? 16.950  1.330   3.105   1.00 14.97 ? 66  ILE A CD1 1 
ATOM   383  N  N   . ASN A 1 87  ? 13.587  -2.084  6.806   1.00 13.98 ? 67  ASN A N   1 
ATOM   384  C  CA  . ASN A 1 87  ? 12.427  -2.176  7.684   1.00 14.47 ? 67  ASN A CA  1 
ATOM   385  C  C   . ASN A 1 87  ? 12.392  -0.993  8.618   1.00 14.11 ? 67  ASN A C   1 
ATOM   386  O  O   . ASN A 1 87  ? 13.377  -0.741  9.324   1.00 14.34 ? 67  ASN A O   1 
ATOM   387  C  CB  . ASN A 1 87  ? 12.461  -3.477  8.488   1.00 15.47 ? 67  ASN A CB  1 
ATOM   388  C  CG  . ASN A 1 87  ? 12.232  -4.693  7.628   1.00 17.09 ? 67  ASN A CG  1 
ATOM   389  O  OD1 . ASN A 1 87  ? 13.113  -5.535  7.490   1.00 22.45 ? 67  ASN A OD1 1 
ATOM   390  N  ND2 . ASN A 1 87  ? 11.047  -4.802  7.054   1.00 19.41 ? 67  ASN A ND2 1 
ATOM   391  N  N   . ILE A 1 88  ? 11.268  -0.269  8.635   1.00 13.39 ? 68  ILE A N   1 
ATOM   392  C  CA  . ILE A 1 88  ? 11.137  0.940   9.469   1.00 13.38 ? 68  ILE A CA  1 
ATOM   393  C  C   . ILE A 1 88  ? 9.876   0.964   10.337  1.00 13.65 ? 68  ILE A C   1 
ATOM   394  O  O   . ILE A 1 88  ? 8.856   0.392   9.973   1.00 13.69 ? 68  ILE A O   1 
ATOM   395  C  CB  . ILE A 1 88  ? 11.228  2.237   8.625   1.00 13.39 ? 68  ILE A CB  1 
ATOM   396  C  CG1 . ILE A 1 88  ? 10.095  2.287   7.576   1.00 12.94 ? 68  ILE A CG1 1 
ATOM   397  C  CG2 . ILE A 1 88  ? 12.617  2.354   7.971   1.00 12.84 ? 68  ILE A CG2 1 
ATOM   398  C  CD1 . ILE A 1 88  ? 10.002  3.585   6.817   1.00 13.52 ? 68  ILE A CD1 1 
ATOM   399  N  N   . SER A 1 89  ? 9.967   1.624   11.490  1.00 14.37 ? 69  SER A N   1 
ATOM   400  C  CA  . SER A 1 89  ? 8.841   1.758   12.417  1.00 14.58 ? 69  SER A CA  1 
ATOM   401  C  C   . SER A 1 89  ? 8.135   3.097   12.262  1.00 14.54 ? 69  SER A C   1 
ATOM   402  O  O   . SER A 1 89  ? 6.960   3.227   12.583  1.00 14.79 ? 69  SER A O   1 
ATOM   403  C  CB  . SER A 1 89  ? 9.326   1.609   13.861  1.00 15.03 ? 69  SER A CB  1 
ATOM   404  O  OG  . SER A 1 89  ? 9.703   0.269   14.107  1.00 17.22 ? 69  SER A OG  1 
ATOM   405  N  N   . LYS A 1 90  ? 8.863   4.082   11.750  1.00 14.06 ? 70  LYS A N   1 
ATOM   406  C  CA  . LYS A 1 90  ? 8.416   5.461   11.726  1.00 13.75 ? 70  LYS A CA  1 
ATOM   407  C  C   . LYS A 1 90  ? 8.802   6.063   10.370  1.00 13.08 ? 70  LYS A C   1 
ATOM   408  O  O   . LYS A 1 90  ? 9.918   5.839   9.903   1.00 12.30 ? 70  LYS A O   1 
ATOM   409  C  CB  . LYS A 1 90  ? 9.130   6.199   12.866  1.00 14.07 ? 70  LYS A CB  1 
ATOM   410  C  CG  . LYS A 1 90  ? 8.522   7.511   13.280  1.00 16.59 ? 70  LYS A CG  1 
ATOM   411  C  CD  . LYS A 1 90  ? 8.828   7.813   14.745  1.00 19.78 ? 70  LYS A CD  1 
ATOM   412  C  CE  . LYS A 1 90  ? 8.245   9.156   15.181  1.00 22.26 ? 70  LYS A CE  1 
ATOM   413  N  NZ  . LYS A 1 90  ? 9.301   10.190  15.431  1.00 23.20 ? 70  LYS A NZ  1 
ATOM   414  N  N   . ALA A 1 91  ? 7.896   6.832   9.761   1.00 12.25 ? 71  ALA A N   1 
ATOM   415  C  CA  . ALA A 1 91  ? 8.161   7.512   8.477   1.00 12.85 ? 71  ALA A CA  1 
ATOM   416  C  C   . ALA A 1 91  ? 9.451   8.361   8.498   1.00 12.96 ? 71  ALA A C   1 
ATOM   417  O  O   . ALA A 1 91  ? 10.195  8.405   7.514   1.00 12.54 ? 71  ALA A O   1 
ATOM   418  C  CB  . ALA A 1 91  ? 6.971   8.382   8.069   1.00 12.75 ? 71  ALA A CB  1 
ATOM   419  N  N   . SER A 1 92  ? 9.687   9.028   9.621   1.00 12.58 ? 72  SER A N   1 
ATOM   420  C  CA  . SER A 1 92  ? 10.856  9.901   9.798   1.00 13.20 ? 72  SER A CA  1 
ATOM   421  C  C   . SER A 1 92  ? 12.203  9.197   9.614   1.00 12.82 ? 72  SER A C   1 
ATOM   422  O  O   . SER A 1 92  ? 13.189  9.854   9.265   1.00 13.22 ? 72  SER A O   1 
ATOM   423  C  CB  . SER A 1 92  ? 10.807  10.590  11.160  1.00 13.05 ? 72  SER A CB  1 
ATOM   424  O  OG  . SER A 1 92  ? 10.930  9.650   12.214  1.00 15.05 ? 72  SER A OG  1 
ATOM   425  N  N   . GLU A 1 93  ? 12.239  7.881   9.840   1.00 11.66 ? 73  GLU A N   1 
ATOM   426  C  CA  . GLU A 1 93  ? 13.430  7.062   9.576   1.00 11.72 ? 73  GLU A CA  1 
ATOM   427  C  C   . GLU A 1 93  ? 13.944  7.147   8.142   1.00 11.13 ? 73  GLU A C   1 
ATOM   428  O  O   . GLU A 1 93  ? 15.143  7.002   7.899   1.00 10.99 ? 73  GLU A O   1 
ATOM   429  C  CB  . GLU A 1 93  ? 13.184  5.589   9.909   1.00 11.28 ? 73  GLU A CB  1 
ATOM   430  C  CG  . GLU A 1 93  ? 13.031  5.297   11.379  1.00 12.62 ? 73  GLU A CG  1 
ATOM   431  C  CD  . GLU A 1 93  ? 12.766  3.831   11.649  1.00 13.45 ? 73  GLU A CD  1 
ATOM   432  O  OE1 . GLU A 1 93  ? 13.547  2.975   11.174  1.00 12.86 ? 73  GLU A OE1 1 
ATOM   433  O  OE2 . GLU A 1 93  ? 11.787  3.535   12.355  1.00 14.51 ? 73  GLU A OE2 1 
ATOM   434  N  N   . ILE A 1 94  ? 13.039  7.365   7.196   1.00 11.20 ? 74  ILE A N   1 
ATOM   435  C  CA  . ILE A 1 94  ? 13.416  7.417   5.785   1.00 10.35 ? 74  ILE A CA  1 
ATOM   436  C  C   . ILE A 1 94  ? 14.512  8.456   5.558   1.00 10.64 ? 74  ILE A C   1 
ATOM   437  O  O   . ILE A 1 94  ? 15.499  8.196   4.874   1.00 10.71 ? 74  ILE A O   1 
ATOM   438  C  CB  . ILE A 1 94  ? 12.197  7.691   4.872   1.00 10.45 ? 74  ILE A CB  1 
ATOM   439  C  CG1 . ILE A 1 94  ? 11.222  6.516   4.954   1.00 10.46 ? 74  ILE A CG1 1 
ATOM   440  C  CG2 . ILE A 1 94  ? 12.658  7.898   3.425   1.00 8.94  ? 74  ILE A CG2 1 
ATOM   441  C  CD1 . ILE A 1 94  ? 9.885   6.746   4.269   1.00 10.94 ? 74  ILE A CD1 1 
HETATM 442  N  N   . MSE A 1 95  ? 14.351  9.617   6.172   1.00 10.87 ? 75  MSE A N   1 
HETATM 443  C  CA  . MSE A 1 95  ? 15.254  10.730  5.951   1.00 11.72 ? 75  MSE A CA  1 
HETATM 444  C  C   . MSE A 1 95  ? 16.606  10.579  6.682   1.00 10.97 ? 75  MSE A C   1 
HETATM 445  O  O   . MSE A 1 95  ? 17.518  11.354  6.428   1.00 10.81 ? 75  MSE A O   1 
HETATM 446  C  CB  . MSE A 1 95  ? 14.552  12.049  6.305   1.00 12.81 ? 75  MSE A CB  1 
HETATM 447  C  CG  . MSE A 1 95  ? 13.285  12.330  5.438   1.00 16.75 ? 75  MSE A CG  1 
HETATM 448  SE SE  . MSE A 1 95  ? 13.675  12.334  3.528   0.75 31.66 ? 75  MSE A SE  1 
HETATM 449  C  CE  . MSE A 1 95  ? 14.950  13.825  3.528   1.00 26.40 ? 75  MSE A CE  1 
ATOM   450  N  N   . THR A 1 96  ? 16.733  9.573   7.551   1.00 10.17 ? 76  THR A N   1 
ATOM   451  C  CA  . THR A 1 96  ? 18.006  9.307   8.268   1.00 9.85  ? 76  THR A CA  1 
ATOM   452  C  C   . THR A 1 96  ? 18.952  8.454   7.412   1.00 9.98  ? 76  THR A C   1 
ATOM   453  O  O   . THR A 1 96  ? 20.117  8.284   7.758   1.00 9.76  ? 76  THR A O   1 
ATOM   454  C  CB  . THR A 1 96  ? 17.786  8.551   9.599   1.00 9.32  ? 76  THR A CB  1 
ATOM   455  O  OG1 . THR A 1 96  ? 17.416  7.188   9.320   1.00 9.49  ? 76  THR A OG1 1 
ATOM   456  C  CG2 . THR A 1 96  ? 16.714  9.221   10.445  1.00 8.49  ? 76  THR A CG2 1 
ATOM   457  N  N   . HIS A 1 97  ? 18.432  7.890   6.321   1.00 10.37 ? 77  HIS A N   1 
ATOM   458  C  CA  . HIS A 1 97  ? 19.242  7.103   5.391   1.00 11.27 ? 77  HIS A CA  1 
ATOM   459  C  C   . HIS A 1 97  ? 19.810  7.992   4.290   1.00 12.34 ? 77  HIS A C   1 
ATOM   460  O  O   . HIS A 1 97  ? 19.146  8.906   3.812   1.00 12.19 ? 77  HIS A O   1 
ATOM   461  C  CB  . HIS A 1 97  ? 18.424  5.959   4.762   1.00 11.05 ? 77  HIS A CB  1 
ATOM   462  C  CG  . HIS A 1 97  ? 18.027  4.903   5.743   1.00 10.11 ? 77  HIS A CG  1 
ATOM   463  N  ND1 . HIS A 1 97  ? 18.742  3.739   5.912   1.00 7.55  ? 77  HIS A ND1 1 
ATOM   464  C  CD2 . HIS A 1 97  ? 17.015  4.857   6.642   1.00 9.16  ? 77  HIS A CD2 1 
ATOM   465  C  CE1 . HIS A 1 97  ? 18.179  3.011   6.860   1.00 8.92  ? 77  HIS A CE1 1 
ATOM   466  N  NE2 . HIS A 1 97  ? 17.138  3.674   7.332   1.00 9.16  ? 77  HIS A NE2 1 
ATOM   467  N  N   . ASP A 1 98  ? 21.039  7.710   3.884   1.00 13.83 ? 78  ASP A N   1 
ATOM   468  C  CA  . ASP A 1 98  ? 21.661  8.451   2.801   1.00 15.39 ? 78  ASP A CA  1 
ATOM   469  C  C   . ASP A 1 98  ? 21.120  7.933   1.466   1.00 15.82 ? 78  ASP A C   1 
ATOM   470  O  O   . ASP A 1 98  ? 21.477  6.846   1.036   1.00 16.63 ? 78  ASP A O   1 
ATOM   471  C  CB  . ASP A 1 98  ? 23.185  8.303   2.875   1.00 16.20 ? 78  ASP A CB  1 
ATOM   472  C  CG  . ASP A 1 98  ? 23.899  8.984   1.717   1.00 17.84 ? 78  ASP A CG  1 
ATOM   473  O  OD1 . ASP A 1 98  ? 23.263  9.758   0.960   1.00 18.56 ? 78  ASP A OD1 1 
ATOM   474  O  OD2 . ASP A 1 98  ? 25.111  8.739   1.577   1.00 22.46 ? 78  ASP A OD2 1 
ATOM   475  N  N   . LEU A 1 99  ? 20.240  8.704   0.834   1.00 15.94 ? 79  LEU A N   1 
ATOM   476  C  CA  . LEU A 1 99  ? 19.613  8.287   -0.423  1.00 16.70 ? 79  LEU A CA  1 
ATOM   477  C  C   . LEU A 1 99  ? 20.148  9.036   -1.653  1.00 16.90 ? 79  LEU A C   1 
ATOM   478  O  O   . LEU A 1 99  ? 19.588  8.927   -2.735  1.00 16.69 ? 79  LEU A O   1 
ATOM   479  C  CB  . LEU A 1 99  ? 18.081  8.418   -0.337  1.00 16.45 ? 79  LEU A CB  1 
ATOM   480  C  CG  . LEU A 1 99  ? 17.396  7.715   0.844   1.00 17.03 ? 79  LEU A CG  1 
ATOM   481  C  CD1 . LEU A 1 99  ? 15.971  8.230   1.049   1.00 18.84 ? 79  LEU A CD1 1 
ATOM   482  C  CD2 . LEU A 1 99  ? 17.410  6.200   0.671   1.00 17.34 ? 79  LEU A CD2 1 
ATOM   483  N  N   . THR A 1 100 ? 21.244  9.778   -1.490  1.00 17.85 ? 80  THR A N   1 
ATOM   484  C  CA  . THR A 1 100 ? 21.764  10.607  -2.585  1.00 18.61 ? 80  THR A CA  1 
ATOM   485  C  C   . THR A 1 100 ? 22.037  9.813   -3.874  1.00 18.86 ? 80  THR A C   1 
ATOM   486  O  O   . THR A 1 100 ? 21.757  10.306  -4.960  1.00 19.61 ? 80  THR A O   1 
ATOM   487  C  CB  . THR A 1 100 ? 23.009  11.432  -2.172  1.00 18.74 ? 80  THR A CB  1 
ATOM   488  O  OG1 . THR A 1 100 ? 23.965  10.578  -1.542  1.00 20.12 ? 80  THR A OG1 1 
ATOM   489  C  CG2 . THR A 1 100 ? 22.623  12.542  -1.195  1.00 18.71 ? 80  THR A CG2 1 
ATOM   490  N  N   . ASN A 1 101 ? 22.544  8.587   -3.751  1.00 18.37 ? 81  ASN A N   1 
ATOM   491  C  CA  . ASN A 1 101 ? 22.819  7.761   -4.928  1.00 18.24 ? 81  ASN A CA  1 
ATOM   492  C  C   . ASN A 1 101 ? 21.692  6.790   -5.304  1.00 17.25 ? 81  ASN A C   1 
ATOM   493  O  O   . ASN A 1 101 ? 21.891  5.906   -6.129  1.00 17.30 ? 81  ASN A O   1 
ATOM   494  C  CB  . ASN A 1 101 ? 24.120  6.971   -4.748  1.00 18.81 ? 81  ASN A CB  1 
ATOM   495  C  CG  . ASN A 1 101 ? 25.345  7.855   -4.649  1.00 21.32 ? 81  ASN A CG  1 
ATOM   496  O  OD1 . ASN A 1 101 ? 25.437  8.914   -5.282  1.00 23.51 ? 81  ASN A OD1 1 
ATOM   497  N  ND2 . ASN A 1 101 ? 26.313  7.412   -3.847  1.00 24.02 ? 81  ASN A ND2 1 
ATOM   498  N  N   . VAL A 1 102 ? 20.509  6.960   -4.724  1.00 16.19 ? 82  VAL A N   1 
ATOM   499  C  CA  . VAL A 1 102 ? 19.422  6.016   -4.970  1.00 15.23 ? 82  VAL A CA  1 
ATOM   500  C  C   . VAL A 1 102 ? 18.507  6.543   -6.077  1.00 14.79 ? 82  VAL A C   1 
ATOM   501  O  O   . VAL A 1 102 ? 18.040  7.668   -6.001  1.00 14.79 ? 82  VAL A O   1 
ATOM   502  C  CB  . VAL A 1 102 ? 18.644  5.692   -3.663  1.00 15.07 ? 82  VAL A CB  1 
ATOM   503  C  CG1 . VAL A 1 102 ? 17.487  4.723   -3.949  1.00 15.24 ? 82  VAL A CG1 1 
ATOM   504  C  CG2 . VAL A 1 102 ? 19.599  5.089   -2.628  1.00 14.41 ? 82  VAL A CG2 1 
ATOM   505  N  N   . ASP A 1 103 ? 18.277  5.733   -7.111  1.00 14.09 ? 83  ASP A N   1 
ATOM   506  C  CA  . ASP A 1 103 ? 17.416  6.141   -8.232  1.00 13.76 ? 83  ASP A CA  1 
ATOM   507  C  C   . ASP A 1 103 ? 15.918  5.970   -7.965  1.00 13.08 ? 83  ASP A C   1 
ATOM   508  O  O   . ASP A 1 103 ? 15.113  6.854   -8.295  1.00 13.72 ? 83  ASP A O   1 
ATOM   509  C  CB  . ASP A 1 103 ? 17.808  5.405   -9.520  1.00 13.47 ? 83  ASP A CB  1 
ATOM   510  C  CG  . ASP A 1 103 ? 19.262  5.610   -9.876  1.00 14.92 ? 83  ASP A CG  1 
ATOM   511  O  OD1 . ASP A 1 103 ? 19.625  6.753   -10.223 1.00 15.27 ? 83  ASP A OD1 1 
ATOM   512  O  OD2 . ASP A 1 103 ? 20.039  4.638   -9.789  1.00 13.03 ? 83  ASP A OD2 1 
ATOM   513  N  N   . VAL A 1 104 ? 15.545  4.830   -7.395  1.00 12.35 ? 84  VAL A N   1 
ATOM   514  C  CA  . VAL A 1 104 ? 14.138  4.470   -7.222  1.00 11.45 ? 84  VAL A CA  1 
ATOM   515  C  C   . VAL A 1 104 ? 13.900  4.104   -5.758  1.00 11.12 ? 84  VAL A C   1 
ATOM   516  O  O   . VAL A 1 104 ? 14.662  3.318   -5.179  1.00 10.26 ? 84  VAL A O   1 
ATOM   517  C  CB  . VAL A 1 104 ? 13.711  3.281   -8.138  1.00 11.19 ? 84  VAL A CB  1 
ATOM   518  C  CG1 . VAL A 1 104 ? 12.205  3.039   -8.031  1.00 11.09 ? 84  VAL A CG1 1 
ATOM   519  C  CG2 . VAL A 1 104 ? 14.116  3.538   -9.606  1.00 11.76 ? 84  VAL A CG2 1 
ATOM   520  N  N   . ILE A 1 105 ? 12.861  4.690   -5.167  1.00 10.06 ? 85  ILE A N   1 
ATOM   521  C  CA  . ILE A 1 105 ? 12.541  4.462   -3.757  1.00 10.24 ? 85  ILE A CA  1 
ATOM   522  C  C   . ILE A 1 105 ? 11.123  3.924   -3.659  1.00 9.69  ? 85  ILE A C   1 
ATOM   523  O  O   . ILE A 1 105 ? 10.166  4.610   -4.037  1.00 9.57  ? 85  ILE A O   1 
ATOM   524  C  CB  . ILE A 1 105 ? 12.632  5.757   -2.903  1.00 10.28 ? 85  ILE A CB  1 
ATOM   525  C  CG1 . ILE A 1 105 ? 14.069  6.313   -2.886  1.00 11.26 ? 85  ILE A CG1 1 
ATOM   526  C  CG2 . ILE A 1 105 ? 12.133  5.478   -1.465  1.00 11.04 ? 85  ILE A CG2 1 
ATOM   527  C  CD1 . ILE A 1 105 ? 14.177  7.766   -2.390  1.00 8.20  ? 85  ILE A CD1 1 
ATOM   528  N  N   . GLY A 1 106 ? 10.989  2.699   -3.164  1.00 9.22  ? 86  GLY A N   1 
ATOM   529  C  CA  . GLY A 1 106 ? 9.674   2.119   -2.934  1.00 9.01  ? 86  GLY A CA  1 
ATOM   530  C  C   . GLY A 1 106 ? 9.285   2.302   -1.482  1.00 9.35  ? 86  GLY A C   1 
ATOM   531  O  O   . GLY A 1 106 ? 10.149  2.306   -0.601  1.00 9.15  ? 86  GLY A O   1 
ATOM   532  N  N   . ILE A 1 107 ? 7.984   2.446   -1.223  1.00 9.76  ? 87  ILE A N   1 
ATOM   533  C  CA  . ILE A 1 107 ? 7.482   2.440   0.151   1.00 10.31 ? 87  ILE A CA  1 
ATOM   534  C  C   . ILE A 1 107 ? 6.218   1.606   0.138   1.00 10.88 ? 87  ILE A C   1 
ATOM   535  O  O   . ILE A 1 107 ? 5.266   1.941   -0.569  1.00 11.13 ? 87  ILE A O   1 
ATOM   536  C  CB  . ILE A 1 107 ? 7.169   3.856   0.701   1.00 9.90  ? 87  ILE A CB  1 
ATOM   537  C  CG1 . ILE A 1 107 ? 8.376   4.787   0.525   1.00 9.84  ? 87  ILE A CG1 1 
ATOM   538  C  CG2 . ILE A 1 107 ? 6.767   3.759   2.208   1.00 10.85 ? 87  ILE A CG2 1 
ATOM   539  C  CD1 . ILE A 1 107 ? 8.124   6.257   0.879   1.00 9.72  ? 87  ILE A CD1 1 
ATOM   540  N  N   . ASP A 1 108 ? 6.234   0.508   0.893   1.00 10.91 ? 88  ASP A N   1 
ATOM   541  C  CA  . ASP A 1 108 ? 5.124   -0.435  0.915   1.00 11.13 ? 88  ASP A CA  1 
ATOM   542  C  C   . ASP A 1 108 ? 4.238   -0.169  2.134   1.00 11.51 ? 88  ASP A C   1 
ATOM   543  O  O   . ASP A 1 108 ? 4.678   0.484   3.092   1.00 10.31 ? 88  ASP A O   1 
ATOM   544  C  CB  . ASP A 1 108 ? 5.646   -1.881  0.971   1.00 11.85 ? 88  ASP A CB  1 
ATOM   545  C  CG  . ASP A 1 108 ? 4.607   -2.905  0.433   1.00 13.23 ? 88  ASP A CG  1 
ATOM   546  O  OD1 . ASP A 1 108 ? 3.526   -2.484  0.014   1.00 13.92 ? 88  ASP A OD1 1 
ATOM   547  O  OD2 . ASP A 1 108 ? 4.869   -4.104  0.450   1.00 14.25 ? 88  ASP A OD2 1 
ATOM   548  N  N   . GLU A 1 109 ? 2.998   -0.672  2.078   1.00 11.22 ? 89  GLU A N   1 
ATOM   549  C  CA  . GLU A 1 109 ? 2.016   -0.566  3.164   1.00 12.61 ? 89  GLU A CA  1 
ATOM   550  C  C   . GLU A 1 109 ? 1.944   0.855   3.730   1.00 12.99 ? 89  GLU A C   1 
ATOM   551  O  O   . GLU A 1 109 ? 2.081   1.042   4.933   1.00 11.68 ? 89  GLU A O   1 
ATOM   552  C  CB  . GLU A 1 109 ? 2.349   -1.550  4.303   1.00 13.42 ? 89  GLU A CB  1 
ATOM   553  C  CG  . GLU A 1 109 ? 2.717   -2.944  3.871   1.00 17.31 ? 89  GLU A CG  1 
ATOM   554  C  CD  . GLU A 1 109 ? 1.548   -3.696  3.279   1.00 25.48 ? 89  GLU A CD  1 
ATOM   555  O  OE1 . GLU A 1 109 ? 0.388   -3.331  3.568   1.00 30.68 ? 89  GLU A OE1 1 
ATOM   556  O  OE2 . GLU A 1 109 ? 1.789   -4.664  2.524   1.00 31.04 ? 89  GLU A OE2 1 
ATOM   557  N  N   . VAL A 1 110 ? 1.734   1.855   2.872   1.00 14.12 ? 90  VAL A N   1 
ATOM   558  C  CA  . VAL A 1 110 ? 1.874   3.254   3.324   1.00 15.71 ? 90  VAL A CA  1 
ATOM   559  C  C   . VAL A 1 110 ? 0.807   3.699   4.330   1.00 16.29 ? 90  VAL A C   1 
ATOM   560  O  O   . VAL A 1 110 ? 1.027   4.645   5.084   1.00 15.72 ? 90  VAL A O   1 
ATOM   561  C  CB  . VAL A 1 110 ? 1.999   4.283   2.177   1.00 16.28 ? 90  VAL A CB  1 
ATOM   562  C  CG1 . VAL A 1 110 ? 3.239   4.011   1.377   1.00 18.81 ? 90  VAL A CG1 1 
ATOM   563  C  CG2 . VAL A 1 110 ? 0.787   4.249   1.284   1.00 17.12 ? 90  VAL A CG2 1 
ATOM   564  N  N   . GLN A 1 111 ? -0.324  2.990   4.349   1.00 16.98 ? 91  GLN A N   1 
ATOM   565  C  CA  . GLN A 1 111 ? -1.377  3.227   5.338   1.00 18.12 ? 91  GLN A CA  1 
ATOM   566  C  C   . GLN A 1 111 ? -0.881  3.007   6.772   1.00 18.74 ? 91  GLN A C   1 
ATOM   567  O  O   . GLN A 1 111 ? -1.499  3.484   7.725   1.00 19.44 ? 91  GLN A O   1 
ATOM   568  C  CB  . GLN A 1 111 ? -2.613  2.355   5.039   1.00 17.57 ? 91  GLN A CB  1 
ATOM   569  C  CG  . GLN A 1 111 ? -2.485  0.895   5.432   1.00 17.15 ? 91  GLN A CG  1 
ATOM   570  C  CD  . GLN A 1 111 ? -1.737  0.053   4.411   1.00 17.44 ? 91  GLN A CD  1 
ATOM   571  O  OE1 . GLN A 1 111 ? -1.399  0.515   3.319   1.00 14.94 ? 91  GLN A OE1 1 
ATOM   572  N  NE2 . GLN A 1 111 ? -1.465  -1.194  4.773   1.00 18.41 ? 91  GLN A NE2 1 
ATOM   573  N  N   . PHE A 1 112 ? 0.231   2.287   6.926   1.00 19.53 ? 92  PHE A N   1 
ATOM   574  C  CA  . PHE A 1 112 ? 0.890   2.137   8.232   1.00 20.46 ? 92  PHE A CA  1 
ATOM   575  C  C   . PHE A 1 112 ? 1.341   3.481   8.811   1.00 21.32 ? 92  PHE A C   1 
ATOM   576  O  O   . PHE A 1 112 ? 1.331   3.662   10.033  1.00 21.46 ? 92  PHE A O   1 
ATOM   577  C  CB  . PHE A 1 112 ? 2.097   1.196   8.138   1.00 20.48 ? 92  PHE A CB  1 
ATOM   578  C  CG  . PHE A 1 112 ? 2.794   0.943   9.470   1.00 21.66 ? 92  PHE A CG  1 
ATOM   579  C  CD1 . PHE A 1 112 ? 2.358   -0.077  10.321  1.00 21.44 ? 92  PHE A CD1 1 
ATOM   580  C  CD2 . PHE A 1 112 ? 3.894   1.713   9.859   1.00 21.53 ? 92  PHE A CD2 1 
ATOM   581  C  CE1 . PHE A 1 112 ? 3.000   -0.321  11.539  1.00 22.17 ? 92  PHE A CE1 1 
ATOM   582  C  CE2 . PHE A 1 112 ? 4.542   1.479   11.082  1.00 21.59 ? 92  PHE A CE2 1 
ATOM   583  C  CZ  . PHE A 1 112 ? 4.099   0.460   11.917  1.00 22.15 ? 92  PHE A CZ  1 
ATOM   584  N  N   . PHE A 1 113 ? 1.744   4.404   7.938   1.00 21.84 ? 93  PHE A N   1 
ATOM   585  C  CA  . PHE A 1 113 ? 2.283   5.710   8.356   1.00 22.77 ? 93  PHE A CA  1 
ATOM   586  C  C   . PHE A 1 113 ? 1.177   6.767   8.387   1.00 23.76 ? 93  PHE A C   1 
ATOM   587  O  O   . PHE A 1 113 ? 0.065   6.525   7.919   1.00 23.77 ? 93  PHE A O   1 
ATOM   588  C  CB  . PHE A 1 113 ? 3.424   6.142   7.419   1.00 22.20 ? 93  PHE A CB  1 
ATOM   589  C  CG  . PHE A 1 113 ? 4.468   5.078   7.213   1.00 21.06 ? 93  PHE A CG  1 
ATOM   590  C  CD1 . PHE A 1 113 ? 5.398   4.790   8.215   1.00 21.17 ? 93  PHE A CD1 1 
ATOM   591  C  CD2 . PHE A 1 113 ? 4.516   4.355   6.024   1.00 21.65 ? 93  PHE A CD2 1 
ATOM   592  C  CE1 . PHE A 1 113 ? 6.363   3.799   8.038   1.00 19.34 ? 93  PHE A CE1 1 
ATOM   593  C  CE2 . PHE A 1 113 ? 5.472   3.352   5.827   1.00 20.88 ? 93  PHE A CE2 1 
ATOM   594  C  CZ  . PHE A 1 113 ? 6.402   3.074   6.844   1.00 21.59 ? 93  PHE A CZ  1 
ATOM   595  N  N   . ASP A 1 114 ? 1.477   7.927   8.963   1.00 25.26 ? 94  ASP A N   1 
ATOM   596  C  CA  . ASP A 1 114 ? 0.505   9.016   9.041   1.00 26.01 ? 94  ASP A CA  1 
ATOM   597  C  C   . ASP A 1 114 ? 0.732   10.034  7.917   1.00 25.83 ? 94  ASP A C   1 
ATOM   598  O  O   . ASP A 1 114 ? 1.451   9.750   6.954   1.00 25.04 ? 94  ASP A O   1 
ATOM   599  C  CB  . ASP A 1 114 ? 0.591   9.693   10.406  1.00 27.10 ? 94  ASP A CB  1 
ATOM   600  C  CG  . ASP A 1 114 ? 1.989   10.192  10.719  1.00 29.73 ? 94  ASP A CG  1 
ATOM   601  O  OD1 . ASP A 1 114 ? 2.612   9.679   11.674  1.00 32.03 ? 94  ASP A OD1 1 
ATOM   602  O  OD2 . ASP A 1 114 ? 2.473   11.084  9.991   1.00 32.16 ? 94  ASP A OD2 1 
ATOM   603  N  N   . ASP A 1 115 ? 0.161   11.229  8.065   1.00 25.08 ? 95  ASP A N   1 
ATOM   604  C  CA  . ASP A 1 115 ? 0.283   12.250  7.032   1.00 24.53 ? 95  ASP A CA  1 
ATOM   605  C  C   . ASP A 1 115 ? 1.704   12.786  6.798   1.00 22.65 ? 95  ASP A C   1 
ATOM   606  O  O   . ASP A 1 115 ? 1.960   13.401  5.774   1.00 22.24 ? 95  ASP A O   1 
ATOM   607  C  CB  . ASP A 1 115 ? -0.710  13.397  7.246   1.00 25.38 ? 95  ASP A CB  1 
ATOM   608  C  CG  . ASP A 1 115 ? -1.336  13.855  5.937   1.00 28.33 ? 95  ASP A CG  1 
ATOM   609  O  OD1 . ASP A 1 115 ? -0.916  14.911  5.401   1.00 32.01 ? 95  ASP A OD1 1 
ATOM   610  O  OD2 . ASP A 1 115 ? -2.226  13.136  5.423   1.00 31.48 ? 95  ASP A OD2 1 
ATOM   611  N  N   . GLU A 1 116 ? 2.615   12.543  7.738   1.00 21.29 ? 96  GLU A N   1 
ATOM   612  C  CA  . GLU A 1 116 ? 4.023   12.925  7.592   1.00 20.36 ? 96  GLU A CA  1 
ATOM   613  C  C   . GLU A 1 116 ? 4.672   12.315  6.332   1.00 19.08 ? 96  GLU A C   1 
ATOM   614  O  O   . GLU A 1 116 ? 5.535   12.925  5.696   1.00 18.07 ? 96  GLU A O   1 
ATOM   615  C  CB  . GLU A 1 116 ? 4.804   12.506  8.841   1.00 21.14 ? 96  GLU A CB  1 
ATOM   616  C  CG  . GLU A 1 116 ? 6.310   12.771  8.786   1.00 23.94 ? 96  GLU A CG  1 
ATOM   617  C  CD  . GLU A 1 116 ? 7.034   12.414  10.088  1.00 28.65 ? 96  GLU A CD  1 
ATOM   618  O  OE1 . GLU A 1 116 ? 6.414   11.794  10.991  1.00 30.90 ? 96  GLU A OE1 1 
ATOM   619  O  OE2 . GLU A 1 116 ? 8.233   12.757  10.208  1.00 30.11 ? 96  GLU A OE2 1 
ATOM   620  N  N   . ILE A 1 117 ? 4.239   11.112  5.965   1.00 17.80 ? 97  ILE A N   1 
ATOM   621  C  CA  . ILE A 1 117 ? 4.796   10.434  4.801   1.00 16.84 ? 97  ILE A CA  1 
ATOM   622  C  C   . ILE A 1 117 ? 4.557   11.226  3.492   1.00 16.02 ? 97  ILE A C   1 
ATOM   623  O  O   . ILE A 1 117 ? 5.338   11.099  2.536   1.00 15.27 ? 97  ILE A O   1 
ATOM   624  C  CB  . ILE A 1 117 ? 4.294   8.950   4.702   1.00 17.24 ? 97  ILE A CB  1 
ATOM   625  C  CG1 . ILE A 1 117 ? 5.183   8.109   3.773   1.00 17.94 ? 97  ILE A CG1 1 
ATOM   626  C  CG2 . ILE A 1 117 ? 2.852   8.864   4.238   1.00 16.94 ? 97  ILE A CG2 1 
ATOM   627  C  CD1 . ILE A 1 117 ? 6.459   7.659   4.409   1.00 18.07 ? 97  ILE A CD1 1 
ATOM   628  N  N   . VAL A 1 118 ? 3.500   12.049  3.463   1.00 15.11 ? 98  VAL A N   1 
ATOM   629  C  CA  . VAL A 1 118 ? 3.148   12.795  2.250   1.00 14.10 ? 98  VAL A CA  1 
ATOM   630  C  C   . VAL A 1 118 ? 4.230   13.827  1.905   1.00 13.79 ? 98  VAL A C   1 
ATOM   631  O  O   . VAL A 1 118 ? 4.727   13.839  0.783   1.00 12.81 ? 98  VAL A O   1 
ATOM   632  C  CB  . VAL A 1 118 ? 1.743   13.469  2.296   1.00 14.71 ? 98  VAL A CB  1 
ATOM   633  C  CG1 . VAL A 1 118 ? 1.468   14.200  0.973   1.00 13.75 ? 98  VAL A CG1 1 
ATOM   634  C  CG2 . VAL A 1 118 ? 0.638   12.445  2.557   1.00 13.77 ? 98  VAL A CG2 1 
ATOM   635  N  N   . SER A 1 119 ? 4.604   14.680  2.865   1.00 13.20 ? 99  SER A N   1 
ATOM   636  C  CA  . SER A 1 119 ? 5.672   15.646  2.611   1.00 13.42 ? 99  SER A CA  1 
ATOM   637  C  C   . SER A 1 119 ? 7.034   14.967  2.365   1.00 12.71 ? 99  SER A C   1 
ATOM   638  O  O   . SER A 1 119 ? 7.846   15.485  1.601   1.00 12.28 ? 99  SER A O   1 
ATOM   639  C  CB  . SER A 1 119 ? 5.759   16.725  3.702   1.00 14.02 ? 99  SER A CB  1 
ATOM   640  O  OG  . SER A 1 119 ? 6.044   16.147  4.966   1.00 17.57 ? 99  SER A OG  1 
ATOM   641  N  N   . ILE A 1 120 ? 7.261   13.804  2.974   1.00 12.58 ? 100 ILE A N   1 
ATOM   642  C  CA  . ILE A 1 120 ? 8.508   13.061  2.752   1.00 12.85 ? 100 ILE A CA  1 
ATOM   643  C  C   . ILE A 1 120 ? 8.590   12.622  1.285   1.00 12.87 ? 100 ILE A C   1 
ATOM   644  O  O   . ILE A 1 120 ? 9.593   12.847  0.603   1.00 12.80 ? 100 ILE A O   1 
ATOM   645  C  CB  . ILE A 1 120 ? 8.651   11.863  3.723   1.00 12.97 ? 100 ILE A CB  1 
ATOM   646  C  CG1 . ILE A 1 120 ? 8.923   12.368  5.155   1.00 13.95 ? 100 ILE A CG1 1 
ATOM   647  C  CG2 . ILE A 1 120 ? 9.797   10.938  3.287   1.00 14.02 ? 100 ILE A CG2 1 
ATOM   648  C  CD1 . ILE A 1 120 ? 8.805   11.286  6.230   1.00 13.41 ? 100 ILE A CD1 1 
ATOM   649  N  N   . VAL A 1 121 ? 7.493   12.050  0.801   1.00 12.31 ? 101 VAL A N   1 
ATOM   650  C  CA  . VAL A 1 121 ? 7.382   11.601  -0.573  1.00 12.52 ? 101 VAL A CA  1 
ATOM   651  C  C   . VAL A 1 121 ? 7.473   12.782  -1.551  1.00 12.60 ? 101 VAL A C   1 
ATOM   652  O  O   . VAL A 1 121 ? 8.131   12.687  -2.598  1.00 12.44 ? 101 VAL A O   1 
ATOM   653  C  CB  . VAL A 1 121 ? 6.090   10.771  -0.731  1.00 12.98 ? 101 VAL A CB  1 
ATOM   654  C  CG1 . VAL A 1 121 ? 5.638   10.691  -2.140  1.00 11.82 ? 101 VAL A CG1 1 
ATOM   655  C  CG2 . VAL A 1 121 ? 6.319   9.370   -0.137  1.00 13.12 ? 101 VAL A CG2 1 
ATOM   656  N  N   . GLU A 1 122 ? 6.824   13.892  -1.204  1.00 13.02 ? 102 GLU A N   1 
ATOM   657  C  CA  . GLU A 1 122 ? 6.918   15.089  -2.025  1.00 14.07 ? 102 GLU A CA  1 
ATOM   658  C  C   . GLU A 1 122 ? 8.354   15.613  -2.108  1.00 14.38 ? 102 GLU A C   1 
ATOM   659  O  O   . GLU A 1 122 ? 8.833   15.922  -3.202  1.00 15.13 ? 102 GLU A O   1 
ATOM   660  C  CB  . GLU A 1 122 ? 5.929   16.153  -1.540  1.00 14.78 ? 102 GLU A CB  1 
ATOM   661  C  CG  . GLU A 1 122 ? 4.491   15.703  -1.776  1.00 17.16 ? 102 GLU A CG  1 
ATOM   662  C  CD  . GLU A 1 122 ? 3.482   16.811  -1.648  1.00 22.17 ? 102 GLU A CD  1 
ATOM   663  O  OE1 . GLU A 1 122 ? 3.291   17.321  -0.513  1.00 23.10 ? 102 GLU A OE1 1 
ATOM   664  O  OE2 . GLU A 1 122 ? 2.886   17.162  -2.697  1.00 23.46 ? 102 GLU A OE2 1 
ATOM   665  N  N   . LYS A 1 123 ? 9.048   15.666  -0.966  1.00 13.93 ? 103 LYS A N   1 
ATOM   666  C  CA  . LYS A 1 123 ? 10.464  16.042  -0.942  1.00 14.59 ? 103 LYS A CA  1 
ATOM   667  C  C   . LYS A 1 123 ? 11.339  15.078  -1.759  1.00 14.36 ? 103 LYS A C   1 
ATOM   668  O  O   . LYS A 1 123 ? 12.172  15.527  -2.549  1.00 14.17 ? 103 LYS A O   1 
ATOM   669  C  CB  . LYS A 1 123 ? 10.984  16.150  0.499   1.00 14.51 ? 103 LYS A CB  1 
ATOM   670  C  CG  . LYS A 1 123 ? 12.425  16.710  0.647   1.00 17.45 ? 103 LYS A CG  1 
ATOM   671  C  CD  . LYS A 1 123 ? 12.529  18.172  0.171   1.00 20.58 ? 103 LYS A CD  1 
ATOM   672  C  CE  . LYS A 1 123 ? 13.821  18.881  0.647   1.00 22.90 ? 103 LYS A CE  1 
ATOM   673  N  NZ  . LYS A 1 123 ? 15.078  18.177  0.262   1.00 23.54 ? 103 LYS A NZ  1 
ATOM   674  N  N   . LEU A 1 124 ? 11.167  13.769  -1.563  1.00 13.57 ? 104 LEU A N   1 
ATOM   675  C  CA  . LEU A 1 124 ? 11.975  12.796  -2.315  1.00 13.94 ? 104 LEU A CA  1 
ATOM   676  C  C   . LEU A 1 124 ? 11.817  12.957  -3.826  1.00 14.40 ? 104 LEU A C   1 
ATOM   677  O  O   . LEU A 1 124 ? 12.809  12.955  -4.549  1.00 14.85 ? 104 LEU A O   1 
ATOM   678  C  CB  . LEU A 1 124 ? 11.700  11.342  -1.892  1.00 13.49 ? 104 LEU A CB  1 
ATOM   679  C  CG  . LEU A 1 124 ? 12.115  10.866  -0.482  1.00 13.17 ? 104 LEU A CG  1 
ATOM   680  C  CD1 . LEU A 1 124 ? 11.539  9.466   -0.210  1.00 13.48 ? 104 LEU A CD1 1 
ATOM   681  C  CD2 . LEU A 1 124 ? 13.629  10.867  -0.282  1.00 13.24 ? 104 LEU A CD2 1 
ATOM   682  N  N   . SER A 1 125 ? 10.584  13.114  -4.304  1.00 14.99 ? 105 SER A N   1 
ATOM   683  C  CA  . SER A 1 125 ? 10.357  13.312  -5.733  1.00 16.18 ? 105 SER A CA  1 
ATOM   684  C  C   . SER A 1 125 ? 10.891  14.675  -6.218  1.00 17.31 ? 105 SER A C   1 
ATOM   685  O  O   . SER A 1 125 ? 11.447  14.755  -7.317  1.00 17.87 ? 105 SER A O   1 
ATOM   686  C  CB  . SER A 1 125 ? 8.888   13.101  -6.112  1.00 15.67 ? 105 SER A CB  1 
ATOM   687  O  OG  . SER A 1 125 ? 8.021   13.927  -5.365  1.00 16.67 ? 105 SER A OG  1 
ATOM   688  N  N   . ALA A 1 126 ? 10.750  15.720  -5.394  1.00 17.96 ? 106 ALA A N   1 
ATOM   689  C  CA  . ALA A 1 126 ? 11.386  17.021  -5.669  1.00 19.21 ? 106 ALA A CA  1 
ATOM   690  C  C   . ALA A 1 126 ? 12.885  16.863  -5.828  1.00 19.59 ? 106 ALA A C   1 
ATOM   691  O  O   . ALA A 1 126 ? 13.478  17.456  -6.730  1.00 20.34 ? 106 ALA A O   1 
ATOM   692  C  CB  . ALA A 1 126 ? 11.091  18.041  -4.556  1.00 19.16 ? 106 ALA A CB  1 
ATOM   693  N  N   . ASP A 1 127 ? 13.492  16.057  -4.954  1.00 19.79 ? 107 ASP A N   1 
ATOM   694  C  CA  . ASP A 1 127 ? 14.929  15.777  -4.985  1.00 19.97 ? 107 ASP A CA  1 
ATOM   695  C  C   . ASP A 1 127 ? 15.380  14.984  -6.225  1.00 19.24 ? 107 ASP A C   1 
ATOM   696  O  O   . ASP A 1 127 ? 16.568  14.736  -6.400  1.00 19.49 ? 107 ASP A O   1 
ATOM   697  C  CB  . ASP A 1 127 ? 15.357  15.006  -3.726  1.00 20.58 ? 107 ASP A CB  1 
ATOM   698  C  CG  . ASP A 1 127 ? 15.449  15.884  -2.481  1.00 23.09 ? 107 ASP A CG  1 
ATOM   699  O  OD1 . ASP A 1 127 ? 15.322  17.129  -2.578  1.00 24.32 ? 107 ASP A OD1 1 
ATOM   700  O  OD2 . ASP A 1 127 ? 15.651  15.306  -1.387  1.00 25.65 ? 107 ASP A OD2 1 
ATOM   701  N  N   . GLY A 1 128 ? 14.445  14.558  -7.065  1.00 18.09 ? 108 GLY A N   1 
ATOM   702  C  CA  . GLY A 1 128 ? 14.811  13.855  -8.291  1.00 16.60 ? 108 GLY A CA  1 
ATOM   703  C  C   . GLY A 1 128 ? 14.627  12.344  -8.297  1.00 15.89 ? 108 GLY A C   1 
ATOM   704  O  O   . GLY A 1 128 ? 14.943  11.702  -9.299  1.00 16.15 ? 108 GLY A O   1 
ATOM   705  N  N   . HIS A 1 129 ? 14.097  11.771  -7.214  1.00 14.31 ? 109 HIS A N   1 
ATOM   706  C  CA  . HIS A 1 129 ? 13.875  10.316  -7.154  1.00 13.28 ? 109 HIS A CA  1 
ATOM   707  C  C   . HIS A 1 129 ? 12.569  9.913   -7.814  1.00 12.63 ? 109 HIS A C   1 
ATOM   708  O  O   . HIS A 1 129 ? 11.582  10.641  -7.762  1.00 12.52 ? 109 HIS A O   1 
ATOM   709  C  CB  . HIS A 1 129 ? 13.853  9.807   -5.705  1.00 13.42 ? 109 HIS A CB  1 
ATOM   710  C  CG  . HIS A 1 129 ? 15.113  10.085  -4.939  1.00 13.46 ? 109 HIS A CG  1 
ATOM   711  N  ND1 . HIS A 1 129 ? 15.212  11.104  -4.018  1.00 15.43 ? 109 HIS A ND1 1 
ATOM   712  C  CD2 . HIS A 1 129 ? 16.319  9.471   -4.951  1.00 12.09 ? 109 HIS A CD2 1 
ATOM   713  C  CE1 . HIS A 1 129 ? 16.424  11.111  -3.494  1.00 13.20 ? 109 HIS A CE1 1 
ATOM   714  N  NE2 . HIS A 1 129 ? 17.119  10.132  -4.045  1.00 16.82 ? 109 HIS A NE2 1 
ATOM   715  N  N   . ARG A 1 130 ? 12.560  8.733   -8.415  1.00 12.40 ? 110 ARG A N   1 
ATOM   716  C  CA  . ARG A 1 130 ? 11.302  8.077   -8.739  1.00 12.40 ? 110 ARG A CA  1 
ATOM   717  C  C   . ARG A 1 130 ? 10.805  7.436   -7.443  1.00 12.36 ? 110 ARG A C   1 
ATOM   718  O  O   . ARG A 1 130 ? 11.494  6.589   -6.867  1.00 13.15 ? 110 ARG A O   1 
ATOM   719  C  CB  . ARG A 1 130 ? 11.519  7.028   -9.816  1.00 11.71 ? 110 ARG A CB  1 
ATOM   720  C  CG  . ARG A 1 130 ? 10.260  6.228   -10.154 1.00 13.26 ? 110 ARG A CG  1 
ATOM   721  C  CD  . ARG A 1 130 ? 10.561  5.167   -11.204 1.00 12.68 ? 110 ARG A CD  1 
ATOM   722  N  NE  . ARG A 1 130 ? 9.363   4.379   -11.505 1.00 13.15 ? 110 ARG A NE  1 
ATOM   723  C  CZ  . ARG A 1 130 ? 9.375   3.163   -12.036 1.00 11.77 ? 110 ARG A CZ  1 
ATOM   724  N  NH1 . ARG A 1 130 ? 10.538  2.574   -12.349 1.00 12.71 ? 110 ARG A NH1 1 
ATOM   725  N  NH2 . ARG A 1 130 ? 8.223   2.526   -12.267 1.00 11.00 ? 110 ARG A NH2 1 
ATOM   726  N  N   . VAL A 1 131 ? 9.641   7.870   -6.962  1.00 11.47 ? 111 VAL A N   1 
ATOM   727  C  CA  . VAL A 1 131 ? 9.087   7.344   -5.713  1.00 10.90 ? 111 VAL A CA  1 
ATOM   728  C  C   . VAL A 1 131 ? 7.833   6.505   -6.024  1.00 11.16 ? 111 VAL A C   1 
ATOM   729  O  O   . VAL A 1 131 ? 6.901   6.990   -6.684  1.00 11.37 ? 111 VAL A O   1 
ATOM   730  C  CB  . VAL A 1 131 ? 8.762   8.452   -4.689  1.00 10.79 ? 111 VAL A CB  1 
ATOM   731  C  CG1 . VAL A 1 131 ? 8.297   7.828   -3.366  1.00 11.57 ? 111 VAL A CG1 1 
ATOM   732  C  CG2 . VAL A 1 131 ? 9.982   9.365   -4.455  1.00 10.29 ? 111 VAL A CG2 1 
ATOM   733  N  N   . ILE A 1 132 ? 7.832   5.247   -5.581  1.00 9.88  ? 112 ILE A N   1 
ATOM   734  C  CA  . ILE A 1 132 ? 6.676   4.371   -5.792  1.00 10.53 ? 112 ILE A CA  1 
ATOM   735  C  C   . ILE A 1 132 ? 6.091   3.972   -4.441  1.00 10.95 ? 112 ILE A C   1 
ATOM   736  O  O   . ILE A 1 132 ? 6.765   3.336   -3.630  1.00 11.45 ? 112 ILE A O   1 
ATOM   737  C  CB  . ILE A 1 132 ? 7.025   3.118   -6.638  1.00 10.14 ? 112 ILE A CB  1 
ATOM   738  C  CG1 . ILE A 1 132 ? 7.924   3.511   -7.833  1.00 10.45 ? 112 ILE A CG1 1 
ATOM   739  C  CG2 . ILE A 1 132 ? 5.718   2.348   -7.010  1.00 8.92  ? 112 ILE A CG2 1 
ATOM   740  C  CD1 . ILE A 1 132 ? 8.459   2.327   -8.675  1.00 10.32 ? 112 ILE A CD1 1 
ATOM   741  N  N   . VAL A 1 133 ? 4.845   4.381   -4.198  1.00 11.29 ? 113 VAL A N   1 
ATOM   742  C  CA  . VAL A 1 133 ? 4.161   4.086   -2.937  1.00 11.37 ? 113 VAL A CA  1 
ATOM   743  C  C   . VAL A 1 133 ? 3.008   3.120   -3.149  1.00 11.59 ? 113 VAL A C   1 
ATOM   744  O  O   . VAL A 1 133 ? 2.277   3.210   -4.151  1.00 11.59 ? 113 VAL A O   1 
ATOM   745  C  CB  . VAL A 1 133 ? 3.643   5.376   -2.230  1.00 11.47 ? 113 VAL A CB  1 
ATOM   746  C  CG1 . VAL A 1 133 ? 4.812   6.273   -1.867  1.00 12.98 ? 113 VAL A CG1 1 
ATOM   747  C  CG2 . VAL A 1 133 ? 2.637   6.138   -3.097  1.00 12.75 ? 113 VAL A CG2 1 
ATOM   748  N  N   . ALA A 1 134 ? 2.865   2.176   -2.227  1.00 11.21 ? 114 ALA A N   1 
ATOM   749  C  CA  . ALA A 1 134 ? 1.776   1.219   -2.299  1.00 11.96 ? 114 ALA A CA  1 
ATOM   750  C  C   . ALA A 1 134 ? 1.087   1.160   -0.951  1.00 11.91 ? 114 ALA A C   1 
ATOM   751  O  O   . ALA A 1 134 ? 1.759   1.154   0.094   1.00 11.19 ? 114 ALA A O   1 
ATOM   752  C  CB  . ALA A 1 134 ? 2.308   -0.169  -2.711  1.00 12.33 ? 114 ALA A CB  1 
ATOM   753  N  N   . GLY A 1 135 ? -0.251  1.138   -0.975  1.00 11.34 ? 115 GLY A N   1 
ATOM   754  C  CA  . GLY A 1 135 ? -1.017  1.016   0.251   1.00 11.30 ? 115 GLY A CA  1 
ATOM   755  C  C   . GLY A 1 135 ? -2.497  0.859   0.019   1.00 11.16 ? 115 GLY A C   1 
ATOM   756  O  O   . GLY A 1 135 ? -2.969  0.993   -1.106  1.00 10.66 ? 115 GLY A O   1 
ATOM   757  N  N   . LEU A 1 136 ? -3.227  0.584   1.094   1.00 10.92 ? 116 LEU A N   1 
ATOM   758  C  CA  . LEU A 1 136 ? -4.669  0.324   1.019   1.00 11.40 ? 116 LEU A CA  1 
ATOM   759  C  C   . LEU A 1 136 ? -5.424  1.605   0.732   1.00 11.01 ? 116 LEU A C   1 
ATOM   760  O  O   . LEU A 1 136 ? -5.050  2.670   1.251   1.00 11.07 ? 116 LEU A O   1 
ATOM   761  C  CB  . LEU A 1 136 ? -5.153  -0.253  2.367   1.00 11.83 ? 116 LEU A CB  1 
ATOM   762  C  CG  . LEU A 1 136 ? -4.783  -1.690  2.726   1.00 13.95 ? 116 LEU A CG  1 
ATOM   763  C  CD1 . LEU A 1 136 ? -5.243  -2.058  4.168   1.00 15.09 ? 116 LEU A CD1 1 
ATOM   764  C  CD2 . LEU A 1 136 ? -5.448  -2.620  1.714   1.00 19.41 ? 116 LEU A CD2 1 
ATOM   765  N  N   . ASP A 1 137 ? -6.481  1.513   -0.078  1.00 10.10 ? 117 ASP A N   1 
ATOM   766  C  CA  . ASP A 1 137 ? -7.342  2.654   -0.333  1.00 10.60 ? 117 ASP A CA  1 
ATOM   767  C  C   . ASP A 1 137 ? -8.398  2.820   0.776   1.00 11.15 ? 117 ASP A C   1 
ATOM   768  O  O   . ASP A 1 137 ? -8.688  3.942   1.201   1.00 10.61 ? 117 ASP A O   1 
ATOM   769  C  CB  . ASP A 1 137 ? -7.975  2.627   -1.750  1.00 10.78 ? 117 ASP A CB  1 
ATOM   770  C  CG  . ASP A 1 137 ? -8.741  1.324   -2.059  1.00 12.22 ? 117 ASP A CG  1 
ATOM   771  O  OD1 . ASP A 1 137 ? -8.709  0.358   -1.260  1.00 12.04 ? 117 ASP A OD1 1 
ATOM   772  O  OD2 . ASP A 1 137 ? -9.384  1.285   -3.134  1.00 14.12 ? 117 ASP A OD2 1 
HETATM 773  N  N   . MSE A 1 138 ? -8.959  1.700   1.232   1.00 11.32 ? 118 MSE A N   1 
HETATM 774  C  CA  . MSE A 1 138 ? -10.030 1.712   2.230   1.00 12.44 ? 118 MSE A CA  1 
HETATM 775  C  C   . MSE A 1 138 ? -9.788  0.645   3.278   1.00 12.46 ? 118 MSE A C   1 
HETATM 776  O  O   . MSE A 1 138 ? -9.106  -0.342  3.010   1.00 12.94 ? 118 MSE A O   1 
HETATM 777  C  CB  . MSE A 1 138 ? -11.391 1.431   1.574   1.00 11.88 ? 118 MSE A CB  1 
HETATM 778  C  CG  . MSE A 1 138 ? -11.977 2.586   0.800   1.00 12.70 ? 118 MSE A CG  1 
HETATM 779  SE SE  . MSE A 1 138 ? -13.583 2.030   -0.177  0.75 15.58 ? 118 MSE A SE  1 
HETATM 780  C  CE  . MSE A 1 138 ? -12.724 1.193   -1.722  1.00 12.92 ? 118 MSE A CE  1 
ATOM   781  N  N   . ASP A 1 139 ? -10.374 0.838   4.460   1.00 13.71 ? 119 ASP A N   1 
ATOM   782  C  CA  . ASP A 1 139 ? -10.377 -0.195  5.501   1.00 13.81 ? 119 ASP A CA  1 
ATOM   783  C  C   . ASP A 1 139 ? -11.560 -1.143  5.309   1.00 13.88 ? 119 ASP A C   1 
ATOM   784  O  O   . ASP A 1 139 ? -12.335 -0.984  4.354   1.00 12.99 ? 119 ASP A O   1 
ATOM   785  C  CB  . ASP A 1 139 ? -10.378 0.436   6.905   1.00 14.11 ? 119 ASP A CB  1 
ATOM   786  C  CG  . ASP A 1 139 ? -11.647 1.230   7.215   1.00 14.71 ? 119 ASP A CG  1 
ATOM   787  O  OD1 . ASP A 1 139 ? -12.675 1.066   6.538   1.00 16.86 ? 119 ASP A OD1 1 
ATOM   788  O  OD2 . ASP A 1 139 ? -11.609 2.030   8.159   1.00 15.94 ? 119 ASP A OD2 1 
ATOM   789  N  N   . PHE A 1 140 ? -11.697 -2.120  6.211   1.00 14.21 ? 120 PHE A N   1 
ATOM   790  C  CA  . PHE A 1 140 ? -12.816 -3.083  6.170   1.00 14.99 ? 120 PHE A CA  1 
ATOM   791  C  C   . PHE A 1 140 ? -14.217 -2.449  6.180   1.00 15.31 ? 120 PHE A C   1 
ATOM   792  O  O   . PHE A 1 140 ? -15.182 -3.070  5.712   1.00 14.87 ? 120 PHE A O   1 
ATOM   793  C  CB  . PHE A 1 140 ? -12.697 -4.142  7.293   1.00 15.63 ? 120 PHE A CB  1 
ATOM   794  C  CG  . PHE A 1 140 ? -13.057 -3.638  8.681   1.00 16.51 ? 120 PHE A CG  1 
ATOM   795  C  CD1 . PHE A 1 140 ? -14.340 -3.824  9.199   1.00 17.77 ? 120 PHE A CD1 1 
ATOM   796  C  CD2 . PHE A 1 140 ? -12.099 -3.019  9.485   1.00 18.26 ? 120 PHE A CD2 1 
ATOM   797  C  CE1 . PHE A 1 140 ? -14.678 -3.375  10.501  1.00 18.69 ? 120 PHE A CE1 1 
ATOM   798  C  CE2 . PHE A 1 140 ? -12.422 -2.574  10.790  1.00 18.30 ? 120 PHE A CE2 1 
ATOM   799  C  CZ  . PHE A 1 140 ? -13.716 -2.746  11.288  1.00 18.19 ? 120 PHE A CZ  1 
ATOM   800  N  N   . ARG A 1 141 ? -14.317 -1.231  6.720   1.00 15.26 ? 121 ARG A N   1 
ATOM   801  C  CA  . ARG A 1 141 ? -15.579 -0.491  6.784   1.00 15.83 ? 121 ARG A CA  1 
ATOM   802  C  C   . ARG A 1 141 ? -15.865 0.239   5.469   1.00 15.66 ? 121 ARG A C   1 
ATOM   803  O  O   . ARG A 1 141 ? -16.937 0.804   5.292   1.00 14.93 ? 121 ARG A O   1 
ATOM   804  C  CB  . ARG A 1 141 ? -15.545 0.535   7.925   1.00 16.09 ? 121 ARG A CB  1 
ATOM   805  C  CG  . ARG A 1 141 ? -15.332 -0.057  9.316   1.00 18.28 ? 121 ARG A CG  1 
ATOM   806  C  CD  . ARG A 1 141 ? -15.047 1.037   10.335  1.00 21.26 ? 121 ARG A CD  1 
ATOM   807  N  NE  . ARG A 1 141 ? -13.860 1.823   9.989   1.00 23.48 ? 121 ARG A NE  1 
ATOM   808  C  CZ  . ARG A 1 141 ? -13.658 3.088   10.358  1.00 24.31 ? 121 ARG A CZ  1 
ATOM   809  N  NH1 . ARG A 1 141 ? -14.567 3.741   11.081  1.00 26.44 ? 121 ARG A NH1 1 
ATOM   810  N  NH2 . ARG A 1 141 ? -12.549 3.709   9.998   1.00 24.79 ? 121 ARG A NH2 1 
ATOM   811  N  N   . GLY A 1 142 ? -14.908 0.207   4.546   1.00 15.13 ? 122 GLY A N   1 
ATOM   812  C  CA  . GLY A 1 142 ? -15.003 0.988   3.304   1.00 15.78 ? 122 GLY A CA  1 
ATOM   813  C  C   . GLY A 1 142 ? -14.651 2.455   3.512   1.00 15.74 ? 122 GLY A C   1 
ATOM   814  O  O   . GLY A 1 142 ? -14.938 3.292   2.664   1.00 16.18 ? 122 GLY A O   1 
ATOM   815  N  N   . GLU A 1 143 ? -14.038 2.765   4.647   1.00 16.22 ? 123 GLU A N   1 
ATOM   816  C  CA  . GLU A 1 143 ? -13.598 4.118   4.951   1.00 16.87 ? 123 GLU A CA  1 
ATOM   817  C  C   . GLU A 1 143 ? -12.203 4.367   4.366   1.00 16.38 ? 123 GLU A C   1 
ATOM   818  O  O   . GLU A 1 143 ? -11.336 3.504   4.478   1.00 16.09 ? 123 GLU A O   1 
ATOM   819  C  CB  . GLU A 1 143 ? -13.559 4.338   6.465   1.00 17.34 ? 123 GLU A CB  1 
ATOM   820  C  CG  . GLU A 1 143 ? -14.922 4.539   7.124   1.00 20.78 ? 123 GLU A CG  1 
ATOM   821  C  CD  . GLU A 1 143 ? -15.643 5.756   6.577   1.00 25.71 ? 123 GLU A CD  1 
ATOM   822  O  OE1 . GLU A 1 143 ? -15.047 6.862   6.568   1.00 28.24 ? 123 GLU A OE1 1 
ATOM   823  O  OE2 . GLU A 1 143 ? -16.803 5.600   6.134   1.00 27.70 ? 123 GLU A OE2 1 
ATOM   824  N  N   . PRO A 1 144 ? -11.979 5.554   3.759   1.00 16.62 ? 124 PRO A N   1 
ATOM   825  C  CA  . PRO A 1 144 ? -10.660 5.869   3.191   1.00 16.62 ? 124 PRO A CA  1 
ATOM   826  C  C   . PRO A 1 144 ? -9.562  5.706   4.236   1.00 17.01 ? 124 PRO A C   1 
ATOM   827  O  O   . PRO A 1 144 ? -9.742  6.103   5.409   1.00 16.51 ? 124 PRO A O   1 
ATOM   828  C  CB  . PRO A 1 144 ? -10.785 7.345   2.808   1.00 16.88 ? 124 PRO A CB  1 
ATOM   829  C  CG  . PRO A 1 144 ? -12.213 7.562   2.596   1.00 16.96 ? 124 PRO A CG  1 
ATOM   830  C  CD  . PRO A 1 144 ? -12.895 6.701   3.643   1.00 16.19 ? 124 PRO A CD  1 
ATOM   831  N  N   . PHE A 1 145 ? -8.447  5.117   3.827   1.00 16.68 ? 125 PHE A N   1 
ATOM   832  C  CA  . PHE A 1 145 ? -7.318  4.881   4.732   1.00 17.80 ? 125 PHE A CA  1 
ATOM   833  C  C   . PHE A 1 145 ? -6.284  5.988   4.577   1.00 17.91 ? 125 PHE A C   1 
ATOM   834  O  O   . PHE A 1 145 ? -5.569  6.010   3.579   1.00 18.07 ? 125 PHE A O   1 
ATOM   835  C  CB  . PHE A 1 145 ? -6.651  3.556   4.372   1.00 17.68 ? 125 PHE A CB  1 
ATOM   836  C  CG  . PHE A 1 145 ? -6.403  2.660   5.532   1.00 20.28 ? 125 PHE A CG  1 
ATOM   837  C  CD1 . PHE A 1 145 ? -6.795  1.322   5.476   1.00 21.45 ? 125 PHE A CD1 1 
ATOM   838  C  CD2 . PHE A 1 145 ? -5.781  3.134   6.683   1.00 20.67 ? 125 PHE A CD2 1 
ATOM   839  C  CE1 . PHE A 1 145 ? -6.578  0.479   6.549   1.00 20.87 ? 125 PHE A CE1 1 
ATOM   840  C  CE2 . PHE A 1 145 ? -5.554  2.296   7.754   1.00 23.13 ? 125 PHE A CE2 1 
ATOM   841  C  CZ  . PHE A 1 145 ? -5.955  0.960   7.686   1.00 23.42 ? 125 PHE A CZ  1 
ATOM   842  N  N   . GLU A 1 146 ? -6.189  6.894   5.549   1.00 18.24 ? 126 GLU A N   1 
ATOM   843  C  CA  . GLU A 1 146 ? -5.120  7.896   5.563   1.00 19.03 ? 126 GLU A CA  1 
ATOM   844  C  C   . GLU A 1 146 ? -3.789  7.172   5.482   1.00 19.19 ? 126 GLU A C   1 
ATOM   845  O  O   . GLU A 1 146 ? -3.658  6.077   6.038   1.00 19.04 ? 126 GLU A O   1 
ATOM   846  C  CB  . GLU A 1 146 ? -5.156  8.750   6.834   1.00 19.82 ? 126 GLU A CB  1 
ATOM   847  C  CG  . GLU A 1 146 ? -6.394  9.627   6.975   1.00 23.68 ? 126 GLU A CG  1 
ATOM   848  C  CD  . GLU A 1 146 ? -6.655  10.484  5.744   1.00 29.12 ? 126 GLU A CD  1 
ATOM   849  O  OE1 . GLU A 1 146 ? -5.680  10.908  5.080   1.00 30.43 ? 126 GLU A OE1 1 
ATOM   850  O  OE2 . GLU A 1 146 ? -7.841  10.733  5.440   1.00 32.48 ? 126 GLU A OE2 1 
ATOM   851  N  N   . PRO A 1 147 ? -2.812  7.747   4.756   1.00 18.90 ? 127 PRO A N   1 
ATOM   852  C  CA  . PRO A 1 147 ? -2.822  8.998   3.999   1.00 18.66 ? 127 PRO A CA  1 
ATOM   853  C  C   . PRO A 1 147 ? -2.951  8.814   2.464   1.00 18.50 ? 127 PRO A C   1 
ATOM   854  O  O   . PRO A 1 147 ? -2.537  9.688   1.700   1.00 17.41 ? 127 PRO A O   1 
ATOM   855  C  CB  . PRO A 1 147 ? -1.444  9.570   4.320   1.00 18.49 ? 127 PRO A CB  1 
ATOM   856  C  CG  . PRO A 1 147 ? -0.574  8.356   4.395   1.00 19.01 ? 127 PRO A CG  1 
ATOM   857  C  CD  . PRO A 1 147 ? -1.459  7.164   4.778   1.00 19.50 ? 127 PRO A CD  1 
HETATM 858  N  N   . MSE A 1 148 ? -3.538  7.698   2.031   1.00 19.03 ? 128 MSE A N   1 
HETATM 859  C  CA  A MSE A 1 148 ? -3.710  7.360   0.609   0.40 18.83 ? 128 MSE A CA  1 
HETATM 860  C  CA  B MSE A 1 148 ? -3.604  7.407   0.588   0.60 19.27 ? 128 MSE A CA  1 
HETATM 861  C  C   . MSE A 1 148 ? -4.386  8.451   -0.212  1.00 18.17 ? 128 MSE A C   1 
HETATM 862  O  O   . MSE A 1 148 ? -3.965  8.763   -1.310  1.00 18.57 ? 128 MSE A O   1 
HETATM 863  C  CB  A MSE A 1 148 ? -4.534  6.076   0.495   0.40 18.83 ? 128 MSE A CB  1 
HETATM 864  C  CB  B MSE A 1 148 ? -4.108  5.987   0.263   0.60 19.65 ? 128 MSE A CB  1 
HETATM 865  C  CG  A MSE A 1 148 ? -3.884  4.946   1.193   0.40 19.03 ? 128 MSE A CG  1 
HETATM 866  C  CG  B MSE A 1 148 ? -3.112  5.047   -0.488  0.60 20.94 ? 128 MSE A CG  1 
HETATM 867  SE SE  A MSE A 1 148 ? -2.027  5.085   0.780   0.30 20.24 ? 128 MSE A SE  1 
HETATM 868  SE SE  B MSE A 1 148 ? -2.035  5.609   -2.075  0.45 23.30 ? 128 MSE A SE  1 
HETATM 869  C  CE  A MSE A 1 148 ? -2.057  4.295   -1.007  0.40 20.06 ? 128 MSE A CE  1 
HETATM 870  C  CE  B MSE A 1 148 ? -0.833  4.073   -2.148  0.60 22.61 ? 128 MSE A CE  1 
ATOM   871  N  N   . PRO A 1 149 ? -5.489  9.012   0.329   1.00 18.05 ? 129 PRO A N   1 
ATOM   872  C  CA  . PRO A 1 149 ? -6.215  9.986   -0.472  1.00 16.46 ? 129 PRO A CA  1 
ATOM   873  C  C   . PRO A 1 149 ? -5.339  11.169  -0.906  1.00 15.17 ? 129 PRO A C   1 
ATOM   874  O  O   . PRO A 1 149 ? -5.321  11.520  -2.090  1.00 13.41 ? 129 PRO A O   1 
ATOM   875  C  CB  . PRO A 1 149 ? -7.330  10.431  0.468   1.00 17.44 ? 129 PRO A CB  1 
ATOM   876  C  CG  . PRO A 1 149 ? -7.541  9.222   1.342   1.00 18.10 ? 129 PRO A CG  1 
ATOM   877  C  CD  . PRO A 1 149 ? -6.184  8.759   1.611   1.00 17.66 ? 129 PRO A CD  1 
ATOM   878  N  N   . LYS A 1 150 ? -4.612  11.764  0.040   1.00 13.60 ? 130 LYS A N   1 
ATOM   879  C  CA  . LYS A 1 150 ? -3.734  12.878  -0.301  1.00 13.04 ? 130 LYS A CA  1 
ATOM   880  C  C   . LYS A 1 150 ? -2.627  12.428  -1.256  1.00 11.48 ? 130 LYS A C   1 
ATOM   881  O  O   . LYS A 1 150 ? -2.299  13.152  -2.191  1.00 11.03 ? 130 LYS A O   1 
ATOM   882  C  CB  . LYS A 1 150 ? -3.163  13.585  0.948   1.00 13.68 ? 130 LYS A CB  1 
ATOM   883  C  CG  . LYS A 1 150 ? -2.250  14.792  0.619   1.00 17.16 ? 130 LYS A CG  1 
ATOM   884  C  CD  . LYS A 1 150 ? -2.343  15.906  1.672   1.00 22.31 ? 130 LYS A CD  1 
ATOM   885  C  CE  . LYS A 1 150 ? -1.101  16.814  1.713   1.00 24.46 ? 130 LYS A CE  1 
ATOM   886  N  NZ  . LYS A 1 150 ? -0.718  17.456  0.408   1.00 26.93 ? 130 LYS A NZ  1 
ATOM   887  N  N   . LEU A 1 151 ? -2.074  11.233  -1.044  1.00 10.25 ? 131 LEU A N   1 
ATOM   888  C  CA  . LEU A 1 151 ? -1.018  10.735  -1.940  1.00 10.31 ? 131 LEU A CA  1 
ATOM   889  C  C   . LEU A 1 151 ? -1.532  10.529  -3.366  1.00 9.98  ? 131 LEU A C   1 
ATOM   890  O  O   . LEU A 1 151 ? -0.851  10.828  -4.332  1.00 10.29 ? 131 LEU A O   1 
ATOM   891  C  CB  . LEU A 1 151 ? -0.426  9.427   -1.425  1.00 10.56 ? 131 LEU A CB  1 
ATOM   892  C  CG  . LEU A 1 151 ? 0.582   9.501   -0.281  1.00 12.42 ? 131 LEU A CG  1 
ATOM   893  C  CD1 . LEU A 1 151 ? 0.861   8.051   0.179   1.00 15.05 ? 131 LEU A CD1 1 
ATOM   894  C  CD2 . LEU A 1 151 ? 1.853   10.207  -0.733  1.00 13.73 ? 131 LEU A CD2 1 
HETATM 895  N  N   . MSE A 1 152 ? -2.748  10.017  -3.494  1.00 9.14  ? 132 MSE A N   1 
HETATM 896  C  CA  . MSE A 1 152 ? -3.338  9.815   -4.824  1.00 9.35  ? 132 MSE A CA  1 
HETATM 897  C  C   . MSE A 1 152 ? -3.542  11.152  -5.526  1.00 8.38  ? 132 MSE A C   1 
HETATM 898  O  O   . MSE A 1 152 ? -3.323  11.267  -6.733  1.00 9.15  ? 132 MSE A O   1 
HETATM 899  C  CB  . MSE A 1 152 ? -4.683  9.110   -4.688  1.00 8.22  ? 132 MSE A CB  1 
HETATM 900  C  CG  . MSE A 1 152 ? -4.584  7.665   -4.192  1.00 13.60 ? 132 MSE A CG  1 
HETATM 901  SE SE  . MSE A 1 152 ? -6.369  6.834   -3.967  0.75 21.12 ? 132 MSE A SE  1 
HETATM 902  C  CE  . MSE A 1 152 ? -6.536  6.228   -5.735  1.00 16.64 ? 132 MSE A CE  1 
ATOM   903  N  N   . ALA A 1 153 ? -3.980  12.149  -4.764  1.00 8.27  ? 133 ALA A N   1 
ATOM   904  C  CA  . ALA A 1 153 ? -4.243  13.481  -5.300  1.00 8.55  ? 133 ALA A CA  1 
ATOM   905  C  C   . ALA A 1 153 ? -2.971  14.125  -5.810  1.00 8.39  ? 133 ALA A C   1 
ATOM   906  O  O   . ALA A 1 153 ? -2.997  14.794  -6.837  1.00 8.21  ? 133 ALA A O   1 
ATOM   907  C  CB  . ALA A 1 153 ? -4.914  14.373  -4.246  1.00 8.34  ? 133 ALA A CB  1 
ATOM   908  N  N   . VAL A 1 154 ? -1.847  13.914  -5.123  1.00 8.54  ? 134 VAL A N   1 
ATOM   909  C  CA  . VAL A 1 154 ? -0.618  14.633  -5.501  1.00 8.47  ? 134 VAL A CA  1 
ATOM   910  C  C   . VAL A 1 154 ? 0.300   13.867  -6.459  1.00 9.20  ? 134 VAL A C   1 
ATOM   911  O  O   . VAL A 1 154 ? 1.269   14.422  -6.965  1.00 8.02  ? 134 VAL A O   1 
ATOM   912  C  CB  . VAL A 1 154 ? 0.231   15.140  -4.259  1.00 9.26  ? 134 VAL A CB  1 
ATOM   913  C  CG1 . VAL A 1 154 ? -0.592  16.078  -3.364  1.00 11.11 ? 134 VAL A CG1 1 
ATOM   914  C  CG2 . VAL A 1 154 ? 0.817   14.003  -3.458  1.00 8.48  ? 134 VAL A CG2 1 
ATOM   915  N  N   . SER A 1 155 ? 0.012   12.592  -6.706  1.00 9.59  ? 135 SER A N   1 
ATOM   916  C  CA  . SER A 1 155 ? 0.968   11.758  -7.451  1.00 10.92 ? 135 SER A CA  1 
ATOM   917  C  C   . SER A 1 155 ? 0.777   11.918  -8.952  1.00 10.74 ? 135 SER A C   1 
ATOM   918  O  O   . SER A 1 155 ? -0.336  12.179  -9.403  1.00 11.03 ? 135 SER A O   1 
ATOM   919  C  CB  . SER A 1 155 ? 0.820   10.286  -7.041  1.00 11.17 ? 135 SER A CB  1 
ATOM   920  O  OG  . SER A 1 155 ? 1.215   10.139  -5.677  1.00 13.42 ? 135 SER A OG  1 
ATOM   921  N  N   . GLU A 1 156 ? 1.858   11.763  -9.716  1.00 10.63 ? 136 GLU A N   1 
ATOM   922  C  CA  . GLU A 1 156 ? 1.797   11.813  -11.181 1.00 10.75 ? 136 GLU A CA  1 
ATOM   923  C  C   . GLU A 1 156 ? 0.999   10.653  -11.778 1.00 10.88 ? 136 GLU A C   1 
ATOM   924  O  O   . GLU A 1 156 ? 0.289   10.819  -12.780 1.00 10.23 ? 136 GLU A O   1 
ATOM   925  C  CB  . GLU A 1 156 ? 3.219   11.813  -11.781 1.00 11.29 ? 136 GLU A CB  1 
ATOM   926  C  CG  . GLU A 1 156 ? 3.877   13.190  -11.844 1.00 12.43 ? 136 GLU A CG  1 
ATOM   927  C  CD  . GLU A 1 156 ? 4.476   13.647  -10.523 1.00 16.78 ? 136 GLU A CD  1 
ATOM   928  O  OE1 . GLU A 1 156 ? 4.576   12.860  -9.545  1.00 15.56 ? 136 GLU A OE1 1 
ATOM   929  O  OE2 . GLU A 1 156 ? 4.894   14.814  -10.474 1.00 20.13 ? 136 GLU A OE2 1 
ATOM   930  N  N   . GLN A 1 157 ? 1.141   9.472   -11.174 1.00 10.85 ? 137 GLN A N   1 
ATOM   931  C  CA  . GLN A 1 157 ? 0.484   8.273   -11.673 1.00 10.95 ? 137 GLN A CA  1 
ATOM   932  C  C   . GLN A 1 157 ? -0.238  7.591   -10.529 1.00 10.75 ? 137 GLN A C   1 
ATOM   933  O  O   . GLN A 1 157 ? 0.262   7.568   -9.403  1.00 10.43 ? 137 GLN A O   1 
ATOM   934  C  CB  . GLN A 1 157 ? 1.528   7.298   -12.234 1.00 11.06 ? 137 GLN A CB  1 
ATOM   935  C  CG  . GLN A 1 157 ? 2.190   7.746   -13.520 1.00 14.81 ? 137 GLN A CG  1 
ATOM   936  C  CD  . GLN A 1 157 ? 3.304   6.781   -13.936 1.00 17.74 ? 137 GLN A CD  1 
ATOM   937  O  OE1 . GLN A 1 157 ? 3.223   5.569   -13.709 1.00 18.26 ? 137 GLN A OE1 1 
ATOM   938  N  NE2 . GLN A 1 157 ? 4.347   7.319   -14.521 1.00 19.44 ? 137 GLN A NE2 1 
ATOM   939  N  N   . VAL A 1 158 ? -1.414  7.036   -10.818 1.00 10.63 ? 138 VAL A N   1 
ATOM   940  C  CA  . VAL A 1 158 ? -2.196  6.322   -9.809  1.00 10.70 ? 138 VAL A CA  1 
ATOM   941  C  C   . VAL A 1 158 ? -2.776  5.067   -10.441 1.00 10.48 ? 138 VAL A C   1 
ATOM   942  O  O   . VAL A 1 158 ? -3.440  5.130   -11.473 1.00 10.20 ? 138 VAL A O   1 
ATOM   943  C  CB  . VAL A 1 158 ? -3.347  7.196   -9.205  1.00 10.49 ? 138 VAL A CB  1 
ATOM   944  C  CG1 . VAL A 1 158 ? -4.138  6.395   -8.152  1.00 11.84 ? 138 VAL A CG1 1 
ATOM   945  C  CG2 . VAL A 1 158 ? -2.770  8.458   -8.553  1.00 10.84 ? 138 VAL A CG2 1 
ATOM   946  N  N   . THR A 1 159 ? -2.525  3.931   -9.808  1.00 10.30 ? 139 THR A N   1 
ATOM   947  C  CA  . THR A 1 159 ? -3.053  2.671   -10.270 1.00 10.77 ? 139 THR A CA  1 
ATOM   948  C  C   . THR A 1 159 ? -3.881  2.098   -9.141  1.00 11.33 ? 139 THR A C   1 
ATOM   949  O  O   . THR A 1 159 ? -3.336  1.834   -8.066  1.00 12.69 ? 139 THR A O   1 
ATOM   950  C  CB  . THR A 1 159 ? -1.907  1.690   -10.610 1.00 10.86 ? 139 THR A CB  1 
ATOM   951  O  OG1 . THR A 1 159 ? -1.054  2.290   -11.592 1.00 10.29 ? 139 THR A OG1 1 
ATOM   952  C  CG2 . THR A 1 159 ? -2.474  0.342   -11.146 1.00 11.83 ? 139 THR A CG2 1 
ATOM   953  N  N   . LYS A 1 160 ? -5.187  1.916   -9.358  1.00 10.40 ? 140 LYS A N   1 
ATOM   954  C  CA  . LYS A 1 160 ? -5.979  1.174   -8.402  1.00 10.84 ? 140 LYS A CA  1 
ATOM   955  C  C   . LYS A 1 160 ? -6.190  -0.242  -8.922  1.00 11.61 ? 140 LYS A C   1 
ATOM   956  O  O   . LYS A 1 160 ? -6.863  -0.431  -9.936  1.00 12.37 ? 140 LYS A O   1 
ATOM   957  C  CB  . LYS A 1 160 ? -7.325  1.846   -8.106  1.00 10.75 ? 140 LYS A CB  1 
ATOM   958  C  CG  . LYS A 1 160 ? -8.112  1.091   -7.036  1.00 10.79 ? 140 LYS A CG  1 
ATOM   959  C  CD  . LYS A 1 160 ? -9.368  1.808   -6.585  1.00 9.91  ? 140 LYS A CD  1 
ATOM   960  C  CE  . LYS A 1 160 ? -9.026  3.126   -5.817  1.00 7.15  ? 140 LYS A CE  1 
ATOM   961  N  NZ  . LYS A 1 160 ? -10.097 3.405   -4.766  1.00 6.41  ? 140 LYS A NZ  1 
ATOM   962  N  N   . LEU A 1 161 ? -5.629  -1.218  -8.213  1.00 10.75 ? 141 LEU A N   1 
ATOM   963  C  CA  . LEU A 1 161 ? -5.783  -2.624  -8.564  1.00 12.21 ? 141 LEU A CA  1 
ATOM   964  C  C   . LEU A 1 161 ? -7.033  -3.178  -7.914  1.00 12.11 ? 141 LEU A C   1 
ATOM   965  O  O   . LEU A 1 161 ? -7.395  -2.777  -6.811  1.00 11.70 ? 141 LEU A O   1 
ATOM   966  C  CB  . LEU A 1 161 ? -4.567  -3.432  -8.081  1.00 11.12 ? 141 LEU A CB  1 
ATOM   967  C  CG  . LEU A 1 161 ? -3.211  -2.961  -8.653  1.00 13.46 ? 141 LEU A CG  1 
ATOM   968  C  CD1 . LEU A 1 161 ? -2.051  -3.682  -7.922  1.00 14.77 ? 141 LEU A CD1 1 
ATOM   969  C  CD2 . LEU A 1 161 ? -3.149  -3.199  -10.137 1.00 10.31 ? 141 LEU A CD2 1 
ATOM   970  N  N   . GLN A 1 162 ? -7.692  -4.097  -8.600  1.00 12.82 ? 142 GLN A N   1 
ATOM   971  C  CA  . GLN A 1 162 ? -8.852  -4.769  -8.017  1.00 13.41 ? 142 GLN A CA  1 
ATOM   972  C  C   . GLN A 1 162 ? -8.494  -6.214  -7.721  1.00 12.62 ? 142 GLN A C   1 
ATOM   973  O  O   . GLN A 1 162 ? -7.536  -6.747  -8.274  1.00 12.70 ? 142 GLN A O   1 
ATOM   974  C  CB  . GLN A 1 162 ? -10.032 -4.686  -8.979  1.00 13.94 ? 142 GLN A CB  1 
ATOM   975  C  CG  . GLN A 1 162 ? -10.514 -3.252  -9.111  1.00 16.93 ? 142 GLN A CG  1 
ATOM   976  C  CD  . GLN A 1 162 ? -11.858 -3.181  -9.743  1.00 20.45 ? 142 GLN A CD  1 
ATOM   977  O  OE1 . GLN A 1 162 ? -12.008 -3.504  -10.920 1.00 21.10 ? 142 GLN A OE1 1 
ATOM   978  N  NE2 . GLN A 1 162 ? -12.863 -2.779  -8.963  1.00 21.24 ? 142 GLN A NE2 1 
ATOM   979  N  N   . ALA A 1 163 ? -9.253  -6.862  -6.858  1.00 11.56 ? 143 ALA A N   1 
ATOM   980  C  CA  . ALA A 1 163 ? -9.079  -8.293  -6.661  1.00 11.26 ? 143 ALA A CA  1 
ATOM   981  C  C   . ALA A 1 163 ? -10.240 -9.024  -7.336  1.00 11.24 ? 143 ALA A C   1 
ATOM   982  O  O   . ALA A 1 163 ? -10.896 -8.457  -8.231  1.00 11.43 ? 143 ALA A O   1 
ATOM   983  C  CB  . ALA A 1 163 ? -8.955  -8.636  -5.174  1.00 11.06 ? 143 ALA A CB  1 
ATOM   984  N  N   . VAL A 1 164 ? -10.481 -10.270 -6.943  1.00 10.85 ? 144 VAL A N   1 
ATOM   985  C  CA  . VAL A 1 164 ? -11.625 -11.030 -7.433  1.00 11.64 ? 144 VAL A CA  1 
ATOM   986  C  C   . VAL A 1 164 ? -12.519 -11.393 -6.245  1.00 12.05 ? 144 VAL A C   1 
ATOM   987  O  O   . VAL A 1 164 ? -12.018 -11.882 -5.235  1.00 11.85 ? 144 VAL A O   1 
ATOM   988  C  CB  . VAL A 1 164 ? -11.144 -12.313 -8.179  1.00 11.82 ? 144 VAL A CB  1 
ATOM   989  C  CG1 . VAL A 1 164 ? -12.328 -13.200 -8.583  1.00 11.87 ? 144 VAL A CG1 1 
ATOM   990  C  CG2 . VAL A 1 164 ? -10.307 -11.931 -9.407  1.00 10.63 ? 144 VAL A CG2 1 
ATOM   991  N  N   . CYS A 1 165 ? -13.822 -11.140 -6.359  1.00 12.86 ? 145 CYS A N   1 
ATOM   992  C  CA  . CYS A 1 165 ? -14.775 -11.429 -5.278  1.00 13.55 ? 145 CYS A CA  1 
ATOM   993  C  C   . CYS A 1 165 ? -14.836 -12.923 -4.932  1.00 14.22 ? 145 CYS A C   1 
ATOM   994  O  O   . CYS A 1 165 ? -15.044 -13.769 -5.808  1.00 14.32 ? 145 CYS A O   1 
ATOM   995  C  CB  . CYS A 1 165 ? -16.173 -10.903 -5.630  1.00 13.86 ? 145 CYS A CB  1 
ATOM   996  S  SG  . CYS A 1 165 ? -17.391 -11.155 -4.300  1.00 14.19 ? 145 CYS A SG  1 
ATOM   997  N  N   . ALA A 1 166 ? -14.633 -13.240 -3.655  1.00 14.45 ? 146 ALA A N   1 
ATOM   998  C  CA  . ALA A 1 166 ? -14.637 -14.618 -3.190  1.00 15.46 ? 146 ALA A CA  1 
ATOM   999  C  C   . ALA A 1 166 ? -16.053 -15.223 -3.184  1.00 16.27 ? 146 ALA A C   1 
ATOM   1000 O  O   . ALA A 1 166 ? -16.197 -16.435 -3.098  1.00 16.57 ? 146 ALA A O   1 
ATOM   1001 C  CB  . ALA A 1 166 ? -14.010 -14.712 -1.797  1.00 15.90 ? 146 ALA A CB  1 
ATOM   1002 N  N   . VAL A 1 167 ? -17.078 -14.379 -3.293  1.00 17.04 ? 147 VAL A N   1 
ATOM   1003 C  CA  . VAL A 1 167 ? -18.470 -14.844 -3.391  1.00 17.83 ? 147 VAL A CA  1 
ATOM   1004 C  C   . VAL A 1 167 ? -18.845 -15.171 -4.841  1.00 18.56 ? 147 VAL A C   1 
ATOM   1005 O  O   . VAL A 1 167 ? -19.274 -16.292 -5.131  1.00 18.90 ? 147 VAL A O   1 
ATOM   1006 C  CB  . VAL A 1 167 ? -19.477 -13.823 -2.788  1.00 17.73 ? 147 VAL A CB  1 
ATOM   1007 C  CG1 . VAL A 1 167 ? -20.926 -14.279 -3.007  1.00 17.91 ? 147 VAL A CG1 1 
ATOM   1008 C  CG2 . VAL A 1 167 ? -19.207 -13.595 -1.303  1.00 17.11 ? 147 VAL A CG2 1 
ATOM   1009 N  N   . CYS A 1 168 ? -18.656 -14.214 -5.751  1.00 18.95 ? 148 CYS A N   1 
ATOM   1010 C  CA  . CYS A 1 168 ? -19.256 -14.298 -7.083  1.00 19.26 ? 148 CYS A CA  1 
ATOM   1011 C  C   . CYS A 1 168 ? -18.255 -14.327 -8.233  1.00 19.49 ? 148 CYS A C   1 
ATOM   1012 O  O   . CYS A 1 168 ? -18.638 -14.495 -9.399  1.00 19.16 ? 148 CYS A O   1 
ATOM   1013 C  CB  . CYS A 1 168 ? -20.211 -13.125 -7.288  1.00 19.64 ? 148 CYS A CB  1 
ATOM   1014 S  SG  . CYS A 1 168 ? -19.374 -11.541 -7.533  1.00 21.78 ? 148 CYS A SG  1 
ATOM   1015 N  N   . GLY A 1 169 ? -16.980 -14.113 -7.921  1.00 19.05 ? 149 GLY A N   1 
ATOM   1016 C  CA  . GLY A 1 169 ? -15.956 -14.122 -8.950  1.00 18.40 ? 149 GLY A CA  1 
ATOM   1017 C  C   . GLY A 1 169 ? -15.855 -12.889 -9.835  1.00 18.12 ? 149 GLY A C   1 
ATOM   1018 O  O   . GLY A 1 169 ? -15.073 -12.891 -10.779 1.00 17.77 ? 149 GLY A O   1 
ATOM   1019 N  N   . SER A 1 170 ? -16.637 -11.843 -9.567  1.00 18.13 ? 150 SER A N   1 
ATOM   1020 C  CA  A SER A 1 170 ? -16.490 -10.598 -10.319 0.50 18.47 ? 150 SER A CA  1 
ATOM   1021 C  CA  B SER A 1 170 ? -16.498 -10.586 -10.304 0.50 18.23 ? 150 SER A CA  1 
ATOM   1022 C  C   . SER A 1 170 ? -15.354 -9.756  -9.728  1.00 18.65 ? 150 SER A C   1 
ATOM   1023 O  O   . SER A 1 170 ? -14.798 -10.099 -8.674  1.00 18.26 ? 150 SER A O   1 
ATOM   1024 C  CB  A SER A 1 170 ? -17.813 -9.816  -10.384 0.50 18.65 ? 150 SER A CB  1 
ATOM   1025 C  CB  B SER A 1 170 ? -17.802 -9.786  -10.283 0.50 18.40 ? 150 SER A CB  1 
ATOM   1026 O  OG  A SER A 1 170 ? -18.155 -9.256  -9.129  0.50 19.34 ? 150 SER A OG  1 
ATOM   1027 O  OG  B SER A 1 170 ? -18.836 -10.498 -10.926 0.50 17.58 ? 150 SER A OG  1 
ATOM   1028 N  N   . SER A 1 171 ? -14.982 -8.680  -10.423 1.00 18.26 ? 151 SER A N   1 
ATOM   1029 C  CA  . SER A 1 171 ? -13.932 -7.787  -9.931  1.00 18.64 ? 151 SER A CA  1 
ATOM   1030 C  C   . SER A 1 171 ? -14.370 -7.243  -8.579  1.00 17.62 ? 151 SER A C   1 
ATOM   1031 O  O   . SER A 1 171 ? -15.534 -6.927  -8.406  1.00 17.94 ? 151 SER A O   1 
ATOM   1032 C  CB  . SER A 1 171 ? -13.700 -6.637  -10.911 1.00 19.32 ? 151 SER A CB  1 
ATOM   1033 O  OG  . SER A 1 171 ? -12.837 -7.054  -11.955 1.00 22.91 ? 151 SER A OG  1 
ATOM   1034 N  N   . SER A 1 172 ? -13.454 -7.178  -7.616  1.00 16.29 ? 152 SER A N   1 
ATOM   1035 C  CA  . SER A 1 172 ? -13.803 -6.696  -6.286  1.00 15.64 ? 152 SER A CA  1 
ATOM   1036 C  C   . SER A 1 172 ? -13.019 -5.439  -5.914  1.00 15.19 ? 152 SER A C   1 
ATOM   1037 O  O   . SER A 1 172 ? -11.907 -5.244  -6.380  1.00 14.94 ? 152 SER A O   1 
ATOM   1038 C  CB  . SER A 1 172 ? -13.555 -7.799  -5.245  1.00 15.73 ? 152 SER A CB  1 
ATOM   1039 O  OG  . SER A 1 172 ? -12.184 -8.161  -5.204  1.00 14.42 ? 152 SER A OG  1 
ATOM   1040 N  N   . SER A 1 173 ? -13.587 -4.616  -5.041  1.00 14.41 ? 153 SER A N   1 
ATOM   1041 C  CA  . SER A 1 173 ? -12.922 -3.389  -4.604  1.00 14.11 ? 153 SER A CA  1 
ATOM   1042 C  C   . SER A 1 173 ? -12.882 -3.249  -3.092  1.00 13.70 ? 153 SER A C   1 
ATOM   1043 O  O   . SER A 1 173 ? -12.333 -2.272  -2.596  1.00 13.79 ? 153 SER A O   1 
ATOM   1044 C  CB  . SER A 1 173 ? -13.639 -2.167  -5.191  1.00 14.61 ? 153 SER A CB  1 
ATOM   1045 O  OG  . SER A 1 173 ? -15.027 -2.270  -4.924  1.00 15.94 ? 153 SER A OG  1 
ATOM   1046 N  N   . ARG A 1 174 ? -13.476 -4.199  -2.367  1.00 13.47 ? 154 ARG A N   1 
ATOM   1047 C  CA  . ARG A 1 174 ? -13.601 -4.125  -0.912  1.00 13.85 ? 154 ARG A CA  1 
ATOM   1048 C  C   . ARG A 1 174 ? -12.934 -5.325  -0.228  1.00 13.62 ? 154 ARG A C   1 
ATOM   1049 O  O   . ARG A 1 174 ? -12.698 -6.363  -0.861  1.00 12.28 ? 154 ARG A O   1 
ATOM   1050 C  CB  . ARG A 1 174 ? -15.079 -4.095  -0.487  1.00 14.73 ? 154 ARG A CB  1 
ATOM   1051 C  CG  . ARG A 1 174 ? -15.948 -2.999  -1.099  1.00 16.17 ? 154 ARG A CG  1 
ATOM   1052 C  CD  . ARG A 1 174 ? -15.488 -1.665  -0.571  1.00 20.50 ? 154 ARG A CD  1 
ATOM   1053 N  NE  . ARG A 1 174 ? -16.338 -0.570  -1.023  1.00 21.69 ? 154 ARG A NE  1 
ATOM   1054 C  CZ  . ARG A 1 174 ? -17.289 -0.010  -0.290  1.00 24.66 ? 154 ARG A CZ  1 
ATOM   1055 N  NH1 . ARG A 1 174 ? -17.528 -0.441  0.942   1.00 26.39 ? 154 ARG A NH1 1 
ATOM   1056 N  NH2 . ARG A 1 174 ? -17.998 0.990   -0.792  1.00 26.16 ? 154 ARG A NH2 1 
ATOM   1057 N  N   . THR A 1 175 ? -12.642 -5.161  1.062   1.00 13.65 ? 155 THR A N   1 
ATOM   1058 C  CA  . THR A 1 175 ? -12.210 -6.265  1.923   1.00 14.40 ? 155 THR A CA  1 
ATOM   1059 C  C   . THR A 1 175 ? -13.256 -6.525  3.007   1.00 14.16 ? 155 THR A C   1 
ATOM   1060 O  O   . THR A 1 175 ? -13.561 -5.640  3.823   1.00 13.78 ? 155 THR A O   1 
ATOM   1061 C  CB  . THR A 1 175 ? -10.873 -5.966  2.612   1.00 14.97 ? 155 THR A CB  1 
ATOM   1062 O  OG1 . THR A 1 175 ? -9.899  -5.612  1.631   1.00 16.90 ? 155 THR A OG1 1 
ATOM   1063 C  CG2 . THR A 1 175 ? -10.377 -7.193  3.408   1.00 14.85 ? 155 THR A CG2 1 
ATOM   1064 N  N   . GLN A 1 176 ? -13.814 -7.733  2.985   1.00 14.10 ? 156 GLN A N   1 
ATOM   1065 C  CA  . GLN A 1 176 ? -14.800 -8.152  3.965   1.00 14.36 ? 156 GLN A CA  1 
ATOM   1066 C  C   . GLN A 1 176 ? -14.094 -8.715  5.191   1.00 14.70 ? 156 GLN A C   1 
ATOM   1067 O  O   . GLN A 1 176 ? -13.283 -9.646  5.095   1.00 15.03 ? 156 GLN A O   1 
ATOM   1068 C  CB  . GLN A 1 176 ? -15.739 -9.204  3.383   1.00 14.05 ? 156 GLN A CB  1 
ATOM   1069 C  CG  . GLN A 1 176 ? -16.737 -9.787  4.414   1.00 14.14 ? 156 GLN A CG  1 
ATOM   1070 C  CD  . GLN A 1 176 ? -17.845 -8.806  4.742   1.00 14.22 ? 156 GLN A CD  1 
ATOM   1071 O  OE1 . GLN A 1 176 ? -18.585 -8.391  3.860   1.00 13.75 ? 156 GLN A OE1 1 
ATOM   1072 N  NE2 . GLN A 1 176 ? -17.944 -8.412  5.999   1.00 13.34 ? 156 GLN A NE2 1 
ATOM   1073 N  N   . ARG A 1 177 ? -14.398 -8.132  6.339   1.00 14.94 ? 157 ARG A N   1 
ATOM   1074 C  CA  . ARG A 1 177 ? -13.924 -8.657  7.603   1.00 15.28 ? 157 ARG A CA  1 
ATOM   1075 C  C   . ARG A 1 177 ? -15.041 -9.490  8.192   1.00 15.45 ? 157 ARG A C   1 
ATOM   1076 O  O   . ARG A 1 177 ? -16.191 -9.045  8.252   1.00 15.27 ? 157 ARG A O   1 
ATOM   1077 C  CB  . ARG A 1 177 ? -13.530 -7.524  8.548   1.00 15.11 ? 157 ARG A CB  1 
ATOM   1078 C  CG  . ARG A 1 177 ? -12.945 -7.985  9.875   1.00 16.83 ? 157 ARG A CG  1 
ATOM   1079 C  CD  . ARG A 1 177 ? -12.729 -6.798  10.792  1.00 18.16 ? 157 ARG A CD  1 
ATOM   1080 N  NE  . ARG A 1 177 ? -12.081 -7.196  12.040  1.00 19.65 ? 157 ARG A NE  1 
ATOM   1081 C  CZ  . ARG A 1 177 ? -12.009 -6.433  13.129  1.00 20.00 ? 157 ARG A CZ  1 
ATOM   1082 N  NH1 . ARG A 1 177 ? -11.386 -6.888  14.209  1.00 19.81 ? 157 ARG A NH1 1 
ATOM   1083 N  NH2 . ARG A 1 177 ? -12.556 -5.222  13.146  1.00 16.69 ? 157 ARG A NH2 1 
ATOM   1084 N  N   . LEU A 1 178 ? -14.701 -10.705 8.611   1.00 15.73 ? 158 LEU A N   1 
ATOM   1085 C  CA  . LEU A 1 178 ? -15.663 -11.594 9.241   1.00 15.83 ? 158 LEU A CA  1 
ATOM   1086 C  C   . LEU A 1 178 ? -15.184 -11.917 10.636  1.00 16.29 ? 158 LEU A C   1 
ATOM   1087 O  O   . LEU A 1 178 ? -14.007 -12.202 10.839  1.00 15.41 ? 158 LEU A O   1 
ATOM   1088 C  CB  . LEU A 1 178 ? -15.856 -12.873 8.414   1.00 16.01 ? 158 LEU A CB  1 
ATOM   1089 C  CG  . LEU A 1 178 ? -16.447 -12.701 7.008   1.00 16.33 ? 158 LEU A CG  1 
ATOM   1090 C  CD1 . LEU A 1 178 ? -16.256 -13.955 6.185   1.00 17.01 ? 158 LEU A CD1 1 
ATOM   1091 C  CD2 . LEU A 1 178 ? -17.940 -12.318 7.074   1.00 16.83 ? 158 LEU A CD2 1 
ATOM   1092 N  N   . ILE A 1 179 ? -16.097 -11.834 11.602  1.00 16.74 ? 159 ILE A N   1 
ATOM   1093 C  CA  . ILE A 1 179 ? -15.792 -12.195 12.984  1.00 17.77 ? 159 ILE A CA  1 
ATOM   1094 C  C   . ILE A 1 179 ? -16.827 -13.225 13.425  1.00 18.11 ? 159 ILE A C   1 
ATOM   1095 O  O   . ILE A 1 179 ? -18.032 -12.986 13.332  1.00 17.45 ? 159 ILE A O   1 
ATOM   1096 C  CB  . ILE A 1 179 ? -15.768 -10.958 13.926  1.00 17.95 ? 159 ILE A CB  1 
ATOM   1097 C  CG1 . ILE A 1 179 ? -14.703 -9.948  13.462  1.00 18.59 ? 159 ILE A CG1 1 
ATOM   1098 C  CG2 . ILE A 1 179 ? -15.549 -11.379 15.386  1.00 18.66 ? 159 ILE A CG2 1 
ATOM   1099 C  CD1 . ILE A 1 179 ? -14.806 -8.584  14.131  1.00 19.69 ? 159 ILE A CD1 1 
ATOM   1100 N  N   . ASN A 1 180 ? -16.338 -14.384 13.866  1.00 18.93 ? 160 ASN A N   1 
ATOM   1101 C  CA  . ASN A 1 180 ? -17.179 -15.531 14.191  1.00 19.95 ? 160 ASN A CA  1 
ATOM   1102 C  C   . ASN A 1 180 ? -18.192 -15.853 13.085  1.00 20.44 ? 160 ASN A C   1 
ATOM   1103 O  O   . ASN A 1 180 ? -19.380 -16.064 13.342  1.00 20.93 ? 160 ASN A O   1 
ATOM   1104 C  CB  . ASN A 1 180 ? -17.852 -15.341 15.563  1.00 20.24 ? 160 ASN A CB  1 
ATOM   1105 C  CG  . ASN A 1 180 ? -16.850 -14.990 16.670  1.00 21.12 ? 160 ASN A CG  1 
ATOM   1106 O  OD1 . ASN A 1 180 ? -15.752 -15.554 16.754  1.00 21.70 ? 160 ASN A OD1 1 
ATOM   1107 N  ND2 . ASN A 1 180 ? -17.226 -14.045 17.518  1.00 21.70 ? 160 ASN A ND2 1 
ATOM   1108 N  N   . GLY A 1 181 ? -17.711 -15.862 11.844  1.00 20.89 ? 161 GLY A N   1 
ATOM   1109 C  CA  . GLY A 1 181 ? -18.527 -16.249 10.697  1.00 21.20 ? 161 GLY A CA  1 
ATOM   1110 C  C   . GLY A 1 181 ? -19.383 -15.151 10.088  1.00 21.31 ? 161 GLY A C   1 
ATOM   1111 O  O   . GLY A 1 181 ? -19.916 -15.321 8.989   1.00 21.88 ? 161 GLY A O   1 
ATOM   1112 N  N   . LYS A 1 182 ? -19.510 -14.023 10.786  1.00 20.85 ? 162 LYS A N   1 
ATOM   1113 C  CA  . LYS A 1 182 ? -20.453 -12.975 10.382  1.00 20.34 ? 162 LYS A CA  1 
ATOM   1114 C  C   . LYS A 1 182 ? -19.770 -11.643 10.084  1.00 19.34 ? 162 LYS A C   1 
ATOM   1115 O  O   . LYS A 1 182 ? -18.726 -11.348 10.666  1.00 18.68 ? 162 LYS A O   1 
ATOM   1116 C  CB  . LYS A 1 182 ? -21.510 -12.775 11.472  1.00 20.36 ? 162 LYS A CB  1 
ATOM   1117 C  CG  . LYS A 1 182 ? -22.260 -14.055 11.881  1.00 22.91 ? 162 LYS A CG  1 
ATOM   1118 C  CD  . LYS A 1 182 ? -23.112 -14.587 10.732  1.00 26.41 ? 162 LYS A CD  1 
ATOM   1119 C  CE  . LYS A 1 182 ? -23.305 -16.091 10.835  1.00 28.72 ? 162 LYS A CE  1 
ATOM   1120 N  NZ  . LYS A 1 182 ? -24.100 -16.605 9.680   1.00 30.49 ? 162 LYS A NZ  1 
ATOM   1121 N  N   . PRO A 1 183 ? -20.369 -10.821 9.194   1.00 19.06 ? 163 PRO A N   1 
ATOM   1122 C  CA  . PRO A 1 183 ? -19.790 -9.512  8.904   1.00 18.67 ? 163 PRO A CA  1 
ATOM   1123 C  C   . PRO A 1 183 ? -19.457 -8.734  10.170  1.00 18.54 ? 163 PRO A C   1 
ATOM   1124 O  O   . PRO A 1 183 ? -20.267 -8.684  11.107  1.00 18.11 ? 163 PRO A O   1 
ATOM   1125 C  CB  . PRO A 1 183 ? -20.910 -8.806  8.134   1.00 18.83 ? 163 PRO A CB  1 
ATOM   1126 C  CG  . PRO A 1 183 ? -21.568 -9.890  7.405   1.00 18.72 ? 163 PRO A CG  1 
ATOM   1127 C  CD  . PRO A 1 183 ? -21.586 -11.050 8.391   1.00 18.80 ? 163 PRO A CD  1 
ATOM   1128 N  N   . ALA A 1 184 ? -18.255 -8.166  10.204  1.00 18.47 ? 164 ALA A N   1 
ATOM   1129 C  CA  . ALA A 1 184 ? -17.856 -7.248  11.265  1.00 18.96 ? 164 ALA A CA  1 
ATOM   1130 C  C   . ALA A 1 184 ? -18.801 -6.039  11.335  1.00 19.58 ? 164 ALA A C   1 
ATOM   1131 O  O   . ALA A 1 184 ? -19.341 -5.588  10.314  1.00 18.65 ? 164 ALA A O   1 
ATOM   1132 C  CB  . ALA A 1 184 ? -16.426 -6.797  11.066  1.00 18.51 ? 164 ALA A CB  1 
ATOM   1133 N  N   . LYS A 1 185 ? -19.002 -5.538  12.551  1.00 20.82 ? 165 LYS A N   1 
ATOM   1134 C  CA  . LYS A 1 185 ? -19.852 -4.378  12.791  1.00 22.03 ? 165 LYS A CA  1 
ATOM   1135 C  C   . LYS A 1 185 ? -19.058 -3.092  12.574  1.00 22.76 ? 165 LYS A C   1 
ATOM   1136 O  O   . LYS A 1 185 ? -17.835 -3.078  12.727  1.00 22.82 ? 165 LYS A O   1 
ATOM   1137 C  CB  . LYS A 1 185 ? -20.437 -4.432  14.204  1.00 22.09 ? 165 LYS A CB  1 
ATOM   1138 C  CG  . LYS A 1 185 ? -21.277 -5.684  14.476  1.00 22.67 ? 165 LYS A CG  1 
ATOM   1139 C  CD  . LYS A 1 185 ? -22.067 -5.585  15.777  1.00 25.02 ? 165 LYS A CD  1 
ATOM   1140 C  CE  . LYS A 1 185 ? -21.259 -6.034  16.991  1.00 26.80 ? 165 LYS A CE  1 
ATOM   1141 N  NZ  . LYS A 1 185 ? -20.197 -5.048  17.357  1.00 28.39 ? 165 LYS A NZ  1 
ATOM   1142 N  N   . ILE A 1 186 ? -19.761 -2.016  12.222  1.00 24.07 ? 166 ILE A N   1 
ATOM   1143 C  CA  . ILE A 1 186 ? -19.129 -0.724  11.898  1.00 25.11 ? 166 ILE A CA  1 
ATOM   1144 C  C   . ILE A 1 186 ? -18.176 -0.199  12.989  1.00 25.84 ? 166 ILE A C   1 
ATOM   1145 O  O   . ILE A 1 186 ? -17.197 0.483   12.683  1.00 26.00 ? 166 ILE A O   1 
ATOM   1146 C  CB  . ILE A 1 186 ? -20.197 0.352   11.494  1.00 25.16 ? 166 ILE A CB  1 
ATOM   1147 C  CG1 . ILE A 1 186 ? -19.535 1.595   10.877  1.00 25.18 ? 166 ILE A CG1 1 
ATOM   1148 C  CG2 . ILE A 1 186 ? -21.121 0.703   12.664  1.00 24.59 ? 166 ILE A CG2 1 
ATOM   1149 C  CD1 . ILE A 1 186 ? -20.526 2.626   10.351  1.00 25.63 ? 166 ILE A CD1 1 
ATOM   1150 N  N   . ASP A 1 187 ? -18.453 -0.543  14.247  1.00 26.75 ? 167 ASP A N   1 
ATOM   1151 C  CA  . ASP A 1 187 ? -17.648 -0.063  15.375  1.00 27.60 ? 167 ASP A CA  1 
ATOM   1152 C  C   . ASP A 1 187 ? -16.833 -1.157  16.083  1.00 27.94 ? 167 ASP A C   1 
ATOM   1153 O  O   . ASP A 1 187 ? -16.452 -1.003  17.252  1.00 28.23 ? 167 ASP A O   1 
ATOM   1154 C  CB  . ASP A 1 187 ? -18.531 0.695   16.381  1.00 27.87 ? 167 ASP A CB  1 
ATOM   1155 C  CG  . ASP A 1 187 ? -19.647 -0.166  16.960  1.00 29.05 ? 167 ASP A CG  1 
ATOM   1156 O  OD1 . ASP A 1 187 ? -19.877 -1.290  16.458  1.00 29.82 ? 167 ASP A OD1 1 
ATOM   1157 O  OD2 . ASP A 1 187 ? -20.311 0.288   17.924  1.00 30.50 ? 167 ASP A OD2 1 
ATOM   1158 N  N   . ASP A 1 188 ? -16.579 -2.261  15.383  1.00 27.96 ? 168 ASP A N   1 
ATOM   1159 C  CA  . ASP A 1 188 ? -15.684 -3.299  15.891  1.00 27.99 ? 168 ASP A CA  1 
ATOM   1160 C  C   . ASP A 1 188 ? -14.241 -2.799  15.841  1.00 28.18 ? 168 ASP A C   1 
ATOM   1161 O  O   . ASP A 1 188 ? -13.806 -2.288  14.806  1.00 28.33 ? 168 ASP A O   1 
ATOM   1162 C  CB  . ASP A 1 188 ? -15.821 -4.598  15.080  1.00 27.84 ? 168 ASP A CB  1 
ATOM   1163 C  CG  . ASP A 1 188 ? -16.962 -5.487  15.565  1.00 27.93 ? 168 ASP A CG  1 
ATOM   1164 O  OD1 . ASP A 1 188 ? -17.296 -5.449  16.766  1.00 26.52 ? 168 ASP A OD1 1 
ATOM   1165 O  OD2 . ASP A 1 188 ? -17.514 -6.247  14.743  1.00 28.30 ? 168 ASP A OD2 1 
ATOM   1166 N  N   . PRO A 1 189 ? -13.497 -2.940  16.957  1.00 28.42 ? 169 PRO A N   1 
ATOM   1167 C  CA  . PRO A 1 189 ? -12.080 -2.548  17.017  1.00 28.61 ? 169 PRO A CA  1 
ATOM   1168 C  C   . PRO A 1 189 ? -11.196 -3.391  16.109  1.00 28.85 ? 169 PRO A C   1 
ATOM   1169 O  O   . PRO A 1 189 ? -11.544 -4.530  15.801  1.00 28.92 ? 169 PRO A O   1 
ATOM   1170 C  CB  . PRO A 1 189 ? -11.704 -2.812  18.477  1.00 28.58 ? 169 PRO A CB  1 
ATOM   1171 C  CG  . PRO A 1 189 ? -12.703 -3.813  18.956  1.00 28.63 ? 169 PRO A CG  1 
ATOM   1172 C  CD  . PRO A 1 189 ? -13.971 -3.473  18.248  1.00 28.29 ? 169 PRO A CD  1 
ATOM   1173 N  N   . ILE A 1 190 ? -10.059 -2.832  15.701  1.00 29.32 ? 170 ILE A N   1 
ATOM   1174 C  CA  . ILE A 1 190 ? -9.106  -3.522  14.829  1.00 29.79 ? 170 ILE A CA  1 
ATOM   1175 C  C   . ILE A 1 190 ? -8.468  -4.727  15.539  1.00 29.75 ? 170 ILE A C   1 
ATOM   1176 O  O   . ILE A 1 190 ? -8.318  -5.805  14.949  1.00 29.45 ? 170 ILE A O   1 
ATOM   1177 C  CB  . ILE A 1 190 ? -8.025  -2.535  14.285  1.00 30.17 ? 170 ILE A CB  1 
ATOM   1178 C  CG1 . ILE A 1 190 ? -8.640  -1.592  13.244  1.00 30.96 ? 170 ILE A CG1 1 
ATOM   1179 C  CG2 . ILE A 1 190 ? -6.850  -3.278  13.662  1.00 30.24 ? 170 ILE A CG2 1 
ATOM   1180 C  CD1 . ILE A 1 190 ? -8.193  -0.125  13.376  1.00 32.09 ? 170 ILE A CD1 1 
ATOM   1181 N  N   . ILE A 1 191 ? -8.122  -4.543  16.810  1.00 29.47 ? 171 ILE A N   1 
ATOM   1182 C  CA  . ILE A 1 191 ? -7.502  -5.596  17.604  1.00 29.34 ? 171 ILE A CA  1 
ATOM   1183 C  C   . ILE A 1 191 ? -8.538  -6.295  18.490  1.00 28.97 ? 171 ILE A C   1 
ATOM   1184 O  O   . ILE A 1 191 ? -9.330  -5.637  19.181  1.00 28.71 ? 171 ILE A O   1 
ATOM   1185 C  CB  . ILE A 1 191 ? -6.316  -5.045  18.457  1.00 29.48 ? 171 ILE A CB  1 
ATOM   1186 C  CG1 . ILE A 1 191 ? -5.204  -4.504  17.549  1.00 29.97 ? 171 ILE A CG1 1 
ATOM   1187 C  CG2 . ILE A 1 191 ? -5.770  -6.111  19.423  1.00 29.60 ? 171 ILE A CG2 1 
ATOM   1188 C  CD1 . ILE A 1 191 ? -4.088  -3.761  18.292  1.00 31.09 ? 171 ILE A CD1 1 
ATOM   1189 N  N   . LEU A 1 192 ? -8.538  -7.628  18.445  1.00 28.50 ? 172 LEU A N   1 
ATOM   1190 C  CA  . LEU A 1 192 ? -9.338  -8.442  19.365  1.00 28.01 ? 172 LEU A CA  1 
ATOM   1191 C  C   . LEU A 1 192 ? -8.514  -9.527  20.054  1.00 27.57 ? 172 LEU A C   1 
ATOM   1192 O  O   . LEU A 1 192 ? -7.414  -9.864  19.609  1.00 27.92 ? 172 LEU A O   1 
ATOM   1193 C  CB  . LEU A 1 192 ? -10.557 -9.054  18.669  1.00 28.03 ? 172 LEU A CB  1 
ATOM   1194 C  CG  . LEU A 1 192 ? -11.815 -8.185  18.752  1.00 28.67 ? 172 LEU A CG  1 
ATOM   1195 C  CD1 . LEU A 1 192 ? -11.935 -7.283  17.542  1.00 28.64 ? 172 LEU A CD1 1 
ATOM   1196 C  CD2 . LEU A 1 192 ? -13.071 -9.035  18.917  1.00 29.65 ? 172 LEU A CD2 1 
ATOM   1197 N  N   . VAL A 1 193 ? -9.048  -10.049 21.151  1.00 26.64 ? 173 VAL A N   1 
ATOM   1198 C  CA  . VAL A 1 193 ? -8.449  -11.175 21.845  1.00 25.86 ? 173 VAL A CA  1 
ATOM   1199 C  C   . VAL A 1 193 ? -9.371  -12.376 21.690  1.00 25.27 ? 173 VAL A C   1 
ATOM   1200 O  O   . VAL A 1 193 ? -10.552 -12.311 22.028  1.00 25.15 ? 173 VAL A O   1 
ATOM   1201 C  CB  . VAL A 1 193 ? -8.176  -10.847 23.340  1.00 25.84 ? 173 VAL A CB  1 
ATOM   1202 C  CG1 . VAL A 1 193 ? -8.017  -12.124 24.190  1.00 25.92 ? 173 VAL A CG1 1 
ATOM   1203 C  CG2 . VAL A 1 193 ? -6.948  -9.961  23.469  1.00 25.73 ? 173 VAL A CG2 1 
ATOM   1204 N  N   . GLY A 1 194 ? -8.828  -13.456 21.134  1.00 24.50 ? 174 GLY A N   1 
ATOM   1205 C  CA  . GLY A 1 194 ? -9.532  -14.732 21.053  1.00 23.64 ? 174 GLY A CA  1 
ATOM   1206 C  C   . GLY A 1 194 ? -10.680 -14.848 20.061  1.00 22.81 ? 174 GLY A C   1 
ATOM   1207 O  O   . GLY A 1 194 ? -11.438 -15.819 20.114  1.00 23.24 ? 174 GLY A O   1 
ATOM   1208 N  N   . ALA A 1 195 ? -10.815 -13.877 19.155  1.00 21.89 ? 175 ALA A N   1 
ATOM   1209 C  CA  . ALA A 1 195 ? -11.887 -13.908 18.163  1.00 20.63 ? 175 ALA A CA  1 
ATOM   1210 C  C   . ALA A 1 195 ? -11.489 -14.716 16.936  1.00 19.70 ? 175 ALA A C   1 
ATOM   1211 O  O   . ALA A 1 195 ? -10.340 -14.668 16.497  1.00 19.72 ? 175 ALA A O   1 
ATOM   1212 C  CB  . ALA A 1 195 ? -12.283 -12.490 17.756  1.00 20.92 ? 175 ALA A CB  1 
ATOM   1213 N  N   . ASN A 1 196 ? -12.441 -15.471 16.396  1.00 18.71 ? 176 ASN A N   1 
ATOM   1214 C  CA  . ASN A 1 196 ? -12.275 -16.092 15.091  1.00 17.54 ? 176 ASN A CA  1 
ATOM   1215 C  C   . ASN A 1 196 ? -12.535 -15.059 14.034  1.00 17.83 ? 176 ASN A C   1 
ATOM   1216 O  O   . ASN A 1 196 ? -13.658 -14.571 13.885  1.00 17.67 ? 176 ASN A O   1 
ATOM   1217 C  CB  . ASN A 1 196 ? -13.229 -17.258 14.913  1.00 16.96 ? 176 ASN A CB  1 
ATOM   1218 C  CG  . ASN A 1 196 ? -12.971 -18.337 15.901  1.00 14.89 ? 176 ASN A CG  1 
ATOM   1219 O  OD1 . ASN A 1 196 ? -11.869 -18.426 16.448  1.00 9.26  ? 176 ASN A OD1 1 
ATOM   1220 N  ND2 . ASN A 1 196 ? -13.991 -19.156 16.180  1.00 15.23 ? 176 ASN A ND2 1 
ATOM   1221 N  N   . GLU A 1 197 ? -11.494 -14.708 13.304  1.00 17.52 ? 177 GLU A N   1 
ATOM   1222 C  CA  . GLU A 1 197 ? -11.683 -13.701 12.290  1.00 17.86 ? 177 GLU A CA  1 
ATOM   1223 C  C   . GLU A 1 197 ? -10.936 -13.983 11.001  1.00 16.76 ? 177 GLU A C   1 
ATOM   1224 O  O   . GLU A 1 197 ? -9.904  -14.669 11.004  1.00 16.03 ? 177 GLU A O   1 
ATOM   1225 C  CB  . GLU A 1 197 ? -11.438 -12.298 12.849  1.00 18.59 ? 177 GLU A CB  1 
ATOM   1226 C  CG  . GLU A 1 197 ? -10.018 -11.907 13.172  1.00 21.54 ? 177 GLU A CG  1 
ATOM   1227 C  CD  . GLU A 1 197 ? -9.843  -10.394 13.049  1.00 26.62 ? 177 GLU A CD  1 
ATOM   1228 O  OE1 . GLU A 1 197 ? -10.871 -9.679  12.987  1.00 29.56 ? 177 GLU A OE1 1 
ATOM   1229 O  OE2 . GLU A 1 197 ? -8.696  -9.910  13.009  1.00 28.27 ? 177 GLU A OE2 1 
ATOM   1230 N  N   . SER A 1 198 ? -11.513 -13.492 9.908   1.00 15.85 ? 178 SER A N   1 
ATOM   1231 C  CA  . SER A 1 198 ? -10.943 -13.656 8.575   1.00 15.22 ? 178 SER A CA  1 
ATOM   1232 C  C   . SER A 1 198 ? -11.236 -12.445 7.716   1.00 15.37 ? 178 SER A C   1 
ATOM   1233 O  O   . SER A 1 198 ? -12.117 -11.626 8.031   1.00 13.96 ? 178 SER A O   1 
ATOM   1234 C  CB  . SER A 1 198 ? -11.510 -14.901 7.890   1.00 15.56 ? 178 SER A CB  1 
ATOM   1235 O  OG  . SER A 1 198 ? -12.899 -14.762 7.640   1.00 15.16 ? 178 SER A OG  1 
ATOM   1236 N  N   . TYR A 1 199 ? -10.470 -12.344 6.632   1.00 15.04 ? 179 TYR A N   1 
ATOM   1237 C  CA  . TYR A 1 199 ? -10.665 -11.339 5.609   1.00 15.86 ? 179 TYR A CA  1 
ATOM   1238 C  C   . TYR A 1 199 ? -10.757 -12.032 4.263   1.00 15.81 ? 179 TYR A C   1 
ATOM   1239 O  O   . TYR A 1 199 ? -10.052 -13.014 4.010   1.00 15.39 ? 179 TYR A O   1 
ATOM   1240 C  CB  . TYR A 1 199 ? -9.489  -10.365 5.601   1.00 16.08 ? 179 TYR A CB  1 
ATOM   1241 C  CG  . TYR A 1 199 ? -9.322  -9.653  6.918   1.00 18.61 ? 179 TYR A CG  1 
ATOM   1242 C  CD1 . TYR A 1 199 ? -9.839  -8.373  7.104   1.00 20.93 ? 179 TYR A CD1 1 
ATOM   1243 C  CD2 . TYR A 1 199 ? -8.676  -10.276 7.999   1.00 20.90 ? 179 TYR A CD2 1 
ATOM   1244 C  CE1 . TYR A 1 199 ? -9.702  -7.719  8.318   1.00 22.57 ? 179 TYR A CE1 1 
ATOM   1245 C  CE2 . TYR A 1 199 ? -8.540  -9.628  9.217   1.00 22.15 ? 179 TYR A CE2 1 
ATOM   1246 C  CZ  . TYR A 1 199 ? -9.052  -8.349  9.362   1.00 24.08 ? 179 TYR A CZ  1 
ATOM   1247 O  OH  . TYR A 1 199 ? -8.924  -7.703  10.563  1.00 27.24 ? 179 TYR A OH  1 
ATOM   1248 N  N   . GLU A 1 200 ? -11.626 -11.516 3.407   1.00 15.66 ? 180 GLU A N   1 
ATOM   1249 C  CA  . GLU A 1 200 ? -11.697 -11.977 2.027   1.00 16.01 ? 180 GLU A CA  1 
ATOM   1250 C  C   . GLU A 1 200 ? -12.056 -10.823 1.089   1.00 15.33 ? 180 GLU A C   1 
ATOM   1251 O  O   . GLU A 1 200 ? -12.679 -9.847  1.523   1.00 14.27 ? 180 GLU A O   1 
ATOM   1252 C  CB  . GLU A 1 200 ? -12.691 -13.129 1.879   1.00 16.53 ? 180 GLU A CB  1 
ATOM   1253 C  CG  . GLU A 1 200 ? -14.106 -12.814 2.251   1.00 19.79 ? 180 GLU A CG  1 
ATOM   1254 C  CD  . GLU A 1 200 ? -14.979 -14.048 2.209   1.00 22.92 ? 180 GLU A CD  1 
ATOM   1255 O  OE1 . GLU A 1 200 ? -14.558 -15.094 2.728   1.00 24.75 ? 180 GLU A OE1 1 
ATOM   1256 O  OE2 . GLU A 1 200 ? -16.084 -13.973 1.648   1.00 25.22 ? 180 GLU A OE2 1 
ATOM   1257 N  N   . PRO A 1 201 ? -11.632 -10.923 -0.194  1.00 14.50 ? 181 PRO A N   1 
ATOM   1258 C  CA  . PRO A 1 201 ? -11.987 -9.877  -1.153  1.00 14.39 ? 181 PRO A CA  1 
ATOM   1259 C  C   . PRO A 1 201 ? -13.466 -10.014 -1.518  1.00 14.02 ? 181 PRO A C   1 
ATOM   1260 O  O   . PRO A 1 201 ? -13.949 -11.129 -1.703  1.00 13.59 ? 181 PRO A O   1 
ATOM   1261 C  CB  . PRO A 1 201 ? -11.069 -10.184 -2.351  1.00 14.24 ? 181 PRO A CB  1 
ATOM   1262 C  CG  . PRO A 1 201 ? -10.893 -11.698 -2.317  1.00 13.78 ? 181 PRO A CG  1 
ATOM   1263 C  CD  . PRO A 1 201 ? -10.908 -12.049 -0.826  1.00 14.58 ? 181 PRO A CD  1 
ATOM   1264 N  N   . ARG A 1 202 ? -14.191 -8.901  -1.564  1.00 14.30 ? 182 ARG A N   1 
ATOM   1265 C  CA  . ARG A 1 202 ? -15.569 -8.903  -2.049  1.00 14.70 ? 182 ARG A CA  1 
ATOM   1266 C  C   . ARG A 1 202 ? -15.873 -7.666  -2.886  1.00 15.50 ? 182 ARG A C   1 
ATOM   1267 O  O   . ARG A 1 202 ? -15.322 -6.589  -2.633  1.00 15.20 ? 182 ARG A O   1 
ATOM   1268 C  CB  . ARG A 1 202 ? -16.568 -8.970  -0.888  1.00 14.66 ? 182 ARG A CB  1 
ATOM   1269 C  CG  . ARG A 1 202 ? -16.501 -10.269 -0.079  1.00 14.29 ? 182 ARG A CG  1 
ATOM   1270 C  CD  . ARG A 1 202 ? -17.713 -10.437 0.756   1.00 20.46 ? 182 ARG A CD  1 
ATOM   1271 N  NE  . ARG A 1 202 ? -17.654 -11.687 1.495   1.00 20.68 ? 182 ARG A NE  1 
ATOM   1272 C  CZ  . ARG A 1 202 ? -18.602 -12.131 2.301   1.00 21.77 ? 182 ARG A CZ  1 
ATOM   1273 N  NH1 . ARG A 1 202 ? -19.711 -11.421 2.492   1.00 24.27 ? 182 ARG A NH1 1 
ATOM   1274 N  NH2 . ARG A 1 202 ? -18.425 -13.283 2.927   1.00 20.39 ? 182 ARG A NH2 1 
ATOM   1275 N  N   . CYS A 1 203 ? -16.761 -7.834  -3.870  1.00 16.44 ? 183 CYS A N   1 
ATOM   1276 C  CA  . CYS A 1 203 ? -17.340 -6.711  -4.588  1.00 18.11 ? 183 CYS A CA  1 
ATOM   1277 C  C   . CYS A 1 203 ? -18.272 -5.931  -3.649  1.00 19.43 ? 183 CYS A C   1 
ATOM   1278 O  O   . CYS A 1 203 ? -18.665 -6.433  -2.591  1.00 19.08 ? 183 CYS A O   1 
ATOM   1279 C  CB  . CYS A 1 203 ? -18.086 -7.186  -5.847  1.00 18.04 ? 183 CYS A CB  1 
ATOM   1280 S  SG  . CYS A 1 203 ? -19.530 -8.231  -5.562  1.00 19.22 ? 183 CYS A SG  1 
ATOM   1281 N  N   . ARG A 1 204 ? -18.591 -4.698  -4.046  1.00 20.96 ? 184 ARG A N   1 
ATOM   1282 C  CA  . ARG A 1 204 ? -19.503 -3.816  -3.324  1.00 22.32 ? 184 ARG A CA  1 
ATOM   1283 C  C   . ARG A 1 204 ? -20.825 -4.522  -3.001  1.00 22.24 ? 184 ARG A C   1 
ATOM   1284 O  O   . ARG A 1 204 ? -21.340 -4.409  -1.883  1.00 23.01 ? 184 ARG A O   1 
ATOM   1285 C  CB  . ARG A 1 204 ? -19.734 -2.528  -4.146  1.00 22.76 ? 184 ARG A CB  1 
ATOM   1286 C  CG  . ARG A 1 204 ? -20.832 -1.596  -3.607  1.00 25.30 ? 184 ARG A CG  1 
ATOM   1287 C  CD  . ARG A 1 204 ? -21.297 -0.580  -4.670  1.00 27.87 ? 184 ARG A CD  1 
ATOM   1288 N  NE  . ARG A 1 204 ? -20.221 0.340   -5.039  1.00 31.02 ? 184 ARG A NE  1 
ATOM   1289 C  CZ  . ARG A 1 204 ? -19.956 1.480   -4.404  1.00 31.24 ? 184 ARG A CZ  1 
ATOM   1290 N  NH1 . ARG A 1 204 ? -20.697 1.856   -3.366  1.00 33.49 ? 184 ARG A NH1 1 
ATOM   1291 N  NH2 . ARG A 1 204 ? -18.955 2.245   -4.804  1.00 29.04 ? 184 ARG A NH2 1 
ATOM   1292 N  N   . ALA A 1 205 ? -21.341 -5.278  -3.972  1.00 22.50 ? 185 ALA A N   1 
ATOM   1293 C  CA  . ALA A 1 205 ? -22.599 -6.026  -3.831  1.00 22.20 ? 185 ALA A CA  1 
ATOM   1294 C  C   . ALA A 1 205 ? -22.563 -7.143  -2.804  1.00 22.15 ? 185 ALA A C   1 
ATOM   1295 O  O   . ALA A 1 205 ? -23.613 -7.593  -2.356  1.00 22.11 ? 185 ALA A O   1 
ATOM   1296 C  CB  . ALA A 1 205 ? -23.037 -6.595  -5.177  1.00 22.60 ? 185 ALA A CB  1 
ATOM   1297 N  N   . HIS A 1 206 ? -21.378 -7.630  -2.452  1.00 21.59 ? 186 HIS A N   1 
ATOM   1298 C  CA  . HIS A 1 206 ? -21.299 -8.685  -1.442  1.00 21.08 ? 186 HIS A CA  1 
ATOM   1299 C  C   . HIS A 1 206 ? -20.549 -8.256  -0.199  1.00 20.83 ? 186 HIS A C   1 
ATOM   1300 O  O   . HIS A 1 206 ? -20.326 -9.051  0.708   1.00 21.22 ? 186 HIS A O   1 
ATOM   1301 C  CB  . HIS A 1 206 ? -20.735 -9.974  -2.034  1.00 20.67 ? 186 HIS A CB  1 
ATOM   1302 C  CG  . HIS A 1 206 ? -21.610 -10.558 -3.093  1.00 21.64 ? 186 HIS A CG  1 
ATOM   1303 N  ND1 . HIS A 1 206 ? -21.255 -10.580 -4.422  1.00 21.94 ? 186 HIS A ND1 1 
ATOM   1304 C  CD2 . HIS A 1 206 ? -22.852 -11.096 -3.028  1.00 22.26 ? 186 HIS A CD2 1 
ATOM   1305 C  CE1 . HIS A 1 206 ? -22.229 -11.121 -5.132  1.00 22.79 ? 186 HIS A CE1 1 
ATOM   1306 N  NE2 . HIS A 1 206 ? -23.211 -11.445 -4.309  1.00 22.80 ? 186 HIS A NE2 1 
ATOM   1307 N  N   . HIS A 1 207 ? -20.170 -6.988  -0.157  1.00 20.46 ? 187 HIS A N   1 
ATOM   1308 C  CA  . HIS A 1 207 ? -19.527 -6.437  1.021   1.00 20.02 ? 187 HIS A CA  1 
ATOM   1309 C  C   . HIS A 1 207 ? -20.601 -5.947  1.999   1.00 20.11 ? 187 HIS A C   1 
ATOM   1310 O  O   . HIS A 1 207 ? -21.493 -5.201  1.613   1.00 20.05 ? 187 HIS A O   1 
ATOM   1311 C  CB  . HIS A 1 207 ? -18.565 -5.322  0.625   1.00 19.77 ? 187 HIS A CB  1 
ATOM   1312 C  CG  . HIS A 1 207 ? -17.745 -4.798  1.759   1.00 19.12 ? 187 HIS A CG  1 
ATOM   1313 N  ND1 . HIS A 1 207 ? -17.852 -3.504  2.214   1.00 19.08 ? 187 HIS A ND1 1 
ATOM   1314 C  CD2 . HIS A 1 207 ? -16.792 -5.385  2.522   1.00 19.84 ? 187 HIS A CD2 1 
ATOM   1315 C  CE1 . HIS A 1 207 ? -17.002 -3.314  3.209   1.00 19.89 ? 187 HIS A CE1 1 
ATOM   1316 N  NE2 . HIS A 1 207 ? -16.348 -4.441  3.417   1.00 19.13 ? 187 HIS A NE2 1 
ATOM   1317 N  N   . ILE A 1 208 ? -20.521 -6.397  3.251   1.00 19.63 ? 188 ILE A N   1 
ATOM   1318 C  CA  . ILE A 1 208 ? -21.522 -6.061  4.278   1.00 20.19 ? 188 ILE A CA  1 
ATOM   1319 C  C   . ILE A 1 208 ? -20.830 -5.491  5.509   1.00 19.83 ? 188 ILE A C   1 
ATOM   1320 O  O   . ILE A 1 208 ? -19.931 -6.119  6.071   1.00 19.68 ? 188 ILE A O   1 
ATOM   1321 C  CB  . ILE A 1 208 ? -22.347 -7.316  4.701   1.00 19.91 ? 188 ILE A CB  1 
ATOM   1322 C  CG1 . ILE A 1 208 ? -23.090 -7.901  3.495   1.00 20.89 ? 188 ILE A CG1 1 
ATOM   1323 C  CG2 . ILE A 1 208 ? -23.320 -6.993  5.843   1.00 20.36 ? 188 ILE A CG2 1 
ATOM   1324 C  CD1 . ILE A 1 208 ? -23.461 -9.363  3.651   1.00 22.68 ? 188 ILE A CD1 1 
ATOM   1325 N  N   . VAL A 1 209 ? -21.234 -4.292  5.916   1.00 19.44 ? 189 VAL A N   1 
ATOM   1326 C  CA  . VAL A 1 209 ? -20.807 -3.755  7.200   1.00 19.64 ? 189 VAL A CA  1 
ATOM   1327 C  C   . VAL A 1 209 ? -22.027 -3.770  8.114   1.00 20.59 ? 189 VAL A C   1 
ATOM   1328 O  O   . VAL A 1 209 ? -23.021 -3.098  7.843   1.00 20.33 ? 189 VAL A O   1 
ATOM   1329 C  CB  . VAL A 1 209 ? -20.229 -2.329  7.100   1.00 19.49 ? 189 VAL A CB  1 
ATOM   1330 C  CG1 . VAL A 1 209 ? -19.753 -1.861  8.460   1.00 18.93 ? 189 VAL A CG1 1 
ATOM   1331 C  CG2 . VAL A 1 209 ? -19.081 -2.270  6.076   1.00 19.30 ? 189 VAL A CG2 1 
ATOM   1332 N  N   . ALA A 1 210 ? -21.950 -4.564  9.175   1.00 21.62 ? 190 ALA A N   1 
ATOM   1333 C  CA  . ALA A 1 210 ? -23.069 -4.729  10.105  1.00 22.86 ? 190 ALA A CA  1 
ATOM   1334 C  C   . ALA A 1 210 ? -23.301 -3.470  10.941  1.00 23.79 ? 190 ALA A C   1 
ATOM   1335 O  O   . ALA A 1 210 ? -22.341 -2.770  11.274  1.00 23.67 ? 190 ALA A O   1 
ATOM   1336 C  CB  . ALA A 1 210 ? -22.827 -5.937  11.008  1.00 22.68 ? 190 ALA A CB  1 
ATOM   1337 N  N   . PRO A 1 211 ? -24.579 -3.172  11.275  1.00 25.19 ? 191 PRO A N   1 
ATOM   1338 C  CA  . PRO A 1 211 ? -24.920 -2.049  12.159  1.00 25.89 ? 191 PRO A CA  1 
ATOM   1339 C  C   . PRO A 1 211 ? -24.277 -2.151  13.542  1.00 26.33 ? 191 PRO A C   1 
ATOM   1340 O  O   . PRO A 1 211 ? -24.047 -3.257  14.042  1.00 26.68 ? 191 PRO A O   1 
ATOM   1341 C  CB  . PRO A 1 211 ? -26.446 -2.162  12.293  1.00 25.93 ? 191 PRO A CB  1 
ATOM   1342 C  CG  . PRO A 1 211 ? -26.875 -2.808  11.026  1.00 25.97 ? 191 PRO A CG  1 
ATOM   1343 C  CD  . PRO A 1 211 ? -25.794 -3.811  10.727  1.00 25.15 ? 191 PRO A CD  1 
ATOM   1344 N  N   . SER A 1 212 ? -23.990 -0.999  14.144  1.00 26.83 ? 192 SER A N   1 
ATOM   1345 C  CA  . SER A 1 212 ? -23.480 -0.936  15.516  1.00 27.17 ? 192 SER A CA  1 
ATOM   1346 C  C   . SER A 1 212 ? -24.616 -1.078  16.530  1.00 26.87 ? 192 SER A C   1 
ATOM   1347 O  O   . SER A 1 212 ? -24.593 -1.965  17.377  1.00 26.95 ? 192 SER A O   1 
ATOM   1348 C  CB  . SER A 1 212 ? -22.732 0.377   15.756  1.00 27.25 ? 192 SER A CB  1 
ATOM   1349 O  OG  . SER A 1 212 ? -23.625 1.478   15.849  1.00 28.19 ? 192 SER A OG  1 
HETATM 1350 ZN ZN  . ZN  B 2 .   ? -19.284 -10.437 -5.506  1.00 33.66 ? 200 ZN  A ZN  1 
HETATM 1351 C  C1  . GOL C 3 .   ? -2.453  -8.004  -2.376  1.00 30.50 ? 201 GOL A C1  1 
HETATM 1352 O  O1  . GOL C 3 .   ? -2.689  -9.222  -1.762  1.00 30.31 ? 201 GOL A O1  1 
HETATM 1353 C  C2  . GOL C 3 .   ? -2.078  -6.904  -1.397  1.00 32.28 ? 201 GOL A C2  1 
HETATM 1354 O  O2  . GOL C 3 .   ? -2.713  -5.735  -1.856  1.00 30.30 ? 201 GOL A O2  1 
HETATM 1355 C  C3  . GOL C 3 .   ? -0.582  -6.682  -1.459  1.00 30.62 ? 201 GOL A C3  1 
HETATM 1356 O  O3  . GOL C 3 .   ? -0.254  -5.821  -0.404  1.00 40.04 ? 201 GOL A O3  1 
HETATM 1357 O  O   . HOH D 4 .   ? -9.200  -2.944  -4.994  1.00 12.08 ? 202 HOH A O   1 
HETATM 1358 O  O   . HOH D 4 .   ? -1.956  7.254   -13.703 1.00 12.85 ? 203 HOH A O   1 
HETATM 1359 O  O   . HOH D 4 .   ? -9.143  -12.085 -5.187  1.00 8.84  ? 204 HOH A O   1 
HETATM 1360 O  O   . HOH D 4 .   ? -6.986  -4.563  -11.341 1.00 12.80 ? 205 HOH A O   1 
HETATM 1361 O  O   . HOH D 4 .   ? -4.566  6.450   -14.003 1.00 12.26 ? 206 HOH A O   1 
HETATM 1362 O  O   . HOH D 4 .   ? 0.789   4.205   -10.479 1.00 10.72 ? 207 HOH A O   1 
HETATM 1363 O  O   . HOH D 4 .   ? -10.506 -1.589  -0.529  1.00 16.73 ? 208 HOH A O   1 
HETATM 1364 O  O   . HOH D 4 .   ? 13.096  3.621   -12.844 1.00 11.29 ? 209 HOH A O   1 
HETATM 1365 O  O   . HOH D 4 .   ? -0.552  13.429  -13.398 1.00 14.53 ? 210 HOH A O   1 
HETATM 1366 O  O   . HOH D 4 .   ? -2.271  2.462   -13.919 1.00 16.28 ? 211 HOH A O   1 
HETATM 1367 O  O   . HOH D 4 .   ? -16.448 -3.963  -6.308  1.00 25.09 ? 212 HOH A O   1 
HETATM 1368 O  O   . HOH D 4 .   ? -1.067  9.458   -14.847 1.00 16.95 ? 213 HOH A O   1 
HETATM 1369 O  O   . HOH D 4 .   ? 19.815  -1.541  -6.211  1.00 11.19 ? 214 HOH A O   1 
HETATM 1370 O  O   . HOH D 4 .   ? -15.795 -5.748  6.546   1.00 14.07 ? 215 HOH A O   1 
HETATM 1371 O  O   . HOH D 4 .   ? -18.087 -5.844  8.022   1.00 12.67 ? 216 HOH A O   1 
HETATM 1372 O  O   . HOH D 4 .   ? -12.687 -2.241  1.819   1.00 21.98 ? 217 HOH A O   1 
HETATM 1373 O  O   . HOH D 4 .   ? -11.178 -6.880  -3.057  1.00 20.55 ? 218 HOH A O   1 
HETATM 1374 O  O   . HOH D 4 .   ? 17.878  -6.078  1.303   1.00 25.66 ? 219 HOH A O   1 
HETATM 1375 O  O   . HOH D 4 .   ? 15.930  2.934   9.595   1.00 11.20 ? 220 HOH A O   1 
HETATM 1376 O  O   . HOH D 4 .   ? -0.980  4.831   -14.466 1.00 25.56 ? 221 HOH A O   1 
HETATM 1377 O  O   . HOH D 4 .   ? -9.684  -2.904  1.485   1.00 27.02 ? 222 HOH A O   1 
HETATM 1378 O  O   . HOH D 4 .   ? -10.524 -0.804  -4.222  1.00 14.81 ? 223 HOH A O   1 
HETATM 1379 O  O   . HOH D 4 .   ? 7.678   9.773   11.677  1.00 14.83 ? 224 HOH A O   1 
HETATM 1380 O  O   . HOH D 4 .   ? 2.615   -7.208  -11.025 0.50 16.76 ? 225 HOH A O   1 
HETATM 1381 O  O   . HOH D 4 .   ? 5.366   7.089   11.077  1.00 21.52 ? 226 HOH A O   1 
HETATM 1382 O  O   . HOH D 4 .   ? 0.842   -8.416  -2.751  1.00 26.83 ? 227 HOH A O   1 
HETATM 1383 O  O   . HOH D 4 .   ? 6.110   -9.260  -8.023  1.00 22.41 ? 228 HOH A O   1 
HETATM 1384 O  O   . HOH D 4 .   ? -5.269  4.511   -15.598 1.00 21.69 ? 229 HOH A O   1 
HETATM 1385 O  O   . HOH D 4 .   ? 9.333   0.299   -13.433 1.00 18.96 ? 230 HOH A O   1 
HETATM 1386 O  O   . HOH D 4 .   ? 1.377   3.902   -13.722 1.00 24.32 ? 231 HOH A O   1 
HETATM 1387 O  O   . HOH D 4 .   ? -0.124  -1.704  -12.613 1.00 27.28 ? 232 HOH A O   1 
HETATM 1388 O  O   . HOH D 4 .   ? 7.188   4.876   -14.677 1.00 21.21 ? 233 HOH A O   1 
HETATM 1389 O  O   . HOH D 4 .   ? -10.076 -8.397  -10.892 1.00 16.42 ? 234 HOH A O   1 
HETATM 1390 O  O   . HOH D 4 .   ? 7.840   18.021  1.139   1.00 21.05 ? 235 HOH A O   1 
HETATM 1391 O  O   . HOH D 4 .   ? 15.274  8.111   -10.764 1.00 23.40 ? 236 HOH A O   1 
HETATM 1392 O  O   . HOH D 4 .   ? -9.234  -2.586  7.481   1.00 22.15 ? 237 HOH A O   1 
HETATM 1393 O  O   . HOH D 4 .   ? -14.761 -15.109 11.446  1.00 18.67 ? 238 HOH A O   1 
HETATM 1394 O  O   . HOH D 4 .   ? -9.512  -7.521  -0.983  1.00 33.45 ? 239 HOH A O   1 
HETATM 1395 O  O   . HOH D 4 .   ? 22.878  6.969   -1.600  1.00 21.82 ? 240 HOH A O   1 
HETATM 1396 O  O   . HOH D 4 .   ? -7.365  6.457   8.057   1.00 19.30 ? 241 HOH A O   1 
HETATM 1397 O  O   . HOH D 4 .   ? -20.504 -4.943  -6.893  1.00 29.24 ? 242 HOH A O   1 
HETATM 1398 O  O   . HOH D 4 .   ? 13.827  0.567   11.992  1.00 20.93 ? 243 HOH A O   1 
HETATM 1399 O  O   . HOH D 4 .   ? -4.989  11.584  2.945   1.00 21.42 ? 244 HOH A O   1 
HETATM 1400 O  O   . HOH D 4 .   ? 7.617   17.744  -4.747  1.00 30.98 ? 245 HOH A O   1 
HETATM 1401 O  O   . HOH D 4 .   ? 11.844  5.051   14.543  1.00 34.44 ? 246 HOH A O   1 
HETATM 1402 O  O   . HOH D 4 .   ? 3.994   -8.830  -9.930  0.50 28.44 ? 247 HOH A O   1 
HETATM 1403 O  O   . HOH D 4 .   ? 8.211   -9.342  -9.241  1.00 31.04 ? 248 HOH A O   1 
HETATM 1404 O  O   . HOH D 4 .   ? 15.914  -3.445  7.574   1.00 11.86 ? 249 HOH A O   1 
HETATM 1405 O  O   . HOH D 4 .   ? -6.552  -1.767  -12.160 1.00 26.67 ? 250 HOH A O   1 
HETATM 1406 O  O   . HOH D 4 .   ? 14.117  6.615   -12.768 1.00 27.76 ? 251 HOH A O   1 
HETATM 1407 O  O   . HOH D 4 .   ? 11.661  5.148   -15.078 1.00 30.33 ? 252 HOH A O   1 
HETATM 1408 O  O   . HOH D 4 .   ? 21.162  3.101   4.737   1.00 23.42 ? 253 HOH A O   1 
HETATM 1409 O  O   . HOH D 4 .   ? 19.618  3.256   -16.538 1.00 25.67 ? 254 HOH A O   1 
HETATM 1410 O  O   . HOH D 4 .   ? 20.385  5.619   -16.078 1.00 36.82 ? 255 HOH A O   1 
HETATM 1411 O  O   . HOH D 4 .   ? 21.599  -2.952  -3.508  1.00 25.41 ? 256 HOH A O   1 
HETATM 1412 O  O   . HOH D 4 .   ? -8.787  -15.044 2.847   1.00 30.71 ? 257 HOH A O   1 
HETATM 1413 O  O   . HOH D 4 .   ? 9.479   4.000   -15.983 1.00 28.69 ? 258 HOH A O   1 
HETATM 1414 O  O   . HOH D 4 .   ? 20.011  -1.164  4.617   1.00 20.55 ? 259 HOH A O   1 
# 
